data_4NA4
#
_entry.id   4NA4
#
_cell.length_a   188.949
_cell.length_b   55.569
_cell.length_c   165.993
_cell.angle_alpha   90.000
_cell.angle_beta   90.000
_cell.angle_gamma   90.000
#
_symmetry.space_group_name_H-M   'P 21 21 2'
#
loop_
_entity.id
_entity.type
_entity.pdbx_description
1 polymer 'Poly(ADP-ribose) glycohydrolase'
2 non-polymer "5'-O-[(S)-{[(S)-{[(2R,3R,4S)-3,4-DIHYDROXYPYRROLIDIN-2-YL]METHOXY}(HYDROXY)PHOSPHORYL]OXY}(HYDROXY)PHOSPHORYL]ADENOSINE"
3 non-polymer 'IODIDE ION'
4 water water
#
_entity_poly.entity_id   1
_entity_poly.type   'polypeptide(L)'
_entity_poly.pdbx_seq_one_letter_code
;GNLPPEKKWLGTPIEE(MSE)RK(MSE)PRCGIHLPSLRPSASHTVTVRVDLLRAGEVPKPFPTHYKDLWDNKHVK
(MSE)PCSEQNLYPVEDENGERTAGSRWELIQTALLNKFTRPQNLKDAILKYNVAYSKKWDFTALVDFWDKVLEEAEAQH
LYQSILPD(MSE)VKIALCLPNICTQPIPLLKQK(MSE)NHSVT(MSE)SQEQIASLLANAFFCTFPRRNAKMKSEYSSY
PDINFNRLFEGRSSRKPEKLKTLFCYFRRVTEKKPTGLVTFTRQSLEDFPEWERCEKPLTRLHVTYEGTIEGNGRG
(MSE)LQVDFANRFVGGGVTGAGLVQEEIRFLINPELIVSRLFTEVLDHNECLIITGTEQYSEYTGYAETYRWARSHEDG
SEKDDWQRRCTEIVAIDALHFRRYLDQFVPEKVRRELNKAYCGFLRPGVPSENLSAVATGNWGCGAFGGDARLKALIQIL
AAAAAERDVVYFTFGDSEL(MSE)RDIYS(MSE)HTFLTERKLDVGKVYKLLLRYYNEECRNCSTPGPDIKLYPFIYHAV
ESSAET
;
_entity_poly.pdbx_strand_id   A,B,C
#
loop_
_chem_comp.id
_chem_comp.type
_chem_comp.name
_chem_comp.formula
A1R non-polymer 5'-O-[(S)-{[(S)-{[(2R,3R,4S)-3,4-DIHYDROXYPYRROLIDIN-2-YL]METHOXY}(HYDROXY)PHOSPHORYL]OXY}(HYDROXY)PHOSPHORYL]ADENOSINE 'C15 H24 N6 O12 P2'
IOD non-polymer 'IODIDE ION' 'I -1'
#
# COMPACT_ATOMS: atom_id res chain seq x y z
N LYS A 7 5.21 25.12 -5.83
CA LYS A 7 4.79 25.95 -4.66
C LYS A 7 3.59 25.31 -3.95
N LYS A 8 3.68 25.18 -2.63
CA LYS A 8 2.74 24.34 -1.85
C LYS A 8 1.50 25.05 -1.32
N TRP A 9 1.41 26.36 -1.58
CA TRP A 9 0.23 27.14 -1.24
C TRP A 9 0.10 28.26 -2.24
N LEU A 10 -1.08 28.85 -2.33
CA LEU A 10 -1.34 29.93 -3.28
C LEU A 10 -2.27 30.97 -2.63
N GLY A 11 -2.13 32.22 -3.07
CA GLY A 11 -3.06 33.29 -2.67
C GLY A 11 -2.48 34.19 -1.59
N THR A 12 -3.35 34.67 -0.72
CA THR A 12 -2.94 35.52 0.39
C THR A 12 -2.01 34.74 1.33
N PRO A 13 -0.94 35.37 1.83
CA PRO A 13 -0.12 34.65 2.80
C PRO A 13 -0.89 34.37 4.09
N ILE A 14 -0.69 33.19 4.66
CA ILE A 14 -1.51 32.70 5.77
C ILE A 14 -1.49 33.61 7.02
N GLU A 15 -0.39 34.34 7.21
CA GLU A 15 -0.22 35.17 8.41
C GLU A 15 -0.91 36.54 8.30
N GLU A 16 -1.41 36.88 7.10
CA GLU A 16 -2.23 38.07 6.91
C GLU A 16 -3.73 37.80 7.18
N MSE A 17 -4.07 36.54 7.47
CA MSE A 17 -5.44 36.16 7.78
C MSE A 17 -5.72 36.35 9.25
O MSE A 17 -4.88 36.06 10.11
CB MSE A 17 -5.67 34.68 7.41
CG MSE A 17 -5.47 34.36 5.94
SE MSE A 17 -6.82 35.21 4.83
CE MSE A 17 -6.60 34.18 3.18
N ARG A 18 -6.92 36.84 9.56
CA ARG A 18 -7.31 37.11 10.95
C ARG A 18 -7.53 35.81 11.73
N LYS A 19 -6.98 35.76 12.93
CA LYS A 19 -7.11 34.61 13.82
C LYS A 19 -7.57 35.07 15.19
N MSE A 20 -8.19 34.14 15.93
CA MSE A 20 -8.58 34.40 17.30
C MSE A 20 -7.43 34.04 18.24
O MSE A 20 -6.60 33.20 17.89
CB MSE A 20 -9.84 33.58 17.67
CG MSE A 20 -11.13 34.17 17.11
SE MSE A 20 -11.66 35.87 17.98
CE MSE A 20 -12.40 35.12 19.64
N PRO A 21 -7.37 34.69 19.41
CA PRO A 21 -8.27 35.71 19.96
C PRO A 21 -7.89 37.15 19.57
N ARG A 22 -7.05 37.30 18.56
CA ARG A 22 -6.42 38.60 18.27
C ARG A 22 -7.40 39.53 17.55
N CYS A 23 -8.18 38.96 16.63
CA CYS A 23 -9.16 39.73 15.87
C CYS A 23 -10.44 40.03 16.68
N GLY A 24 -10.65 39.30 17.78
CA GLY A 24 -11.91 39.36 18.52
C GLY A 24 -12.21 40.64 19.29
N ILE A 25 -13.51 40.88 19.49
CA ILE A 25 -13.99 41.94 20.37
C ILE A 25 -13.93 41.44 21.80
N HIS A 26 -13.66 42.34 22.73
CA HIS A 26 -13.65 42.01 24.15
C HIS A 26 -14.94 41.29 24.55
N LEU A 27 -14.80 40.09 25.12
CA LEU A 27 -15.96 39.27 25.46
C LEU A 27 -16.69 39.85 26.68
N PRO A 28 -18.02 40.05 26.57
CA PRO A 28 -18.76 40.63 27.70
C PRO A 28 -18.96 39.63 28.84
N SER A 29 -19.51 40.10 29.96
CA SER A 29 -19.65 39.29 31.15
C SER A 29 -20.52 38.07 30.88
N LEU A 30 -20.00 36.88 31.23
CA LEU A 30 -20.71 35.62 31.04
C LEU A 30 -21.84 35.50 32.04
N ARG A 31 -23.08 35.65 31.56
CA ARG A 31 -24.26 35.49 32.42
C ARG A 31 -25.37 34.71 31.70
N PRO A 32 -26.18 33.97 32.48
CA PRO A 32 -27.28 33.24 31.87
C PRO A 32 -28.29 34.16 31.18
N SER A 33 -29.17 33.57 30.39
CA SER A 33 -30.11 34.33 29.58
C SER A 33 -31.16 33.37 29.04
N ALA A 34 -32.30 33.91 28.61
CA ALA A 34 -33.33 33.11 27.93
C ALA A 34 -32.74 32.37 26.73
N SER A 35 -31.67 32.90 26.15
CA SER A 35 -30.99 32.26 25.03
C SER A 35 -29.65 31.59 25.40
N HIS A 36 -29.16 31.80 26.62
CA HIS A 36 -27.88 31.22 27.05
C HIS A 36 -27.99 30.54 28.41
N THR A 37 -27.89 29.22 28.40
CA THR A 37 -27.77 28.41 29.61
C THR A 37 -26.31 28.32 30.01
N VAL A 38 -26.02 28.65 31.27
CA VAL A 38 -24.66 28.53 31.82
C VAL A 38 -24.72 27.70 33.09
N THR A 39 -23.89 26.67 33.18
CA THR A 39 -24.05 25.66 34.23
C THR A 39 -22.96 25.70 35.29
N VAL A 40 -22.21 26.79 35.34
CA VAL A 40 -21.15 26.92 36.31
C VAL A 40 -21.30 28.24 37.08
N ARG A 41 -20.64 28.31 38.23
CA ARG A 41 -20.60 29.53 39.02
C ARG A 41 -19.63 30.48 38.34
N VAL A 42 -20.16 31.51 37.71
CA VAL A 42 -19.36 32.50 36.97
C VAL A 42 -18.49 33.32 37.92
N ASP A 43 -19.09 33.80 39.00
CA ASP A 43 -18.35 34.56 40.03
C ASP A 43 -17.07 33.87 40.53
N LEU A 44 -17.08 32.55 40.61
CA LEU A 44 -15.93 31.77 41.09
C LEU A 44 -15.00 31.28 39.97
N LEU A 45 -15.22 31.76 38.74
CA LEU A 45 -14.47 31.30 37.57
C LEU A 45 -13.08 31.95 37.46
N ARG A 46 -12.04 31.15 37.71
CA ARG A 46 -10.65 31.63 37.70
C ARG A 46 -9.80 30.73 36.83
N ALA A 47 -8.72 31.29 36.27
CA ALA A 47 -7.81 30.57 35.39
C ALA A 47 -7.06 29.45 36.11
N GLY A 48 -7.04 28.27 35.50
CA GLY A 48 -6.41 27.09 36.10
C GLY A 48 -7.20 26.48 37.26
N GLU A 49 -8.40 26.98 37.49
CA GLU A 49 -9.24 26.53 38.59
C GLU A 49 -10.41 25.75 38.03
N VAL A 50 -10.63 24.54 38.53
CA VAL A 50 -11.77 23.72 38.10
C VAL A 50 -13.07 24.43 38.48
N PRO A 51 -13.93 24.73 37.47
CA PRO A 51 -15.15 25.49 37.74
C PRO A 51 -16.11 24.80 38.73
N LYS A 52 -16.90 25.63 39.42
CA LYS A 52 -17.91 25.16 40.36
C LYS A 52 -19.25 25.11 39.65
N PRO A 53 -20.09 24.10 39.97
CA PRO A 53 -21.42 23.99 39.38
C PRO A 53 -22.41 25.01 39.92
N PHE A 54 -23.41 25.37 39.12
CA PHE A 54 -24.52 26.19 39.57
C PHE A 54 -25.84 25.57 39.08
N PRO A 55 -26.78 25.27 40.00
CA PRO A 55 -26.74 25.45 41.45
C PRO A 55 -25.76 24.49 42.12
N THR A 56 -25.62 24.60 43.45
CA THR A 56 -24.66 23.77 44.19
C THR A 56 -25.14 22.33 44.34
N HIS A 57 -26.44 22.15 44.51
CA HIS A 57 -27.02 20.82 44.66
C HIS A 57 -27.92 20.44 43.49
N TYR A 58 -27.94 19.15 43.18
CA TYR A 58 -28.67 18.65 42.02
C TYR A 58 -30.11 19.12 41.98
N LYS A 59 -30.48 19.77 40.88
CA LYS A 59 -31.87 20.09 40.56
C LYS A 59 -32.25 19.27 39.34
N ASP A 60 -33.44 18.66 39.37
CA ASP A 60 -33.82 17.68 38.36
C ASP A 60 -35.05 18.11 37.56
N LEU A 61 -34.98 17.95 36.25
CA LEU A 61 -36.16 18.05 35.40
C LEU A 61 -36.26 16.78 34.55
N TRP A 62 -37.48 16.29 34.42
CA TRP A 62 -37.78 15.07 33.68
C TRP A 62 -39.00 15.38 32.82
N ASP A 63 -38.74 16.10 31.73
CA ASP A 63 -39.79 16.60 30.83
C ASP A 63 -39.35 16.45 29.37
N ASN A 64 -40.02 17.15 28.45
CA ASN A 64 -39.68 17.08 27.02
C ASN A 64 -38.87 18.27 26.51
N LYS A 65 -38.33 19.09 27.43
CA LYS A 65 -37.47 20.22 27.07
C LYS A 65 -35.99 20.01 27.43
N HIS A 66 -35.71 19.08 28.34
CA HIS A 66 -34.35 18.91 28.86
C HIS A 66 -33.87 17.48 28.78
N VAL A 67 -32.57 17.29 28.92
CA VAL A 67 -31.99 15.96 28.90
C VAL A 67 -32.48 15.17 30.12
N LYS A 68 -32.94 13.95 29.87
CA LYS A 68 -33.34 13.03 30.93
C LYS A 68 -32.08 12.38 31.48
N MSE A 69 -31.77 12.69 32.73
CA MSE A 69 -30.51 12.29 33.35
C MSE A 69 -30.65 10.92 34.02
O MSE A 69 -31.72 10.60 34.55
CB MSE A 69 -30.09 13.34 34.37
CG MSE A 69 -29.92 14.74 33.78
SE MSE A 69 -28.16 14.95 32.99
CE MSE A 69 -27.13 15.00 34.64
N PRO A 70 -29.56 10.13 34.02
CA PRO A 70 -29.61 8.82 34.67
C PRO A 70 -29.84 8.91 36.18
N CYS A 71 -29.38 10.01 36.79
CA CYS A 71 -29.50 10.18 38.25
C CYS A 71 -30.83 10.77 38.70
N SER A 72 -31.80 10.90 37.79
CA SER A 72 -33.12 11.40 38.17
C SER A 72 -33.89 10.36 38.97
N GLU A 73 -34.61 10.83 39.99
CA GLU A 73 -35.47 9.95 40.78
C GLU A 73 -36.52 9.26 39.90
N GLN A 74 -36.87 9.87 38.78
CA GLN A 74 -37.90 9.33 37.88
C GLN A 74 -37.34 8.34 36.84
N ASN A 75 -36.03 8.12 36.87
CA ASN A 75 -35.40 7.05 36.10
C ASN A 75 -35.62 5.72 36.82
N LEU A 76 -36.66 4.99 36.41
CA LEU A 76 -37.14 3.82 37.14
C LEU A 76 -36.93 2.53 36.35
N TYR A 77 -36.85 1.43 37.10
CA TYR A 77 -36.81 0.08 36.53
C TYR A 77 -37.70 -0.87 37.34
N PRO A 78 -38.24 -1.91 36.69
CA PRO A 78 -39.16 -2.84 37.36
C PRO A 78 -38.44 -3.80 38.32
N VAL A 79 -38.88 -3.81 39.58
CA VAL A 79 -38.35 -4.73 40.59
C VAL A 79 -39.10 -6.06 40.49
N THR A 87 -43.34 -3.17 41.64
CA THR A 87 -42.71 -2.09 42.39
C THR A 87 -41.73 -1.32 41.51
N ALA A 88 -41.62 0.00 41.75
CA ALA A 88 -40.76 0.87 40.96
C ALA A 88 -39.46 1.16 41.70
N GLY A 89 -38.33 0.70 41.15
CA GLY A 89 -37.02 0.89 41.77
C GLY A 89 -36.19 1.98 41.08
N SER A 90 -35.31 2.61 41.84
CA SER A 90 -34.44 3.66 41.29
C SER A 90 -33.30 3.05 40.46
N ARG A 91 -33.34 3.24 39.14
CA ARG A 91 -32.32 2.71 38.24
C ARG A 91 -30.95 3.32 38.53
N TRP A 92 -30.93 4.53 39.07
CA TRP A 92 -29.68 5.17 39.47
C TRP A 92 -28.98 4.36 40.57
N GLU A 93 -29.74 3.89 41.54
CA GLU A 93 -29.18 3.01 42.58
C GLU A 93 -28.68 1.70 41.97
N LEU A 94 -29.37 1.23 40.93
CA LEU A 94 -28.93 0.06 40.18
C LEU A 94 -27.63 0.31 39.41
N ILE A 95 -27.50 1.52 38.85
CA ILE A 95 -26.28 1.91 38.15
C ILE A 95 -25.07 1.97 39.10
N GLN A 96 -25.28 2.56 40.30
CA GLN A 96 -24.21 2.64 41.31
C GLN A 96 -23.78 1.24 41.78
N THR A 97 -24.76 0.39 42.09
CA THR A 97 -24.51 -1.00 42.47
C THR A 97 -23.69 -1.70 41.40
N ALA A 98 -24.12 -1.58 40.15
CA ALA A 98 -23.51 -2.28 39.03
C ALA A 98 -22.03 -1.92 38.85
N LEU A 99 -21.72 -0.63 38.85
CA LEU A 99 -20.37 -0.15 38.48
C LEU A 99 -19.36 -0.09 39.63
N LEU A 100 -19.82 -0.13 40.88
CA LEU A 100 -18.90 -0.12 42.04
C LEU A 100 -18.25 -1.48 42.28
N ASN A 101 -18.64 -2.48 41.49
CA ASN A 101 -17.92 -3.76 41.44
C ASN A 101 -16.56 -3.59 40.76
N LYS A 102 -15.63 -4.47 41.10
CA LYS A 102 -14.30 -4.47 40.50
C LYS A 102 -14.36 -5.06 39.09
N PHE A 103 -13.49 -4.56 38.21
CA PHE A 103 -13.35 -5.10 36.86
C PHE A 103 -12.01 -5.82 36.74
N THR A 104 -12.04 -7.13 36.50
CA THR A 104 -10.84 -7.91 36.22
C THR A 104 -10.75 -8.27 34.73
N ARG A 105 -11.89 -8.66 34.15
CA ARG A 105 -11.96 -9.07 32.75
C ARG A 105 -13.07 -8.31 32.02
N PRO A 106 -13.13 -8.40 30.67
CA PRO A 106 -14.18 -7.75 29.89
C PRO A 106 -15.62 -8.12 30.29
N GLN A 107 -15.85 -9.40 30.55
CA GLN A 107 -17.19 -9.89 30.96
C GLN A 107 -17.80 -9.11 32.12
N ASN A 108 -16.96 -8.70 33.07
CA ASN A 108 -17.41 -8.03 34.29
C ASN A 108 -17.88 -6.60 34.04
N LEU A 109 -17.41 -5.99 32.94
CA LEU A 109 -17.89 -4.68 32.51
C LEU A 109 -19.16 -4.88 31.66
N LYS A 110 -19.15 -5.90 30.81
CA LYS A 110 -20.32 -6.29 30.02
C LYS A 110 -21.51 -6.56 30.95
N ASP A 111 -21.34 -7.52 31.86
CA ASP A 111 -22.40 -7.88 32.81
C ASP A 111 -22.86 -6.69 33.67
N ALA A 112 -21.96 -5.75 33.92
CA ALA A 112 -22.27 -4.56 34.72
C ALA A 112 -23.14 -3.57 33.93
N ILE A 113 -22.77 -3.32 32.68
CA ILE A 113 -23.51 -2.43 31.80
C ILE A 113 -24.90 -3.00 31.46
N LEU A 114 -25.02 -4.32 31.43
CA LEU A 114 -26.29 -4.98 31.12
C LEU A 114 -27.26 -5.01 32.29
N LYS A 115 -26.76 -4.82 33.51
CA LYS A 115 -27.64 -4.80 34.69
C LYS A 115 -28.73 -3.74 34.56
N TYR A 116 -28.37 -2.57 34.05
CA TYR A 116 -29.33 -1.47 33.87
C TYR A 116 -29.74 -1.31 32.40
N ASN A 117 -29.33 -2.25 31.56
CA ASN A 117 -29.78 -2.31 30.16
C ASN A 117 -30.18 -3.74 29.81
N VAL A 118 -31.01 -4.36 30.67
CA VAL A 118 -31.36 -5.78 30.51
C VAL A 118 -32.14 -6.08 29.21
N ALA A 119 -32.86 -5.10 28.69
CA ALA A 119 -33.63 -5.27 27.44
C ALA A 119 -32.72 -5.56 26.24
N TYR A 120 -31.50 -5.06 26.29
CA TYR A 120 -30.52 -5.21 25.20
C TYR A 120 -29.45 -6.25 25.51
N SER A 121 -29.75 -7.15 26.45
CA SER A 121 -28.80 -8.16 26.91
C SER A 121 -28.41 -9.18 25.83
N LYS A 122 -29.18 -9.25 24.75
CA LYS A 122 -28.84 -10.12 23.61
C LYS A 122 -28.91 -9.39 22.25
N LYS A 123 -28.91 -8.05 22.29
CA LYS A 123 -28.79 -7.22 21.10
C LYS A 123 -27.44 -6.49 21.06
N TRP A 124 -26.66 -6.59 22.14
CA TRP A 124 -25.42 -5.82 22.29
C TRP A 124 -24.22 -6.77 22.39
N ASP A 125 -23.34 -6.67 21.39
CA ASP A 125 -22.14 -7.51 21.33
C ASP A 125 -20.94 -6.72 21.83
N PHE A 126 -20.06 -7.38 22.58
CA PHE A 126 -18.87 -6.75 23.17
C PHE A 126 -17.57 -7.39 22.66
N THR A 127 -17.57 -7.80 21.40
CA THR A 127 -16.43 -8.51 20.81
C THR A 127 -15.22 -7.60 20.64
N ALA A 128 -15.46 -6.36 20.22
CA ALA A 128 -14.38 -5.38 20.03
C ALA A 128 -13.69 -5.04 21.36
N LEU A 129 -14.46 -5.00 22.45
CA LEU A 129 -13.90 -4.69 23.77
C LEU A 129 -13.06 -5.84 24.33
N VAL A 130 -13.53 -7.08 24.17
CA VAL A 130 -12.78 -8.24 24.66
C VAL A 130 -11.45 -8.40 23.91
N ASP A 131 -11.46 -8.15 22.61
CA ASP A 131 -10.24 -8.21 21.78
C ASP A 131 -9.24 -7.12 22.20
N PHE A 132 -9.75 -5.92 22.40
CA PHE A 132 -8.94 -4.78 22.85
C PHE A 132 -8.28 -5.05 24.20
N TRP A 133 -9.07 -5.57 25.14
CA TRP A 133 -8.61 -5.88 26.49
C TRP A 133 -7.48 -6.91 26.47
N ASP A 134 -7.74 -8.05 25.81
CA ASP A 134 -6.82 -9.19 25.80
C ASP A 134 -5.73 -9.07 24.74
N LYS A 135 -6.16 -8.94 23.49
CA LYS A 135 -5.29 -9.16 22.33
C LYS A 135 -4.48 -7.92 21.92
N VAL A 136 -5.16 -6.78 21.76
CA VAL A 136 -4.50 -5.57 21.22
C VAL A 136 -3.54 -4.93 22.23
N LEU A 137 -4.01 -4.70 23.46
CA LEU A 137 -3.18 -4.10 24.51
C LEU A 137 -2.26 -5.13 25.15
N GLU A 138 -1.13 -4.66 25.68
CA GLU A 138 -0.24 -5.51 26.48
C GLU A 138 -0.83 -5.72 27.87
N GLU A 139 -0.19 -6.60 28.66
CA GLU A 139 -0.68 -6.92 30.00
C GLU A 139 -0.62 -5.72 30.94
N ALA A 140 0.51 -5.02 30.93
CA ALA A 140 0.68 -3.80 31.73
C ALA A 140 -0.24 -2.66 31.27
N GLU A 141 -0.67 -2.71 30.02
CA GLU A 141 -1.64 -1.74 29.48
C GLU A 141 -3.07 -2.09 29.88
N ALA A 142 -3.41 -3.38 29.85
CA ALA A 142 -4.72 -3.86 30.28
C ALA A 142 -4.88 -3.76 31.80
N GLN A 143 -3.79 -4.04 32.52
CA GLN A 143 -3.78 -3.96 33.99
C GLN A 143 -4.00 -2.52 34.46
N HIS A 144 -3.37 -1.57 33.79
CA HIS A 144 -3.56 -0.14 34.08
C HIS A 144 -4.97 0.32 33.75
N LEU A 145 -5.60 -0.33 32.76
CA LEU A 145 -6.96 0.03 32.33
C LEU A 145 -8.01 -0.24 33.40
N TYR A 146 -7.95 -1.43 34.02
CA TYR A 146 -8.98 -1.81 35.00
C TYR A 146 -8.62 -1.53 36.46
N GLN A 147 -7.34 -1.28 36.76
CA GLN A 147 -6.92 -0.95 38.12
C GLN A 147 -6.84 0.55 38.38
N SER A 148 -6.85 1.37 37.32
CA SER A 148 -6.77 2.83 37.45
C SER A 148 -7.79 3.58 36.60
N ILE A 149 -7.82 3.32 35.30
CA ILE A 149 -8.66 4.09 34.37
C ILE A 149 -10.15 3.81 34.54
N LEU A 150 -10.55 2.53 34.55
CA LEU A 150 -11.98 2.19 34.63
C LEU A 150 -12.60 2.57 35.98
N PRO A 151 -11.91 2.31 37.10
CA PRO A 151 -12.39 2.79 38.40
C PRO A 151 -12.55 4.32 38.45
N ASP A 152 -11.56 5.06 37.96
CA ASP A 152 -11.62 6.53 37.98
C ASP A 152 -12.69 7.10 37.04
N MSE A 153 -13.05 6.33 36.03
CA MSE A 153 -14.19 6.68 35.16
C MSE A 153 -15.52 6.51 35.89
O MSE A 153 -16.44 7.31 35.72
CB MSE A 153 -14.16 5.85 33.87
CG MSE A 153 -13.13 6.35 32.86
SE MSE A 153 -12.93 5.21 31.27
CE MSE A 153 -14.52 5.74 30.28
N VAL A 154 -15.64 5.46 36.71
CA VAL A 154 -16.86 5.22 37.48
C VAL A 154 -17.09 6.33 38.50
N LYS A 155 -16.02 6.74 39.19
CA LYS A 155 -16.09 7.83 40.17
C LYS A 155 -16.67 9.11 39.57
N ILE A 156 -16.15 9.52 38.41
CA ILE A 156 -16.63 10.75 37.76
C ILE A 156 -18.02 10.55 37.16
N ALA A 157 -18.34 9.32 36.77
CA ALA A 157 -19.65 9.00 36.22
C ALA A 157 -20.73 9.09 37.29
N LEU A 158 -20.44 8.50 38.46
CA LEU A 158 -21.39 8.48 39.56
C LEU A 158 -21.48 9.80 40.33
N CYS A 159 -20.54 10.71 40.09
CA CYS A 159 -20.61 12.06 40.65
C CYS A 159 -21.44 13.00 39.77
N LEU A 160 -22.06 12.47 38.73
CA LEU A 160 -22.89 13.30 37.82
C LEU A 160 -23.88 14.18 38.58
N PRO A 161 -24.65 13.61 39.54
CA PRO A 161 -25.54 14.47 40.31
C PRO A 161 -24.83 15.69 40.90
N ASN A 162 -23.64 15.48 41.44
CA ASN A 162 -22.88 16.55 42.10
C ASN A 162 -22.15 17.50 41.15
N ILE A 163 -21.93 17.07 39.91
CA ILE A 163 -21.20 17.86 38.91
C ILE A 163 -22.13 18.58 37.95
N CYS A 164 -23.14 17.86 37.47
CA CYS A 164 -24.17 18.42 36.59
C CYS A 164 -25.43 18.70 37.41
N THR A 165 -25.42 19.83 38.10
CA THR A 165 -26.50 20.17 39.01
C THR A 165 -27.67 20.81 38.27
N GLN A 166 -27.41 21.39 37.10
CA GLN A 166 -28.41 22.14 36.38
C GLN A 166 -28.92 21.36 35.18
N PRO A 167 -30.25 21.31 35.00
CA PRO A 167 -30.84 20.68 33.82
C PRO A 167 -30.21 21.19 32.54
N ILE A 168 -29.91 20.29 31.62
CA ILE A 168 -29.36 20.65 30.34
C ILE A 168 -30.49 20.69 29.36
N PRO A 169 -30.73 21.85 28.72
CA PRO A 169 -31.80 21.96 27.76
C PRO A 169 -31.46 21.30 26.45
N LEU A 170 -32.45 20.66 25.82
CA LEU A 170 -32.28 20.09 24.47
C LEU A 170 -32.24 21.23 23.45
N LEU A 171 -31.31 21.15 22.51
CA LEU A 171 -31.20 22.16 21.46
C LEU A 171 -32.02 21.70 20.26
N LYS A 172 -33.27 22.14 20.23
CA LYS A 172 -34.24 21.64 19.26
C LYS A 172 -34.16 22.40 17.96
N GLN A 173 -34.72 21.82 16.91
CA GLN A 173 -34.89 22.52 15.64
C GLN A 173 -35.57 23.87 15.86
N LYS A 174 -35.05 24.89 15.18
CA LYS A 174 -35.55 26.28 15.20
C LYS A 174 -35.05 27.11 16.39
N MSE A 175 -34.46 26.47 17.38
CA MSE A 175 -33.93 27.20 18.52
C MSE A 175 -32.61 27.88 18.20
O MSE A 175 -31.72 27.26 17.63
CB MSE A 175 -33.72 26.30 19.73
CG MSE A 175 -35.01 25.95 20.42
SE MSE A 175 -34.68 24.91 22.02
CE MSE A 175 -33.45 26.10 22.95
N ASN A 176 -32.52 29.16 18.54
CA ASN A 176 -31.24 29.86 18.58
C ASN A 176 -30.86 30.00 20.05
N HIS A 177 -29.98 29.13 20.52
CA HIS A 177 -29.70 28.99 21.96
C HIS A 177 -28.29 28.47 22.15
N SER A 178 -27.70 28.79 23.30
CA SER A 178 -26.36 28.33 23.63
C SER A 178 -26.37 27.67 25.00
N VAL A 179 -25.52 26.65 25.16
CA VAL A 179 -25.29 26.06 26.45
C VAL A 179 -23.80 26.08 26.74
N THR A 180 -23.41 26.74 27.83
CA THR A 180 -22.01 26.82 28.21
C THR A 180 -21.80 25.97 29.45
N MSE A 181 -20.83 25.07 29.33
CA MSE A 181 -20.64 23.95 30.22
C MSE A 181 -19.14 23.79 30.47
O MSE A 181 -18.33 24.30 29.72
CB MSE A 181 -21.20 22.74 29.47
CG MSE A 181 -21.19 21.42 30.16
SE MSE A 181 -22.16 20.22 28.98
CE MSE A 181 -23.90 21.06 29.09
N SER A 182 -18.77 23.05 31.52
CA SER A 182 -17.36 22.85 31.84
C SER A 182 -16.87 21.53 31.28
N GLN A 183 -15.56 21.41 31.13
CA GLN A 183 -14.95 20.19 30.63
C GLN A 183 -15.09 19.04 31.61
N GLU A 184 -15.11 19.35 32.91
CA GLU A 184 -15.28 18.32 33.93
C GLU A 184 -16.71 17.78 33.91
N GLN A 185 -17.68 18.68 33.79
CA GLN A 185 -19.09 18.30 33.57
C GLN A 185 -19.24 17.44 32.32
N ILE A 186 -18.56 17.82 31.24
CA ILE A 186 -18.60 17.04 30.00
C ILE A 186 -17.92 15.68 30.23
N ALA A 187 -16.82 15.71 30.98
CA ALA A 187 -16.09 14.49 31.33
C ALA A 187 -17.01 13.49 32.03
N SER A 188 -17.83 13.98 32.95
CA SER A 188 -18.78 13.15 33.68
C SER A 188 -19.84 12.57 32.76
N LEU A 189 -20.43 13.43 31.93
CA LEU A 189 -21.46 13.02 30.99
C LEU A 189 -20.96 11.96 30.01
N LEU A 190 -19.75 12.15 29.50
CA LEU A 190 -19.17 11.20 28.54
C LEU A 190 -18.78 9.91 29.23
N ALA A 191 -18.31 10.00 30.47
CA ALA A 191 -18.08 8.83 31.31
C ALA A 191 -19.37 8.02 31.46
N ASN A 192 -20.49 8.71 31.67
CA ASN A 192 -21.79 8.05 31.75
C ASN A 192 -22.19 7.43 30.43
N ALA A 193 -21.84 8.11 29.34
CA ALA A 193 -22.11 7.62 28.00
C ALA A 193 -21.32 6.34 27.75
N PHE A 194 -20.06 6.34 28.17
CA PHE A 194 -19.20 5.16 28.02
C PHE A 194 -19.85 3.94 28.68
N PHE A 195 -20.48 4.15 29.83
CA PHE A 195 -21.13 3.07 30.58
C PHE A 195 -22.61 2.89 30.21
N CYS A 196 -23.05 3.58 29.16
CA CYS A 196 -24.42 3.45 28.63
C CYS A 196 -25.51 3.66 29.69
N THR A 197 -25.40 4.76 30.44
CA THR A 197 -26.33 5.02 31.53
C THR A 197 -27.52 5.90 31.13
N PHE A 198 -27.43 6.65 30.04
CA PHE A 198 -28.51 7.56 29.66
C PHE A 198 -29.80 6.83 29.29
N PRO A 199 -30.90 7.13 30.02
CA PRO A 199 -32.16 6.43 29.84
C PRO A 199 -32.91 6.85 28.57
N ARG A 200 -33.74 5.96 28.05
CA ARG A 200 -34.61 6.22 26.88
C ARG A 200 -33.87 6.61 25.59
N ARG A 201 -32.60 6.21 25.49
CA ARG A 201 -31.74 6.63 24.39
C ARG A 201 -31.19 5.49 23.54
N ASN A 202 -31.80 4.30 23.65
CA ASN A 202 -31.30 3.11 22.95
C ASN A 202 -32.32 2.42 22.04
N ALA A 203 -33.56 2.90 22.06
CA ALA A 203 -34.65 2.29 21.29
C ALA A 203 -34.51 2.49 19.78
N LYS A 204 -34.99 1.51 19.01
CA LYS A 204 -34.98 1.57 17.55
C LYS A 204 -36.28 2.19 17.05
N MET A 205 -37.40 1.68 17.58
CA MET A 205 -38.73 2.19 17.23
C MET A 205 -39.01 3.50 18.00
N LYS A 206 -38.11 3.83 18.91
CA LYS A 206 -38.03 5.12 19.62
C LYS A 206 -38.86 6.27 19.05
N SER A 207 -39.50 7.01 19.95
CA SER A 207 -40.37 8.12 19.57
C SER A 207 -39.76 9.45 19.94
N GLU A 208 -39.38 9.60 21.22
CA GLU A 208 -38.99 10.91 21.73
C GLU A 208 -37.66 11.38 21.17
N TYR A 209 -36.63 10.52 21.25
CA TYR A 209 -35.27 10.88 20.83
C TYR A 209 -34.88 10.30 19.47
N SER A 210 -35.85 9.96 18.62
CA SER A 210 -35.55 9.46 17.26
C SER A 210 -34.90 10.53 16.36
N SER A 211 -35.18 11.80 16.66
CA SER A 211 -34.58 12.90 15.92
C SER A 211 -33.29 13.41 16.60
N TYR A 212 -32.78 12.70 17.61
CA TYR A 212 -31.45 12.99 18.18
C TYR A 212 -30.50 11.86 17.85
N PRO A 213 -29.19 12.15 17.80
CA PRO A 213 -28.23 11.07 17.56
C PRO A 213 -28.11 10.15 18.77
N ASP A 214 -27.48 9.01 18.56
CA ASP A 214 -27.21 8.07 19.64
C ASP A 214 -26.20 8.75 20.55
N ILE A 215 -26.31 8.49 21.85
CA ILE A 215 -25.36 9.04 22.82
C ILE A 215 -24.60 7.93 23.55
N ASN A 216 -25.29 6.85 23.92
CA ASN A 216 -24.64 5.73 24.62
C ASN A 216 -23.62 5.03 23.72
N PHE A 217 -22.53 4.57 24.32
CA PHE A 217 -21.37 4.08 23.57
C PHE A 217 -21.44 2.63 23.11
N ASN A 218 -22.53 1.92 23.41
CA ASN A 218 -22.62 0.46 23.18
C ASN A 218 -22.04 -0.08 21.86
N ARG A 219 -22.21 0.66 20.77
CA ARG A 219 -21.73 0.20 19.47
C ARG A 219 -20.21 0.27 19.34
N LEU A 220 -19.54 0.94 20.27
CA LEU A 220 -18.08 1.00 20.29
C LEU A 220 -17.43 -0.36 20.64
N PHE A 221 -18.22 -1.26 21.23
CA PHE A 221 -17.73 -2.57 21.63
C PHE A 221 -18.16 -3.68 20.65
N GLU A 222 -19.04 -3.35 19.70
CA GLU A 222 -19.57 -4.34 18.74
C GLU A 222 -18.64 -4.52 17.55
N GLY A 223 -19.02 -5.45 16.66
CA GLY A 223 -18.32 -5.66 15.40
C GLY A 223 -16.99 -6.36 15.53
N ARG A 224 -16.38 -6.63 14.39
CA ARG A 224 -15.03 -7.19 14.35
C ARG A 224 -14.16 -6.29 13.48
N SER A 225 -14.52 -5.01 13.41
CA SER A 225 -13.72 -4.03 12.66
C SER A 225 -12.37 -3.88 13.33
N SER A 226 -11.31 -3.83 12.54
CA SER A 226 -9.95 -3.66 13.07
C SER A 226 -9.65 -2.22 13.48
N ARG A 227 -10.60 -1.31 13.26
CA ARG A 227 -10.45 0.09 13.71
C ARG A 227 -11.14 0.38 15.05
N LYS A 228 -11.93 -0.56 15.58
CA LYS A 228 -12.58 -0.36 16.88
C LYS A 228 -11.57 -0.12 18.00
N PRO A 229 -10.48 -0.91 18.05
CA PRO A 229 -9.43 -0.67 19.06
C PRO A 229 -8.82 0.74 19.02
N GLU A 230 -8.65 1.31 17.83
CA GLU A 230 -8.04 2.63 17.70
C GLU A 230 -9.00 3.72 18.19
N LYS A 231 -10.30 3.48 18.06
CA LYS A 231 -11.29 4.36 18.67
C LYS A 231 -11.20 4.29 20.20
N LEU A 232 -11.14 3.08 20.74
CA LEU A 232 -11.00 2.89 22.18
C LEU A 232 -9.74 3.56 22.71
N LYS A 233 -8.61 3.34 22.04
CA LYS A 233 -7.34 3.96 22.42
C LYS A 233 -7.46 5.48 22.47
N THR A 234 -8.07 6.06 21.44
CA THR A 234 -8.28 7.51 21.37
C THR A 234 -9.14 8.01 22.52
N LEU A 235 -10.21 7.28 22.84
CA LEU A 235 -11.12 7.66 23.92
C LEU A 235 -10.51 7.40 25.30
N PHE A 236 -9.80 6.28 25.44
CA PHE A 236 -9.12 5.99 26.70
C PHE A 236 -7.91 6.92 26.93
N CYS A 237 -7.38 7.50 25.85
CA CYS A 237 -6.35 8.54 25.97
C CYS A 237 -6.97 9.81 26.57
N TYR A 238 -8.15 10.18 26.07
CA TYR A 238 -8.94 11.28 26.63
C TYR A 238 -9.38 11.03 28.08
N PHE A 239 -9.95 9.86 28.34
CA PHE A 239 -10.41 9.49 29.69
C PHE A 239 -9.26 9.46 30.70
N ARG A 240 -8.16 8.82 30.33
CA ARG A 240 -6.96 8.79 31.15
C ARG A 240 -6.53 10.21 31.54
N ARG A 241 -6.49 11.11 30.56
CA ARG A 241 -6.08 12.50 30.79
C ARG A 241 -6.94 13.24 31.81
N VAL A 242 -8.25 13.29 31.57
CA VAL A 242 -9.16 14.07 32.42
C VAL A 242 -9.32 13.46 33.80
N THR A 243 -9.18 12.14 33.89
CA THR A 243 -9.12 11.42 35.16
C THR A 243 -7.93 11.85 36.01
N GLU A 244 -6.73 11.82 35.43
CA GLU A 244 -5.50 12.17 36.16
C GLU A 244 -5.51 13.63 36.60
N LYS A 245 -5.71 14.52 35.64
CA LYS A 245 -5.73 15.95 35.89
C LYS A 245 -7.05 16.51 35.36
N LYS A 246 -7.90 16.98 36.27
CA LYS A 246 -9.21 17.49 35.90
C LYS A 246 -9.08 18.76 35.07
N PRO A 247 -9.79 18.83 33.92
CA PRO A 247 -9.69 20.00 33.06
C PRO A 247 -10.41 21.21 33.66
N THR A 248 -9.94 22.40 33.34
CA THR A 248 -10.40 23.62 34.00
C THR A 248 -11.18 24.56 33.08
N GLY A 249 -11.40 24.15 31.83
CA GLY A 249 -12.01 25.03 30.84
C GLY A 249 -13.51 24.90 30.69
N LEU A 250 -14.07 25.84 29.92
CA LEU A 250 -15.47 25.84 29.54
C LEU A 250 -15.61 25.59 28.05
N VAL A 251 -16.75 25.03 27.66
CA VAL A 251 -17.06 24.74 26.27
C VAL A 251 -18.47 25.21 25.97
N THR A 252 -18.64 26.05 24.95
CA THR A 252 -19.96 26.52 24.56
C THR A 252 -20.44 25.77 23.33
N PHE A 253 -21.70 25.33 23.37
CA PHE A 253 -22.36 24.72 22.23
C PHE A 253 -23.52 25.63 21.85
N THR A 254 -23.56 26.04 20.59
CA THR A 254 -24.56 27.00 20.13
C THR A 254 -25.25 26.46 18.89
N ARG A 255 -26.59 26.52 18.87
CA ARG A 255 -27.36 26.11 17.72
C ARG A 255 -27.78 27.38 17.00
N GLN A 256 -27.38 27.51 15.74
CA GLN A 256 -27.75 28.67 14.95
C GLN A 256 -28.71 28.23 13.84
N SER A 257 -29.78 29.01 13.71
CA SER A 257 -30.90 28.69 12.84
C SER A 257 -31.37 30.02 12.26
N LEU A 258 -31.02 30.27 10.99
CA LEU A 258 -31.36 31.51 10.30
C LEU A 258 -32.64 31.38 9.50
N GLU A 259 -33.33 32.51 9.34
CA GLU A 259 -34.56 32.59 8.55
C GLU A 259 -34.38 33.43 7.29
N ASP A 260 -33.54 34.46 7.35
CA ASP A 260 -33.33 35.36 6.22
C ASP A 260 -31.94 35.14 5.61
N PHE A 261 -31.92 34.52 4.43
CA PHE A 261 -30.69 34.30 3.70
C PHE A 261 -30.55 35.32 2.58
N PRO A 262 -29.32 35.48 2.04
CA PRO A 262 -29.12 36.39 0.91
C PRO A 262 -30.07 36.11 -0.26
N GLU A 263 -30.36 37.15 -1.02
CA GLU A 263 -31.00 37.01 -2.30
C GLU A 263 -29.83 36.92 -3.27
N TRP A 264 -29.34 35.69 -3.43
CA TRP A 264 -28.01 35.47 -4.01
C TRP A 264 -27.83 36.12 -5.38
N GLU A 265 -28.90 36.14 -6.18
CA GLU A 265 -28.86 36.65 -7.56
C GLU A 265 -28.55 38.14 -7.66
N ARG A 266 -28.85 38.90 -6.61
CA ARG A 266 -28.56 40.33 -6.61
C ARG A 266 -27.60 40.77 -5.49
N CYS A 267 -26.87 39.82 -4.91
CA CYS A 267 -25.88 40.13 -3.90
C CYS A 267 -24.69 40.86 -4.53
N GLU A 268 -24.46 42.11 -4.12
CA GLU A 268 -23.40 42.94 -4.69
C GLU A 268 -22.07 42.85 -3.95
N LYS A 269 -22.01 42.01 -2.92
CA LYS A 269 -20.81 41.88 -2.11
C LYS A 269 -19.65 41.31 -2.93
N PRO A 270 -18.44 41.86 -2.74
CA PRO A 270 -17.30 41.33 -3.48
C PRO A 270 -16.77 40.04 -2.86
N LEU A 271 -16.05 39.25 -3.64
CA LEU A 271 -15.27 38.14 -3.11
C LEU A 271 -14.27 38.66 -2.08
N THR A 272 -13.82 37.75 -1.22
CA THR A 272 -12.85 38.05 -0.19
C THR A 272 -11.57 37.26 -0.47
N ARG A 273 -10.62 37.30 0.45
CA ARG A 273 -9.29 36.72 0.22
C ARG A 273 -9.31 35.20 0.35
N LEU A 274 -8.39 34.56 -0.36
CA LEU A 274 -8.22 33.12 -0.38
C LEU A 274 -6.76 32.77 -0.11
N HIS A 275 -6.55 31.80 0.75
CA HIS A 275 -5.28 31.08 0.84
C HIS A 275 -5.69 29.62 0.67
N VAL A 276 -5.06 28.94 -0.27
CA VAL A 276 -5.41 27.54 -0.53
C VAL A 276 -4.13 26.72 -0.68
N THR A 277 -4.11 25.56 -0.04
CA THR A 277 -2.91 24.72 -0.04
C THR A 277 -3.32 23.26 -0.05
N TYR A 278 -2.45 22.40 -0.57
CA TYR A 278 -2.70 20.96 -0.60
C TYR A 278 -2.02 20.24 0.56
N GLU A 279 -1.19 20.97 1.31
CA GLU A 279 -0.53 20.45 2.50
C GLU A 279 -1.27 20.89 3.77
N GLY A 280 -1.25 20.03 4.80
CA GLY A 280 -1.86 20.36 6.09
C GLY A 280 -3.34 20.05 6.18
N THR A 281 -3.89 20.20 7.38
CA THR A 281 -5.28 19.84 7.68
C THR A 281 -6.00 20.98 8.39
N ILE A 282 -7.33 20.89 8.45
CA ILE A 282 -8.13 21.90 9.12
C ILE A 282 -7.71 22.03 10.60
N GLU A 283 -7.60 20.90 11.30
CA GLU A 283 -7.24 20.90 12.73
C GLU A 283 -5.77 21.22 12.99
N GLY A 284 -4.89 20.75 12.12
CA GLY A 284 -3.46 20.93 12.30
C GLY A 284 -2.97 22.33 11.97
N ASN A 285 -3.64 22.97 11.00
CA ASN A 285 -3.17 24.25 10.47
C ASN A 285 -4.21 25.38 10.42
N GLY A 286 -5.36 25.20 11.08
CA GLY A 286 -6.40 26.23 11.12
C GLY A 286 -6.63 26.79 12.50
N ARG A 287 -5.56 26.87 13.30
CA ARG A 287 -5.63 27.32 14.69
C ARG A 287 -6.03 28.81 14.79
N GLY A 288 -7.11 29.08 15.52
CA GLY A 288 -7.62 30.44 15.68
C GLY A 288 -8.58 30.84 14.58
N MSE A 289 -8.92 29.87 13.73
CA MSE A 289 -9.84 30.09 12.65
C MSE A 289 -11.06 29.21 12.89
O MSE A 289 -11.01 28.27 13.66
CB MSE A 289 -9.15 29.76 11.33
CG MSE A 289 -7.89 30.58 11.08
SE MSE A 289 -6.96 30.16 9.42
CE MSE A 289 -8.52 29.58 8.42
N LEU A 290 -12.15 29.58 12.24
CA LEU A 290 -13.38 28.80 12.28
C LEU A 290 -13.15 27.50 11.49
N GLN A 291 -13.01 26.38 12.19
CA GLN A 291 -12.73 25.08 11.56
C GLN A 291 -14.00 24.32 11.25
N VAL A 292 -14.22 23.98 9.99
CA VAL A 292 -15.45 23.28 9.60
C VAL A 292 -15.37 21.81 9.96
N ASP A 293 -16.47 21.27 10.47
CA ASP A 293 -16.68 19.83 10.61
C ASP A 293 -17.68 19.38 9.53
N PHE A 294 -17.27 18.42 8.71
CA PHE A 294 -18.10 17.95 7.59
C PHE A 294 -19.14 16.98 8.14
N ALA A 295 -20.21 17.55 8.68
CA ALA A 295 -21.08 16.81 9.58
C ALA A 295 -22.14 16.01 8.87
N ASN A 296 -22.75 15.12 9.64
CA ASN A 296 -24.05 14.56 9.31
C ASN A 296 -25.05 15.47 9.99
N ARG A 297 -26.26 15.55 9.47
CA ARG A 297 -27.30 16.36 10.10
C ARG A 297 -27.60 15.87 11.52
N PHE A 298 -27.44 14.56 11.76
CA PHE A 298 -27.29 14.03 13.11
C PHE A 298 -25.83 14.25 13.49
N VAL A 299 -25.55 15.29 14.27
CA VAL A 299 -24.17 15.66 14.54
C VAL A 299 -23.32 14.50 15.09
N GLY A 300 -22.05 14.46 14.70
CA GLY A 300 -21.11 13.45 15.16
C GLY A 300 -21.03 12.22 14.25
N GLY A 301 -22.04 12.04 13.41
CA GLY A 301 -22.03 10.96 12.42
C GLY A 301 -22.24 9.61 13.07
N GLY A 302 -21.41 8.65 12.67
CA GLY A 302 -21.30 7.36 13.33
C GLY A 302 -20.01 7.25 14.12
N VAL A 303 -19.72 8.27 14.94
CA VAL A 303 -18.55 8.24 15.82
C VAL A 303 -18.71 7.16 16.88
N THR A 304 -19.94 7.01 17.38
CA THR A 304 -20.29 6.01 18.37
C THR A 304 -20.86 4.81 17.64
N GLY A 305 -20.04 4.21 16.76
CA GLY A 305 -20.46 3.10 15.91
C GLY A 305 -19.46 2.88 14.79
N ALA A 306 -19.96 2.64 13.58
CA ALA A 306 -19.08 2.52 12.40
C ALA A 306 -19.06 3.85 11.67
N GLY A 307 -17.91 4.19 11.09
CA GLY A 307 -17.68 5.49 10.49
C GLY A 307 -16.44 6.11 11.10
N LEU A 308 -15.48 6.48 10.27
CA LEU A 308 -14.18 6.97 10.73
C LEU A 308 -13.57 7.96 9.73
N VAL A 309 -14.38 8.90 9.27
CA VAL A 309 -13.93 9.93 8.31
C VAL A 309 -13.90 11.30 9.01
N GLN A 310 -13.92 12.39 8.24
CA GLN A 310 -13.53 13.70 8.79
C GLN A 310 -14.23 14.05 10.11
N GLU A 311 -15.54 13.93 10.15
CA GLU A 311 -16.27 14.27 11.38
C GLU A 311 -15.89 13.37 12.55
N GLU A 312 -15.98 12.06 12.34
CA GLU A 312 -15.73 11.12 13.44
C GLU A 312 -14.34 11.33 14.02
N ILE A 313 -13.33 11.39 13.15
CA ILE A 313 -11.97 11.64 13.59
C ILE A 313 -11.88 12.88 14.48
N ARG A 314 -12.48 13.98 14.03
CA ARG A 314 -12.49 15.20 14.83
C ARG A 314 -13.20 14.96 16.16
N PHE A 315 -14.32 14.25 16.12
CA PHE A 315 -15.08 13.94 17.32
C PHE A 315 -14.27 13.05 18.29
N LEU A 316 -13.39 12.21 17.76
CA LEU A 316 -12.54 11.36 18.60
C LEU A 316 -11.31 12.08 19.17
N ILE A 317 -10.68 12.97 18.40
CA ILE A 317 -9.50 13.68 18.90
C ILE A 317 -9.86 14.91 19.74
N ASN A 318 -11.06 15.43 19.54
CA ASN A 318 -11.68 16.40 20.45
C ASN A 318 -12.98 15.77 20.99
N PRO A 319 -12.87 14.78 21.88
CA PRO A 319 -14.07 14.02 22.29
C PRO A 319 -15.15 14.82 23.03
N GLU A 320 -14.82 16.00 23.53
CA GLU A 320 -15.80 16.85 24.17
C GLU A 320 -16.89 17.35 23.18
N LEU A 321 -16.66 17.16 21.88
CA LEU A 321 -17.71 17.33 20.87
C LEU A 321 -18.77 16.24 20.94
N ILE A 322 -18.38 15.04 21.37
CA ILE A 322 -19.27 13.89 21.38
C ILE A 322 -20.53 14.17 22.22
N VAL A 323 -20.40 14.95 23.28
CA VAL A 323 -21.51 15.21 24.18
C VAL A 323 -22.65 16.01 23.55
N SER A 324 -22.36 16.75 22.48
CA SER A 324 -23.39 17.47 21.74
C SER A 324 -24.49 16.53 21.28
N ARG A 325 -24.14 15.28 21.04
CA ARG A 325 -25.14 14.28 20.63
C ARG A 325 -26.23 14.06 21.69
N LEU A 326 -25.91 14.36 22.95
CA LEU A 326 -26.87 14.24 24.05
C LEU A 326 -28.01 15.25 23.96
N PHE A 327 -27.79 16.44 23.39
CA PHE A 327 -28.82 17.47 23.40
C PHE A 327 -29.14 18.11 22.05
N THR A 328 -28.48 17.69 20.98
CA THR A 328 -28.65 18.40 19.70
C THR A 328 -29.54 17.67 18.72
N GLU A 329 -30.76 18.16 18.56
CA GLU A 329 -31.69 17.61 17.57
C GLU A 329 -31.09 17.71 16.16
N VAL A 330 -31.53 16.79 15.29
CA VAL A 330 -31.13 16.74 13.89
C VAL A 330 -31.21 18.13 13.22
N LEU A 331 -30.16 18.47 12.49
CA LEU A 331 -30.07 19.79 11.86
C LEU A 331 -30.95 19.87 10.62
N ASP A 332 -31.80 20.88 10.56
CA ASP A 332 -32.57 21.21 9.37
C ASP A 332 -31.68 22.01 8.41
N HIS A 333 -32.13 22.17 7.17
CA HIS A 333 -31.35 22.82 6.10
C HIS A 333 -30.79 24.20 6.47
N ASN A 334 -31.48 24.91 7.36
CA ASN A 334 -31.10 26.27 7.69
C ASN A 334 -30.35 26.41 9.03
N GLU A 335 -29.64 25.36 9.44
CA GLU A 335 -29.05 25.26 10.77
C GLU A 335 -27.62 24.71 10.82
N CYS A 336 -26.90 25.07 11.87
CA CYS A 336 -25.59 24.50 12.18
C CYS A 336 -25.36 24.50 13.69
N LEU A 337 -24.32 23.81 14.13
CA LEU A 337 -23.93 23.74 15.54
C LEU A 337 -22.51 24.26 15.67
N ILE A 338 -22.35 25.34 16.44
CA ILE A 338 -21.06 25.97 16.63
C ILE A 338 -20.56 25.59 18.01
N ILE A 339 -19.43 24.89 18.07
CA ILE A 339 -18.84 24.46 19.34
C ILE A 339 -17.53 25.19 19.58
N THR A 340 -17.46 25.96 20.66
CA THR A 340 -16.26 26.74 20.98
C THR A 340 -15.74 26.33 22.33
N GLY A 341 -14.47 25.93 22.37
CA GLY A 341 -13.78 25.64 23.62
C GLY A 341 -13.19 24.25 23.76
N THR A 342 -13.52 23.33 22.86
CA THR A 342 -13.08 21.94 23.02
C THR A 342 -11.57 21.83 22.83
N GLU A 343 -10.97 20.91 23.60
CA GLU A 343 -9.55 20.70 23.57
C GLU A 343 -9.25 19.47 22.75
N GLN A 344 -8.16 19.51 21.98
CA GLN A 344 -7.67 18.34 21.28
C GLN A 344 -6.84 17.50 22.24
N TYR A 345 -7.16 16.22 22.37
CA TYR A 345 -6.48 15.32 23.32
C TYR A 345 -5.53 14.29 22.67
N SER A 346 -5.83 13.88 21.44
CA SER A 346 -5.02 12.87 20.74
C SER A 346 -4.51 13.36 19.38
N GLU A 347 -3.48 12.67 18.89
CA GLU A 347 -3.04 12.80 17.50
C GLU A 347 -3.27 11.47 16.79
N TYR A 348 -3.39 11.52 15.46
CA TYR A 348 -3.67 10.33 14.67
C TYR A 348 -2.82 10.25 13.42
N THR A 349 -2.91 9.11 12.74
CA THR A 349 -2.32 8.92 11.42
C THR A 349 -3.36 8.26 10.51
N GLY A 350 -3.17 8.37 9.20
CA GLY A 350 -4.08 7.76 8.25
C GLY A 350 -5.50 8.31 8.25
N TYR A 351 -6.42 7.53 7.70
CA TYR A 351 -7.79 7.97 7.42
C TYR A 351 -8.65 6.74 7.13
N ALA A 352 -9.89 6.75 7.61
CA ALA A 352 -10.81 5.63 7.41
C ALA A 352 -10.13 4.30 7.76
N GLU A 353 -10.22 3.31 6.87
CA GLU A 353 -9.64 1.98 7.11
C GLU A 353 -8.17 1.95 7.56
N THR A 354 -7.44 3.05 7.35
CA THR A 354 -6.03 3.17 7.78
C THR A 354 -5.84 4.10 8.99
N TYR A 355 -6.93 4.57 9.58
CA TYR A 355 -6.83 5.42 10.76
C TYR A 355 -6.21 4.67 11.94
N ARG A 356 -5.31 5.35 12.65
CA ARG A 356 -4.70 4.83 13.88
C ARG A 356 -4.46 5.97 14.87
N TRP A 357 -4.47 5.64 16.15
CA TRP A 357 -4.15 6.60 17.21
C TRP A 357 -2.63 6.68 17.34
N ALA A 358 -2.09 7.90 17.25
CA ALA A 358 -0.64 8.12 17.27
C ALA A 358 -0.14 8.37 18.70
N ARG A 359 -0.66 9.41 19.34
CA ARG A 359 -0.28 9.73 20.71
C ARG A 359 -1.15 10.84 21.33
N SER A 360 -0.94 11.07 22.62
CA SER A 360 -1.54 12.19 23.33
C SER A 360 -1.07 13.53 22.76
N HIS A 361 -1.92 14.55 22.87
CA HIS A 361 -1.61 15.87 22.35
C HIS A 361 -1.86 16.89 23.44
N GLU A 362 -0.84 17.67 23.78
CA GLU A 362 -1.00 18.77 24.72
C GLU A 362 -1.42 20.02 23.94
N ASP A 363 -2.66 20.44 24.15
CA ASP A 363 -3.23 21.57 23.42
C ASP A 363 -2.67 22.87 23.98
N GLY A 364 -2.00 23.64 23.14
CA GLY A 364 -1.36 24.89 23.57
C GLY A 364 -2.13 26.14 23.17
N SER A 365 -3.41 25.97 22.86
CA SER A 365 -4.28 27.08 22.47
C SER A 365 -4.47 28.09 23.62
N GLU A 366 -4.68 29.35 23.27
CA GLU A 366 -5.01 30.39 24.26
C GLU A 366 -6.48 30.26 24.66
N LYS A 367 -6.82 30.78 25.83
CA LYS A 367 -8.18 30.77 26.32
C LYS A 367 -8.74 32.21 26.36
N ASP A 368 -10.06 32.34 26.21
CA ASP A 368 -10.71 33.66 26.19
C ASP A 368 -11.13 34.12 27.59
N ASP A 369 -11.78 35.27 27.66
CA ASP A 369 -12.21 35.84 28.96
C ASP A 369 -13.20 34.95 29.71
N TRP A 370 -13.86 34.02 28.99
CA TRP A 370 -14.71 33.01 29.60
C TRP A 370 -14.00 31.67 29.80
N GLN A 371 -12.67 31.67 29.81
CA GLN A 371 -11.89 30.45 30.00
C GLN A 371 -12.24 29.32 29.02
N ARG A 372 -12.63 29.67 27.80
CA ARG A 372 -12.74 28.71 26.70
C ARG A 372 -11.47 28.75 25.86
N ARG A 373 -11.01 27.57 25.45
CA ARG A 373 -9.94 27.49 24.46
C ARG A 373 -10.42 28.10 23.13
N CYS A 374 -9.55 28.88 22.49
CA CYS A 374 -9.89 29.55 21.23
C CYS A 374 -9.85 28.55 20.07
N THR A 375 -10.88 27.72 20.03
CA THR A 375 -11.04 26.72 19.00
C THR A 375 -12.51 26.70 18.71
N GLU A 376 -12.89 27.20 17.54
CA GLU A 376 -14.28 27.29 17.14
C GLU A 376 -14.48 26.26 16.05
N ILE A 377 -15.39 25.31 16.28
CA ILE A 377 -15.73 24.33 15.26
C ILE A 377 -17.19 24.49 14.89
N VAL A 378 -17.47 24.50 13.59
CA VAL A 378 -18.86 24.55 13.12
C VAL A 378 -19.22 23.27 12.41
N ALA A 379 -20.36 22.68 12.77
CA ALA A 379 -20.87 21.49 12.10
C ALA A 379 -21.91 21.90 11.08
N ILE A 380 -21.57 21.72 9.81
CA ILE A 380 -22.51 21.94 8.72
C ILE A 380 -22.53 20.69 7.88
N ASP A 381 -23.73 20.14 7.68
CA ASP A 381 -23.95 18.96 6.84
C ASP A 381 -24.18 19.33 5.36
N ALA A 382 -23.29 18.91 4.48
CA ALA A 382 -23.54 19.02 3.04
C ALA A 382 -24.64 18.03 2.69
N LEU A 383 -25.16 18.09 1.47
CA LEU A 383 -26.12 17.09 1.01
C LEU A 383 -25.39 15.85 0.52
N HIS A 384 -25.98 14.69 0.79
CA HIS A 384 -25.48 13.39 0.34
C HIS A 384 -26.12 13.13 -1.00
N PHE A 385 -25.39 13.39 -2.08
CA PHE A 385 -25.95 13.25 -3.43
C PHE A 385 -25.85 11.82 -3.93
N ARG A 386 -26.99 11.28 -4.35
CA ARG A 386 -27.08 9.89 -4.80
C ARG A 386 -26.61 9.73 -6.25
N ARG A 387 -26.48 10.85 -6.96
CA ARG A 387 -25.73 10.86 -8.23
C ARG A 387 -25.11 12.23 -8.55
N TYR A 388 -24.00 12.18 -9.27
CA TYR A 388 -23.09 13.32 -9.46
C TYR A 388 -23.74 14.59 -10.01
N LEU A 389 -24.70 14.43 -10.91
CA LEU A 389 -25.27 15.55 -11.64
C LEU A 389 -26.29 16.35 -10.83
N ASP A 390 -26.84 15.73 -9.79
CA ASP A 390 -27.90 16.34 -8.96
C ASP A 390 -27.47 17.64 -8.28
N GLN A 391 -26.19 17.74 -7.90
CA GLN A 391 -25.69 18.89 -7.16
C GLN A 391 -25.67 20.21 -7.96
N PHE A 392 -25.78 20.11 -9.29
CA PHE A 392 -25.76 21.30 -10.14
C PHE A 392 -27.16 21.90 -10.33
N VAL A 393 -28.19 21.15 -9.99
CA VAL A 393 -29.55 21.69 -9.98
C VAL A 393 -29.57 22.93 -9.07
N PRO A 394 -30.01 24.09 -9.57
CA PRO A 394 -29.93 25.35 -8.81
C PRO A 394 -30.44 25.35 -7.38
N GLU A 395 -31.49 24.61 -7.08
CA GLU A 395 -31.98 24.50 -5.70
C GLU A 395 -31.00 23.77 -4.78
N LYS A 396 -30.29 22.78 -5.31
CA LYS A 396 -29.23 22.12 -4.54
C LYS A 396 -28.05 23.07 -4.31
N VAL A 397 -27.77 23.91 -5.29
CA VAL A 397 -26.72 24.94 -5.13
C VAL A 397 -27.11 25.99 -4.08
N ARG A 398 -28.36 26.43 -4.10
CA ARG A 398 -28.81 27.44 -3.15
C ARG A 398 -28.79 26.92 -1.71
N ARG A 399 -29.16 25.64 -1.55
CA ARG A 399 -29.15 24.94 -0.26
C ARG A 399 -27.76 24.89 0.38
N GLU A 400 -26.75 24.45 -0.39
CA GLU A 400 -25.39 24.31 0.12
C GLU A 400 -24.81 25.68 0.47
N LEU A 401 -25.07 26.68 -0.39
CA LEU A 401 -24.71 28.07 -0.10
C LEU A 401 -25.33 28.48 1.22
N ASN A 402 -26.64 28.26 1.34
CA ASN A 402 -27.36 28.63 2.55
C ASN A 402 -26.84 27.92 3.78
N LYS A 403 -26.47 26.64 3.65
CA LYS A 403 -25.90 25.91 4.76
C LYS A 403 -24.56 26.49 5.20
N ALA A 404 -23.65 26.69 4.24
CA ALA A 404 -22.34 27.27 4.53
C ALA A 404 -22.48 28.67 5.14
N TYR A 405 -23.38 29.46 4.56
CA TYR A 405 -23.60 30.82 5.01
C TYR A 405 -24.02 30.83 6.49
N CYS A 406 -24.94 29.93 6.85
CA CYS A 406 -25.31 29.75 8.25
C CYS A 406 -24.11 29.34 9.10
N GLY A 407 -23.27 28.47 8.56
CA GLY A 407 -22.07 28.05 9.24
C GLY A 407 -21.09 29.19 9.50
N PHE A 408 -21.00 30.15 8.59
CA PHE A 408 -19.97 31.20 8.66
C PHE A 408 -20.43 32.49 9.33
N LEU A 409 -21.68 32.90 9.07
CA LEU A 409 -22.19 34.18 9.55
C LEU A 409 -22.16 34.30 11.07
N ARG A 410 -21.57 35.38 11.58
CA ARG A 410 -21.65 35.72 13.00
C ARG A 410 -22.27 37.10 13.11
N PRO A 411 -23.62 37.15 13.08
CA PRO A 411 -24.26 38.42 13.27
C PRO A 411 -24.09 38.75 14.75
N GLY A 412 -23.88 40.01 15.06
CA GLY A 412 -23.46 40.35 16.42
C GLY A 412 -21.96 40.58 16.53
N VAL A 413 -21.19 40.04 15.59
CA VAL A 413 -19.77 40.36 15.47
C VAL A 413 -19.54 41.11 14.17
N PRO A 414 -18.86 42.29 14.23
CA PRO A 414 -18.46 42.93 12.97
C PRO A 414 -17.48 42.05 12.19
N SER A 415 -17.46 42.20 10.87
CA SER A 415 -16.66 41.32 9.99
C SER A 415 -15.15 41.44 10.19
N GLU A 416 -14.65 42.66 10.42
CA GLU A 416 -13.21 42.86 10.69
C GLU A 416 -12.74 42.23 12.00
N ASN A 417 -13.68 41.76 12.82
CA ASN A 417 -13.34 41.02 14.04
C ASN A 417 -13.57 39.52 13.90
N LEU A 418 -13.78 39.05 12.68
CA LEU A 418 -13.97 37.62 12.42
C LEU A 418 -12.71 37.03 11.82
N SER A 419 -12.37 35.84 12.31
CA SER A 419 -11.24 35.09 11.80
C SER A 419 -11.53 34.58 10.39
N ALA A 420 -10.51 34.08 9.71
CA ALA A 420 -10.72 33.36 8.47
C ALA A 420 -11.40 32.03 8.79
N VAL A 421 -12.01 31.43 7.77
CA VAL A 421 -12.58 30.10 7.88
C VAL A 421 -11.57 29.09 7.35
N ALA A 422 -11.23 28.10 8.17
CA ALA A 422 -10.45 26.95 7.71
C ALA A 422 -11.40 25.86 7.26
N THR A 423 -11.40 25.54 5.97
CA THR A 423 -12.28 24.51 5.44
C THR A 423 -11.59 23.67 4.37
N GLY A 424 -12.35 22.82 3.71
CA GLY A 424 -11.79 21.90 2.72
C GLY A 424 -12.86 21.29 1.82
N ASN A 425 -12.64 20.04 1.42
CA ASN A 425 -13.52 19.36 0.47
C ASN A 425 -14.80 18.88 1.15
N TRP A 426 -15.53 19.85 1.68
CA TRP A 426 -16.83 19.62 2.31
C TRP A 426 -17.80 18.94 1.35
N GLY A 427 -18.31 17.78 1.74
CA GLY A 427 -19.38 17.12 1.01
C GLY A 427 -18.89 16.27 -0.15
N CYS A 428 -17.58 16.24 -0.36
CA CYS A 428 -16.99 15.64 -1.56
C CYS A 428 -16.26 14.32 -1.29
N GLY A 429 -16.48 13.73 -0.13
CA GLY A 429 -15.97 12.39 0.17
C GLY A 429 -17.12 11.40 0.16
N ALA A 430 -17.57 11.00 1.34
CA ALA A 430 -18.74 10.10 1.47
C ALA A 430 -19.99 10.63 0.75
N PHE A 431 -20.15 11.95 0.69
CA PHE A 431 -21.37 12.55 0.15
C PHE A 431 -21.32 12.88 -1.35
N GLY A 432 -20.30 12.40 -2.06
CA GLY A 432 -20.26 12.47 -3.53
C GLY A 432 -20.27 13.84 -4.19
N GLY A 433 -19.99 14.89 -3.45
CA GLY A 433 -19.95 16.23 -4.03
C GLY A 433 -18.73 16.48 -4.89
N ASP A 434 -18.81 17.52 -5.72
CA ASP A 434 -17.71 17.91 -6.58
C ASP A 434 -16.92 19.06 -5.93
N ALA A 435 -15.63 18.85 -5.71
CA ALA A 435 -14.80 19.80 -4.94
C ALA A 435 -14.74 21.20 -5.54
N ARG A 436 -14.67 21.28 -6.87
CA ARG A 436 -14.63 22.56 -7.55
C ARG A 436 -15.95 23.31 -7.36
N LEU A 437 -17.07 22.60 -7.49
CA LEU A 437 -18.35 23.24 -7.23
C LEU A 437 -18.43 23.69 -5.76
N LYS A 438 -18.12 22.77 -4.85
CA LYS A 438 -18.19 23.07 -3.42
C LYS A 438 -17.21 24.14 -2.95
N ALA A 439 -16.04 24.21 -3.57
CA ALA A 439 -15.07 25.25 -3.24
C ALA A 439 -15.67 26.62 -3.53
N LEU A 440 -16.25 26.73 -4.71
CA LEU A 440 -16.82 28.00 -5.16
C LEU A 440 -18.03 28.37 -4.30
N ILE A 441 -18.86 27.38 -3.99
CA ILE A 441 -20.00 27.58 -3.09
C ILE A 441 -19.53 28.19 -1.77
N GLN A 442 -18.47 27.62 -1.20
CA GLN A 442 -17.96 28.09 0.09
C GLN A 442 -17.40 29.50 0.00
N ILE A 443 -16.63 29.74 -1.05
CA ILE A 443 -16.03 31.04 -1.32
C ILE A 443 -17.13 32.11 -1.43
N LEU A 444 -18.21 31.78 -2.13
CA LEU A 444 -19.37 32.66 -2.22
C LEU A 444 -20.07 32.84 -0.86
N ALA A 445 -20.19 31.76 -0.09
CA ALA A 445 -20.80 31.84 1.25
C ALA A 445 -19.99 32.74 2.16
N ALA A 446 -18.68 32.52 2.20
CA ALA A 446 -17.76 33.33 3.00
C ALA A 446 -17.86 34.83 2.62
N ALA A 447 -17.94 35.10 1.32
CA ALA A 447 -18.07 36.49 0.82
C ALA A 447 -19.37 37.17 1.25
N ALA A 448 -20.47 36.42 1.28
CA ALA A 448 -21.74 36.94 1.78
C ALA A 448 -21.64 37.21 3.27
N ALA A 449 -20.95 36.30 3.97
CA ALA A 449 -20.69 36.42 5.39
C ALA A 449 -19.50 37.34 5.69
N GLU A 450 -18.83 37.77 4.62
CA GLU A 450 -17.74 38.76 4.69
C GLU A 450 -16.53 38.25 5.50
N ARG A 451 -16.15 37.00 5.25
CA ARG A 451 -14.97 36.41 5.89
C ARG A 451 -14.02 35.83 4.85
N ASP A 452 -12.75 35.75 5.25
CA ASP A 452 -11.71 35.16 4.39
C ASP A 452 -11.73 33.64 4.50
N VAL A 453 -11.16 32.98 3.50
CA VAL A 453 -11.17 31.52 3.41
C VAL A 453 -9.75 30.95 3.35
N VAL A 454 -9.46 30.00 4.23
CA VAL A 454 -8.27 29.18 4.09
C VAL A 454 -8.77 27.80 3.70
N TYR A 455 -8.29 27.28 2.57
CA TYR A 455 -8.80 26.02 2.02
C TYR A 455 -7.71 24.97 1.96
N PHE A 456 -8.02 23.80 2.51
CA PHE A 456 -7.10 22.67 2.48
C PHE A 456 -7.63 21.64 1.51
N THR A 457 -6.91 21.40 0.42
CA THR A 457 -7.34 20.46 -0.62
C THR A 457 -6.93 19.01 -0.29
N PHE A 458 -6.15 18.85 0.79
CA PHE A 458 -5.90 17.53 1.38
C PHE A 458 -5.13 16.62 0.42
N GLY A 459 -3.94 17.07 0.02
CA GLY A 459 -3.04 16.30 -0.83
C GLY A 459 -3.24 16.45 -2.34
N ASP A 460 -4.18 17.31 -2.76
CA ASP A 460 -4.55 17.48 -4.17
C ASP A 460 -4.04 18.83 -4.72
N SER A 461 -2.98 18.79 -5.51
CA SER A 461 -2.37 20.03 -6.02
C SER A 461 -3.11 20.63 -7.22
N GLU A 462 -3.60 19.79 -8.13
CA GLU A 462 -4.36 20.30 -9.29
C GLU A 462 -5.58 21.07 -8.82
N LEU A 463 -6.24 20.55 -7.79
CA LEU A 463 -7.39 21.21 -7.20
C LEU A 463 -7.02 22.57 -6.62
N MSE A 464 -5.83 22.66 -6.01
CA MSE A 464 -5.36 23.90 -5.44
C MSE A 464 -5.20 24.96 -6.54
O MSE A 464 -5.70 26.10 -6.41
CB MSE A 464 -4.03 23.69 -4.72
CG MSE A 464 -3.41 24.96 -4.12
SE MSE A 464 -1.53 24.73 -3.66
CE MSE A 464 -0.79 24.27 -5.42
N ARG A 465 -4.51 24.57 -7.61
CA ARG A 465 -4.30 25.44 -8.77
C ARG A 465 -5.63 25.93 -9.36
N ASP A 466 -6.55 24.99 -9.56
CA ASP A 466 -7.83 25.30 -10.18
C ASP A 466 -8.66 26.24 -9.30
N ILE A 467 -8.62 26.02 -7.99
CA ILE A 467 -9.36 26.88 -7.07
C ILE A 467 -8.75 28.29 -7.06
N TYR A 468 -7.42 28.37 -7.02
CA TYR A 468 -6.75 29.66 -7.01
C TYR A 468 -7.04 30.42 -8.30
N SER A 469 -6.76 29.79 -9.43
CA SER A 469 -6.95 30.36 -10.74
C SER A 469 -8.36 30.92 -10.90
N MSE A 470 -9.34 30.18 -10.40
CA MSE A 470 -10.74 30.56 -10.52
C MSE A 470 -11.05 31.75 -9.63
O MSE A 470 -11.71 32.70 -10.07
CB MSE A 470 -11.64 29.35 -10.17
CG MSE A 470 -13.12 29.63 -10.26
SE MSE A 470 -13.68 30.51 -11.92
CE MSE A 470 -13.66 28.99 -13.14
N HIS A 471 -10.57 31.71 -8.38
CA HIS A 471 -10.71 32.83 -7.45
C HIS A 471 -10.08 34.09 -8.03
N THR A 472 -8.87 33.94 -8.58
CA THR A 472 -8.13 35.05 -9.15
C THR A 472 -8.87 35.68 -10.33
N PHE A 473 -9.40 34.81 -11.19
CA PHE A 473 -10.13 35.22 -12.38
C PHE A 473 -11.35 36.04 -11.98
N LEU A 474 -12.12 35.54 -11.03
CA LEU A 474 -13.34 36.22 -10.58
C LEU A 474 -13.04 37.53 -9.81
N THR A 475 -11.93 37.55 -9.08
CA THR A 475 -11.52 38.74 -8.32
C THR A 475 -11.07 39.86 -9.26
N GLU A 476 -10.21 39.53 -10.22
CA GLU A 476 -9.62 40.55 -11.08
C GLU A 476 -10.60 41.10 -12.13
N ARG A 477 -11.68 40.37 -12.39
CA ARG A 477 -12.77 40.87 -13.23
C ARG A 477 -13.89 41.52 -12.40
N LYS A 478 -13.68 41.61 -11.09
CA LYS A 478 -14.57 42.34 -10.16
C LYS A 478 -16.02 41.82 -10.13
N LEU A 479 -16.21 40.53 -10.40
CA LEU A 479 -17.54 39.93 -10.40
C LEU A 479 -17.98 39.64 -8.96
N ASP A 480 -19.15 40.15 -8.59
CA ASP A 480 -19.69 39.97 -7.24
C ASP A 480 -20.38 38.60 -7.07
N VAL A 481 -20.85 38.32 -5.85
CA VAL A 481 -21.54 37.08 -5.55
C VAL A 481 -22.70 36.80 -6.52
N GLY A 482 -23.51 37.84 -6.76
CA GLY A 482 -24.69 37.73 -7.63
C GLY A 482 -24.40 37.40 -9.08
N LYS A 483 -23.27 37.86 -9.59
CA LYS A 483 -22.86 37.50 -10.94
C LYS A 483 -22.36 36.05 -11.00
N VAL A 484 -21.57 35.63 -10.02
CA VAL A 484 -21.04 34.25 -9.99
C VAL A 484 -22.16 33.22 -9.76
N TYR A 485 -23.08 33.54 -8.87
CA TYR A 485 -24.27 32.74 -8.65
C TYR A 485 -25.01 32.52 -9.97
N LYS A 486 -25.24 33.61 -10.71
CA LYS A 486 -25.96 33.53 -11.99
C LYS A 486 -25.21 32.70 -13.03
N LEU A 487 -23.88 32.71 -12.99
CA LEU A 487 -23.10 31.81 -13.86
C LEU A 487 -23.37 30.33 -13.53
N LEU A 488 -23.50 30.00 -12.25
CA LEU A 488 -23.76 28.62 -11.82
C LEU A 488 -25.13 28.16 -12.29
N LEU A 489 -26.12 29.06 -12.24
CA LEU A 489 -27.45 28.79 -12.80
C LEU A 489 -27.40 28.68 -14.33
N ARG A 490 -26.50 29.43 -14.94
CA ARG A 490 -26.28 29.34 -16.38
C ARG A 490 -25.65 27.99 -16.74
N TYR A 491 -24.70 27.53 -15.93
CA TYR A 491 -24.04 26.26 -16.18
C TYR A 491 -25.06 25.12 -16.24
N TYR A 492 -25.95 25.06 -15.26
CA TYR A 492 -26.96 24.01 -15.25
C TYR A 492 -27.87 24.07 -16.48
N ASN A 493 -28.43 25.24 -16.75
CA ASN A 493 -29.40 25.38 -17.84
C ASN A 493 -28.78 25.14 -19.21
N GLU A 494 -27.61 25.71 -19.45
CA GLU A 494 -26.99 25.65 -20.77
C GLU A 494 -26.23 24.33 -21.05
N GLU A 495 -25.76 23.65 -20.01
CA GLU A 495 -25.00 22.40 -20.20
C GLU A 495 -25.44 21.16 -19.41
N CYS A 496 -26.23 21.31 -18.35
CA CYS A 496 -26.66 20.14 -17.55
C CYS A 496 -28.09 19.69 -17.80
N ARG A 497 -29.00 20.63 -18.04
CA ARG A 497 -30.42 20.28 -18.15
C ARG A 497 -30.68 19.35 -19.33
N ASN A 498 -30.38 19.83 -20.53
CA ASN A 498 -30.64 19.06 -21.76
C ASN A 498 -29.47 18.14 -22.08
N CYS A 499 -29.14 17.27 -21.12
CA CYS A 499 -27.92 16.49 -21.14
C CYS A 499 -28.22 15.03 -21.49
N SER A 500 -27.41 14.46 -22.38
CA SER A 500 -27.66 13.13 -22.95
C SER A 500 -27.34 12.00 -21.97
N THR A 501 -26.08 11.94 -21.52
CA THR A 501 -25.62 10.95 -20.55
C THR A 501 -25.35 11.65 -19.22
N PRO A 502 -25.17 10.89 -18.12
CA PRO A 502 -24.90 11.50 -16.80
C PRO A 502 -23.88 12.64 -16.77
N GLY A 503 -22.97 12.70 -17.75
CA GLY A 503 -21.98 13.77 -17.85
C GLY A 503 -22.26 14.77 -18.97
N PRO A 504 -22.13 16.08 -18.67
CA PRO A 504 -22.25 17.13 -19.69
C PRO A 504 -20.97 17.30 -20.50
N ASP A 505 -21.04 18.09 -21.56
CA ASP A 505 -19.94 18.20 -22.52
C ASP A 505 -18.78 19.09 -22.04
N ILE A 506 -19.01 19.90 -21.02
CA ILE A 506 -17.97 20.76 -20.45
C ILE A 506 -18.15 20.91 -18.95
N LYS A 507 -17.03 21.04 -18.23
CA LYS A 507 -17.06 21.15 -16.78
C LYS A 507 -17.28 22.60 -16.34
N LEU A 508 -17.53 22.77 -15.05
CA LEU A 508 -17.95 24.04 -14.48
C LEU A 508 -16.92 25.14 -14.71
N TYR A 509 -15.66 24.86 -14.41
CA TYR A 509 -14.64 25.88 -14.44
C TYR A 509 -14.39 26.40 -15.87
N PRO A 510 -14.09 25.50 -16.82
CA PRO A 510 -13.99 25.96 -18.22
C PRO A 510 -15.21 26.74 -18.72
N PHE A 511 -16.42 26.34 -18.31
CA PHE A 511 -17.63 27.05 -18.71
C PHE A 511 -17.60 28.51 -18.23
N ILE A 512 -17.31 28.69 -16.94
CA ILE A 512 -17.20 30.04 -16.37
C ILE A 512 -16.18 30.90 -17.12
N TYR A 513 -14.98 30.38 -17.31
CA TYR A 513 -13.94 31.07 -18.07
C TYR A 513 -14.46 31.51 -19.43
N HIS A 514 -15.05 30.57 -20.16
CA HIS A 514 -15.56 30.83 -21.50
C HIS A 514 -16.71 31.83 -21.50
N ALA A 515 -17.66 31.65 -20.58
CA ALA A 515 -18.87 32.47 -20.55
C ALA A 515 -18.61 33.93 -20.14
N VAL A 516 -17.63 34.14 -19.26
CA VAL A 516 -17.27 35.49 -18.83
C VAL A 516 -16.44 36.22 -19.89
N GLU A 517 -15.55 35.49 -20.56
CA GLU A 517 -14.66 36.08 -21.57
C GLU A 517 -15.37 36.56 -22.83
N SER A 518 -16.50 35.93 -23.16
CA SER A 518 -17.32 36.34 -24.31
C SER A 518 -18.06 37.65 -24.04
N TRP B 9 46.37 -7.81 -4.48
CA TRP B 9 46.74 -6.38 -4.38
C TRP B 9 46.21 -5.62 -5.59
N LEU B 10 45.37 -4.61 -5.34
CA LEU B 10 44.99 -3.63 -6.37
C LEU B 10 44.18 -2.48 -5.75
N GLY B 11 44.50 -1.25 -6.15
CA GLY B 11 43.76 -0.06 -5.70
C GLY B 11 44.53 0.78 -4.68
N THR B 12 43.80 1.30 -3.69
CA THR B 12 44.41 2.11 -2.63
C THR B 12 45.01 1.20 -1.55
N PRO B 13 46.24 1.50 -1.09
CA PRO B 13 46.93 0.71 -0.06
C PRO B 13 46.06 0.41 1.17
N ILE B 14 46.31 -0.74 1.78
CA ILE B 14 45.53 -1.21 2.94
C ILE B 14 45.83 -0.38 4.19
N GLU B 15 47.08 0.07 4.34
CA GLU B 15 47.50 0.84 5.51
C GLU B 15 46.90 2.25 5.55
N GLU B 16 46.54 2.79 4.39
CA GLU B 16 45.96 4.13 4.30
C GLU B 16 44.47 4.18 4.66
N MSE B 17 43.85 3.00 4.83
CA MSE B 17 42.42 2.90 5.11
C MSE B 17 42.12 3.10 6.60
O MSE B 17 42.93 2.73 7.45
CB MSE B 17 41.89 1.54 4.66
CG MSE B 17 42.07 1.29 3.18
SE MSE B 17 40.85 2.33 2.08
CE MSE B 17 39.51 0.95 1.81
N ARG B 18 40.96 3.69 6.89
CA ARG B 18 40.57 3.99 8.26
C ARG B 18 40.29 2.73 9.07
N LYS B 19 41.04 2.56 10.15
CA LYS B 19 40.90 1.43 11.07
C LYS B 19 40.31 1.93 12.38
N MSE B 20 39.50 1.10 13.04
CA MSE B 20 38.61 1.57 14.10
C MSE B 20 39.30 2.17 15.34
O MSE B 20 38.94 3.26 15.77
CB MSE B 20 37.63 0.46 14.53
CG MSE B 20 36.65 0.86 15.62
SE MSE B 20 35.88 2.65 15.39
CE MSE B 20 34.70 2.66 16.96
N PRO B 21 40.29 1.46 15.93
CA PRO B 21 40.92 1.99 17.16
C PRO B 21 41.48 3.41 16.99
N ARG B 22 42.05 3.69 15.82
CA ARG B 22 42.54 5.04 15.49
C ARG B 22 41.38 6.02 15.29
N CYS B 23 40.51 5.72 14.33
CA CYS B 23 39.48 6.68 13.88
C CYS B 23 38.22 6.71 14.74
N GLY B 24 38.13 5.86 15.76
CA GLY B 24 36.95 5.78 16.60
C GLY B 24 36.60 7.09 17.28
N ILE B 25 35.31 7.36 17.43
CA ILE B 25 34.84 8.59 18.09
C ILE B 25 35.02 8.49 19.61
N HIS B 26 34.88 9.62 20.29
CA HIS B 26 34.84 9.61 21.74
C HIS B 26 33.47 9.12 22.16
N LEU B 27 33.43 7.97 22.84
CA LEU B 27 32.17 7.33 23.18
C LEU B 27 31.43 8.11 24.26
N PRO B 28 30.08 8.19 24.16
CA PRO B 28 29.28 8.68 25.28
C PRO B 28 29.37 7.77 26.49
N SER B 29 28.98 8.27 27.66
CA SER B 29 28.99 7.46 28.86
C SER B 29 27.92 6.38 28.75
N LEU B 30 28.35 5.12 28.74
CA LEU B 30 27.43 3.98 28.60
C LEU B 30 26.39 3.99 29.71
N ARG B 31 25.12 4.05 29.32
CA ARG B 31 24.03 3.91 30.28
C ARG B 31 22.77 3.39 29.61
N PRO B 32 21.88 2.75 30.40
CA PRO B 32 20.62 2.23 29.85
C PRO B 32 19.76 3.30 29.19
N SER B 33 18.81 2.86 28.37
CA SER B 33 17.98 3.75 27.60
C SER B 33 16.80 2.99 27.00
N ALA B 34 15.81 3.72 26.54
CA ALA B 34 14.61 3.13 25.94
C ALA B 34 14.93 2.28 24.70
N SER B 35 16.04 2.58 24.03
CA SER B 35 16.48 1.78 22.88
C SER B 35 17.83 1.10 23.11
N HIS B 36 18.23 0.94 24.37
CA HIS B 36 19.49 0.27 24.67
C HIS B 36 19.47 -0.41 26.05
N THR B 37 19.29 -1.73 26.02
CA THR B 37 19.34 -2.56 27.21
C THR B 37 20.79 -2.86 27.56
N VAL B 38 21.16 -2.59 28.82
CA VAL B 38 22.51 -2.85 29.30
C VAL B 38 22.43 -3.71 30.56
N THR B 39 23.13 -4.85 30.55
CA THR B 39 22.99 -5.85 31.60
C THR B 39 24.18 -5.89 32.56
N VAL B 40 24.90 -4.78 32.71
CA VAL B 40 26.05 -4.72 33.60
C VAL B 40 26.09 -3.44 34.40
N ARG B 41 26.87 -3.47 35.48
CA ARG B 41 27.07 -2.29 36.32
C ARG B 41 28.09 -1.38 35.67
N VAL B 42 27.60 -0.34 35.00
CA VAL B 42 28.45 0.61 34.28
C VAL B 42 29.37 1.38 35.23
N ASP B 43 28.83 1.78 36.38
CA ASP B 43 29.61 2.46 37.42
C ASP B 43 30.83 1.66 37.89
N LEU B 44 30.72 0.33 37.90
CA LEU B 44 31.80 -0.55 38.35
C LEU B 44 32.63 -1.14 37.20
N LEU B 45 32.43 -0.65 35.98
CA LEU B 45 33.11 -1.19 34.80
C LEU B 45 34.55 -0.67 34.69
N ARG B 46 35.51 -1.59 34.60
CA ARG B 46 36.92 -1.23 34.48
C ARG B 46 37.75 -2.26 33.72
N ALA B 47 38.88 -1.81 33.18
CA ALA B 47 39.75 -2.64 32.35
C ALA B 47 40.38 -3.78 33.14
N GLY B 48 40.23 -5.00 32.63
CA GLY B 48 40.81 -6.19 33.26
C GLY B 48 39.82 -6.99 34.08
N GLU B 49 39.03 -6.30 34.88
CA GLU B 49 38.13 -6.95 35.83
C GLU B 49 36.84 -7.39 35.14
N VAL B 50 36.35 -8.57 35.49
CA VAL B 50 35.08 -9.08 34.97
C VAL B 50 33.93 -8.18 35.43
N PRO B 51 33.03 -7.79 34.51
CA PRO B 51 31.92 -6.91 34.90
C PRO B 51 30.92 -7.57 35.83
N LYS B 52 30.27 -6.75 36.66
CA LYS B 52 29.21 -7.24 37.55
C LYS B 52 27.86 -7.05 36.88
N PRO B 53 26.96 -8.04 37.01
CA PRO B 53 25.64 -7.94 36.41
C PRO B 53 24.73 -6.97 37.16
N PHE B 54 23.87 -6.29 36.41
CA PHE B 54 22.85 -5.42 36.97
C PHE B 54 21.49 -5.88 36.44
N PRO B 55 20.51 -6.13 37.34
CA PRO B 55 20.56 -5.95 38.79
C PRO B 55 21.32 -7.08 39.48
N THR B 56 21.64 -6.87 40.76
CA THR B 56 22.44 -7.85 41.50
C THR B 56 21.73 -9.18 41.63
N HIS B 57 20.44 -9.15 41.93
CA HIS B 57 19.64 -10.38 42.07
C HIS B 57 18.69 -10.59 40.89
N TYR B 58 18.43 -11.86 40.59
CA TYR B 58 17.66 -12.27 39.42
C TYR B 58 16.27 -11.61 39.35
N LYS B 59 15.94 -11.09 38.17
CA LYS B 59 14.60 -10.59 37.86
C LYS B 59 14.05 -11.36 36.67
N ASP B 60 12.85 -11.92 36.80
CA ASP B 60 12.29 -12.82 35.80
C ASP B 60 11.16 -12.17 35.00
N LEU B 61 11.17 -12.39 33.69
CA LEU B 61 10.05 -12.04 32.82
C LEU B 61 9.75 -13.21 31.89
N TRP B 62 8.47 -13.59 31.83
CA TRP B 62 8.03 -14.74 31.06
C TRP B 62 6.91 -14.30 30.12
N ASP B 63 7.29 -13.60 29.05
CA ASP B 63 6.34 -13.04 28.09
C ASP B 63 6.93 -13.01 26.68
N ASN B 64 6.16 -12.50 25.72
CA ASN B 64 6.57 -12.48 24.31
C ASN B 64 7.40 -11.25 23.91
N LYS B 65 7.81 -10.43 24.87
CA LYS B 65 8.72 -9.31 24.60
C LYS B 65 10.14 -9.56 25.09
N HIS B 66 10.36 -10.66 25.81
CA HIS B 66 11.68 -10.99 26.35
C HIS B 66 11.95 -12.49 26.23
N VAL B 67 13.22 -12.85 26.35
CA VAL B 67 13.62 -14.25 26.23
C VAL B 67 13.04 -15.08 27.36
N LYS B 68 12.62 -16.30 27.05
CA LYS B 68 12.15 -17.23 28.05
C LYS B 68 13.36 -18.00 28.58
N MSE B 69 13.82 -17.61 29.77
CA MSE B 69 15.01 -18.18 30.38
C MSE B 69 14.65 -19.52 31.00
O MSE B 69 13.52 -19.71 31.42
CB MSE B 69 15.55 -17.23 31.45
CG MSE B 69 15.92 -15.84 30.93
SE MSE B 69 17.63 -15.81 30.00
CE MSE B 69 18.78 -16.16 31.55
N PRO B 70 15.61 -20.45 31.07
CA PRO B 70 15.36 -21.76 31.67
C PRO B 70 15.11 -21.70 33.17
N CYS B 71 15.79 -20.77 33.85
CA CYS B 71 15.67 -20.64 35.29
C CYS B 71 14.48 -19.80 35.74
N SER B 72 13.52 -19.60 34.85
CA SER B 72 12.28 -18.91 35.21
C SER B 72 11.47 -19.77 36.18
N GLU B 73 10.68 -19.10 37.03
CA GLU B 73 9.79 -19.78 37.98
C GLU B 73 8.51 -20.24 37.29
N GLN B 74 8.35 -19.88 36.00
CA GLN B 74 7.20 -20.28 35.19
C GLN B 74 7.54 -21.31 34.12
N ASN B 75 8.80 -21.72 34.06
CA ASN B 75 9.24 -22.82 33.20
C ASN B 75 8.86 -24.14 33.89
N LEU B 76 7.82 -24.81 33.40
CA LEU B 76 7.19 -25.94 34.09
C LEU B 76 7.00 -27.17 33.20
N TYR B 77 6.57 -28.27 33.82
CA TYR B 77 6.24 -29.50 33.11
C TYR B 77 4.94 -30.09 33.66
N GLY B 89 5.63 -29.00 38.35
CA GLY B 89 6.89 -28.80 39.05
C GLY B 89 7.80 -27.79 38.35
N SER B 90 8.93 -27.48 38.99
CA SER B 90 9.89 -26.53 38.44
C SER B 90 10.84 -27.21 37.45
N ARG B 91 10.74 -26.84 36.19
CA ARG B 91 11.63 -27.35 35.14
C ARG B 91 13.10 -27.04 35.43
N TRP B 92 13.36 -25.84 35.93
CA TRP B 92 14.71 -25.45 36.32
C TRP B 92 15.28 -26.42 37.35
N GLU B 93 14.42 -26.92 38.24
CA GLU B 93 14.82 -27.92 39.23
C GLU B 93 15.24 -29.21 38.53
N LEU B 94 14.52 -29.59 37.48
CA LEU B 94 14.87 -30.77 36.67
C LEU B 94 16.24 -30.59 36.01
N ILE B 95 16.51 -29.39 35.50
CA ILE B 95 17.77 -29.09 34.84
C ILE B 95 18.94 -29.20 35.84
N GLN B 96 18.69 -28.81 37.08
CA GLN B 96 19.68 -28.95 38.14
C GLN B 96 19.88 -30.42 38.53
N THR B 97 18.77 -31.13 38.75
CA THR B 97 18.82 -32.55 39.11
C THR B 97 19.46 -33.40 38.00
N ALA B 98 19.17 -33.05 36.76
CA ALA B 98 19.69 -33.77 35.61
C ALA B 98 21.19 -33.56 35.43
N LEU B 99 21.60 -32.29 35.34
CA LEU B 99 22.98 -31.95 35.02
C LEU B 99 23.96 -32.21 36.17
N LEU B 100 23.49 -32.15 37.41
CA LEU B 100 24.35 -32.45 38.56
C LEU B 100 24.50 -33.96 38.70
N ASN B 101 25.23 -34.54 37.75
CA ASN B 101 25.49 -35.97 37.69
C ASN B 101 26.84 -36.22 37.04
N LYS B 102 27.53 -37.26 37.48
CA LYS B 102 28.83 -37.63 36.93
C LYS B 102 28.68 -38.09 35.47
N PHE B 103 29.55 -37.58 34.60
CA PHE B 103 29.55 -37.97 33.18
C PHE B 103 30.64 -39.02 32.99
N THR B 104 30.28 -40.18 32.45
CA THR B 104 31.25 -41.25 32.19
C THR B 104 31.24 -41.62 30.70
N ARG B 105 30.08 -42.09 30.23
CA ARG B 105 29.87 -42.42 28.82
C ARG B 105 28.93 -41.35 28.26
N PRO B 106 29.09 -40.98 26.97
CA PRO B 106 28.20 -40.00 26.35
C PRO B 106 26.71 -40.20 26.65
N GLN B 107 26.29 -41.46 26.80
CA GLN B 107 24.90 -41.78 27.15
C GLN B 107 24.45 -41.02 28.39
N ASN B 108 25.33 -40.86 29.37
CA ASN B 108 25.03 -40.10 30.58
C ASN B 108 24.71 -38.63 30.26
N LEU B 109 25.41 -38.06 29.28
CA LEU B 109 25.13 -36.70 28.83
C LEU B 109 23.83 -36.66 28.03
N LYS B 110 23.67 -37.62 27.12
CA LYS B 110 22.43 -37.78 26.36
C LYS B 110 21.24 -37.89 27.30
N ASP B 111 21.30 -38.86 28.20
CA ASP B 111 20.22 -39.10 29.16
C ASP B 111 19.93 -37.84 29.97
N ALA B 112 20.98 -37.30 30.61
CA ALA B 112 20.85 -36.07 31.38
C ALA B 112 20.12 -34.99 30.58
N ILE B 113 20.61 -34.73 29.37
CA ILE B 113 19.99 -33.75 28.47
C ILE B 113 18.53 -34.10 28.15
N LEU B 114 18.24 -35.39 27.96
CA LEU B 114 16.89 -35.84 27.61
C LEU B 114 15.92 -35.88 28.80
N LYS B 115 16.43 -35.71 30.02
CA LYS B 115 15.57 -35.74 31.22
C LYS B 115 14.56 -34.58 31.24
N TYR B 116 14.92 -33.46 30.64
CA TYR B 116 14.06 -32.27 30.57
C TYR B 116 13.70 -31.96 29.12
N ASN B 117 13.80 -32.98 28.27
CA ASN B 117 13.44 -32.92 26.87
C ASN B 117 12.76 -34.23 26.49
N VAL B 118 11.78 -34.61 27.30
CA VAL B 118 11.14 -35.94 27.22
C VAL B 118 10.35 -36.14 25.93
N ALA B 119 9.76 -35.06 25.41
CA ALA B 119 9.08 -35.11 24.12
C ALA B 119 10.03 -35.51 22.99
N TYR B 120 11.26 -34.98 23.05
CA TYR B 120 12.22 -35.14 21.96
C TYR B 120 13.25 -36.26 22.21
N SER B 121 12.88 -37.25 23.03
CA SER B 121 13.78 -38.37 23.33
C SER B 121 13.85 -39.40 22.20
N LYS B 122 12.87 -39.37 21.31
CA LYS B 122 12.80 -40.30 20.19
C LYS B 122 13.07 -39.60 18.85
N LYS B 123 13.35 -38.30 18.88
CA LYS B 123 13.61 -37.50 17.68
C LYS B 123 15.04 -36.94 17.62
N TRP B 124 15.73 -36.94 18.76
CA TRP B 124 17.09 -36.40 18.84
C TRP B 124 18.10 -37.53 18.83
N ASP B 125 19.07 -37.43 17.93
CA ASP B 125 20.13 -38.43 17.80
C ASP B 125 21.45 -37.86 18.32
N PHE B 126 22.25 -38.71 18.96
CA PHE B 126 23.49 -38.29 19.60
C PHE B 126 24.72 -39.06 19.09
N THR B 127 24.61 -39.68 17.91
CA THR B 127 25.70 -40.51 17.39
C THR B 127 26.95 -39.72 17.03
N ALA B 128 26.78 -38.45 16.65
CA ALA B 128 27.92 -37.57 16.39
C ALA B 128 28.70 -37.31 17.67
N LEU B 129 27.96 -37.10 18.76
CA LEU B 129 28.57 -36.86 20.08
C LEU B 129 29.41 -38.06 20.52
N VAL B 130 28.81 -39.25 20.49
CA VAL B 130 29.47 -40.48 20.91
C VAL B 130 30.76 -40.74 20.11
N ASP B 131 30.74 -40.35 18.83
CA ASP B 131 31.91 -40.46 17.97
C ASP B 131 33.03 -39.52 18.43
N PHE B 132 32.68 -38.27 18.70
CA PHE B 132 33.67 -37.27 19.16
C PHE B 132 34.42 -37.73 20.42
N TRP B 133 33.69 -38.27 21.38
CA TRP B 133 34.28 -38.80 22.62
C TRP B 133 35.54 -39.65 22.39
N ASP B 134 35.60 -40.35 21.26
CA ASP B 134 36.75 -41.19 20.92
C ASP B 134 37.75 -40.42 20.06
N ALA B 140 43.22 -39.22 27.30
CA ALA B 140 43.76 -37.94 27.74
C ALA B 140 42.78 -36.81 27.44
N GLU B 141 42.40 -36.69 26.17
CA GLU B 141 41.41 -35.69 25.76
C GLU B 141 40.02 -36.04 26.27
N ALA B 142 39.66 -37.31 26.18
CA ALA B 142 38.34 -37.79 26.61
C ALA B 142 38.11 -37.63 28.10
N GLN B 143 39.12 -37.96 28.91
CA GLN B 143 39.04 -37.82 30.36
C GLN B 143 38.96 -36.35 30.80
N HIS B 144 39.76 -35.50 30.13
CA HIS B 144 39.72 -34.05 30.39
C HIS B 144 38.32 -33.49 30.11
N LEU B 145 37.59 -34.13 29.20
CA LEU B 145 36.26 -33.69 28.82
C LEU B 145 35.25 -33.80 29.96
N TYR B 146 35.22 -34.95 30.64
CA TYR B 146 34.24 -35.20 31.70
C TYR B 146 34.75 -34.99 33.13
N GLN B 147 36.03 -34.64 33.27
CA GLN B 147 36.62 -34.35 34.58
C GLN B 147 36.73 -32.85 34.84
N SER B 148 36.86 -32.06 33.77
CA SER B 148 37.09 -30.61 33.89
C SER B 148 36.12 -29.78 33.04
N ILE B 149 36.12 -30.04 31.73
CA ILE B 149 35.40 -29.20 30.77
C ILE B 149 33.88 -29.21 31.00
N LEU B 150 33.30 -30.40 31.11
CA LEU B 150 31.86 -30.54 31.34
C LEU B 150 31.37 -30.03 32.70
N PRO B 151 32.02 -30.44 33.81
CA PRO B 151 31.57 -29.91 35.10
C PRO B 151 31.71 -28.40 35.23
N ASP B 152 32.77 -27.84 34.64
CA ASP B 152 32.95 -26.37 34.60
C ASP B 152 31.88 -25.72 33.73
N MSE B 153 31.45 -26.44 32.70
CA MSE B 153 30.39 -25.99 31.81
C MSE B 153 29.05 -25.96 32.54
O MSE B 153 28.29 -24.99 32.43
CB MSE B 153 30.30 -26.92 30.60
CG MSE B 153 29.88 -26.25 29.31
SE MSE B 153 30.59 -27.20 27.76
CE MSE B 153 32.49 -27.04 28.16
N VAL B 154 28.77 -27.03 33.27
CA VAL B 154 27.52 -27.15 34.05
C VAL B 154 27.47 -26.09 35.15
N LYS B 155 28.61 -25.71 35.71
CA LYS B 155 28.68 -24.65 36.73
C LYS B 155 28.23 -23.30 36.17
N ILE B 156 28.94 -22.80 35.17
CA ILE B 156 28.61 -21.51 34.56
C ILE B 156 27.23 -21.50 33.90
N ALA B 157 26.76 -22.66 33.48
CA ALA B 157 25.41 -22.82 32.95
C ALA B 157 24.37 -22.71 34.06
N LEU B 158 24.60 -23.41 35.17
CA LEU B 158 23.66 -23.40 36.30
C LEU B 158 23.75 -22.12 37.13
N CYS B 159 24.81 -21.34 36.94
CA CYS B 159 24.92 -20.00 37.53
C CYS B 159 24.17 -18.92 36.73
N LEU B 160 23.46 -19.32 35.68
CA LEU B 160 22.75 -18.38 34.81
C LEU B 160 21.89 -17.39 35.58
N PRO B 161 21.00 -17.86 36.47
CA PRO B 161 20.17 -16.91 37.20
C PRO B 161 20.96 -15.93 38.06
N ASN B 162 22.17 -16.30 38.48
CA ASN B 162 23.04 -15.37 39.21
C ASN B 162 23.88 -14.50 38.27
N ILE B 163 24.02 -14.92 37.01
CA ILE B 163 24.81 -14.15 36.03
C ILE B 163 23.93 -13.29 35.12
N CYS B 164 22.92 -13.89 34.49
CA CYS B 164 21.96 -13.15 33.65
C CYS B 164 20.75 -12.71 34.46
N THR B 165 20.97 -11.73 35.32
CA THR B 165 19.93 -11.26 36.23
C THR B 165 18.82 -10.50 35.52
N GLN B 166 19.18 -9.73 34.49
CA GLN B 166 18.19 -8.90 33.78
C GLN B 166 17.55 -9.63 32.61
N PRO B 167 16.23 -9.44 32.40
CA PRO B 167 15.57 -10.01 31.22
C PRO B 167 16.18 -9.53 29.91
N ILE B 168 16.29 -10.44 28.94
CA ILE B 168 16.87 -10.10 27.65
C ILE B 168 15.74 -9.90 26.64
N PRO B 169 15.57 -8.66 26.15
CA PRO B 169 14.47 -8.40 25.22
C PRO B 169 14.70 -9.07 23.89
N LEU B 170 13.63 -9.49 23.23
CA LEU B 170 13.74 -10.05 21.89
C LEU B 170 13.89 -8.92 20.89
N LEU B 171 14.77 -9.10 19.91
CA LEU B 171 14.95 -8.14 18.83
C LEU B 171 14.04 -8.54 17.67
N LYS B 172 12.80 -8.08 17.75
CA LYS B 172 11.79 -8.39 16.76
C LYS B 172 11.98 -7.57 15.51
N GLN B 173 11.25 -7.93 14.46
CA GLN B 173 11.30 -7.19 13.20
C GLN B 173 10.86 -5.75 13.44
N LYS B 174 11.44 -4.82 12.69
CA LYS B 174 11.11 -3.39 12.78
C LYS B 174 11.65 -2.68 14.03
N MSE B 175 12.25 -3.41 14.96
CA MSE B 175 12.83 -2.79 16.15
C MSE B 175 14.23 -2.28 15.86
O MSE B 175 15.03 -2.95 15.22
CB MSE B 175 12.91 -3.76 17.31
CG MSE B 175 11.59 -4.08 17.96
SE MSE B 175 11.87 -5.12 19.58
CE MSE B 175 12.91 -3.79 20.59
N ASN B 176 14.52 -1.07 16.34
CA ASN B 176 15.85 -0.50 16.30
C ASN B 176 16.35 -0.36 17.74
N HIS B 177 16.96 -1.44 18.21
CA HIS B 177 17.32 -1.59 19.61
C HIS B 177 18.69 -2.27 19.71
N SER B 178 19.37 -2.05 20.82
CA SER B 178 20.68 -2.66 21.06
C SER B 178 20.71 -3.31 22.44
N VAL B 179 21.46 -4.40 22.56
CA VAL B 179 21.65 -5.04 23.85
C VAL B 179 23.13 -5.30 24.13
N THR B 180 23.68 -4.62 25.11
CA THR B 180 25.07 -4.79 25.50
C THR B 180 25.16 -5.64 26.76
N MSE B 181 25.95 -6.71 26.68
CA MSE B 181 26.11 -7.62 27.81
C MSE B 181 27.56 -8.10 27.93
O MSE B 181 28.35 -7.92 27.01
CB MSE B 181 25.18 -8.83 27.68
CG MSE B 181 25.24 -9.54 26.34
SE MSE B 181 23.82 -10.87 26.15
CE MSE B 181 24.60 -12.27 27.26
N SER B 182 27.89 -8.70 29.07
CA SER B 182 29.24 -9.21 29.30
C SER B 182 29.46 -10.46 28.49
N GLN B 183 30.73 -10.74 28.20
CA GLN B 183 31.11 -12.00 27.57
C GLN B 183 30.77 -13.16 28.51
N GLU B 184 30.91 -12.93 29.81
CA GLU B 184 30.58 -13.93 30.83
C GLU B 184 29.12 -14.36 30.76
N GLN B 185 28.21 -13.40 30.65
CA GLN B 185 26.80 -13.68 30.46
C GLN B 185 26.55 -14.47 29.16
N ILE B 186 27.26 -14.10 28.10
CA ILE B 186 27.20 -14.84 26.84
C ILE B 186 27.73 -16.27 27.03
N ALA B 187 28.80 -16.41 27.80
CA ALA B 187 29.35 -17.73 28.11
C ALA B 187 28.32 -18.61 28.80
N SER B 188 27.56 -18.02 29.72
CA SER B 188 26.53 -18.76 30.46
C SER B 188 25.36 -19.15 29.57
N LEU B 189 24.96 -18.26 28.67
CA LEU B 189 23.83 -18.50 27.79
C LEU B 189 24.12 -19.62 26.79
N LEU B 190 25.25 -19.50 26.11
CA LEU B 190 25.70 -20.52 25.15
C LEU B 190 25.90 -21.86 25.86
N ALA B 191 26.37 -21.79 27.10
CA ALA B 191 26.48 -22.95 27.97
C ALA B 191 25.12 -23.63 28.13
N ASN B 192 24.10 -22.86 28.46
CA ASN B 192 22.74 -23.40 28.58
C ASN B 192 22.19 -23.93 27.26
N ALA B 193 22.57 -23.29 26.16
CA ALA B 193 22.19 -23.73 24.83
C ALA B 193 22.86 -25.05 24.47
N PHE B 194 24.07 -25.28 24.99
CA PHE B 194 24.80 -26.52 24.75
C PHE B 194 24.05 -27.73 25.34
N PHE B 195 23.47 -27.55 26.53
CA PHE B 195 22.69 -28.60 27.18
C PHE B 195 21.19 -28.56 26.82
N CYS B 196 20.83 -27.66 25.91
CA CYS B 196 19.46 -27.56 25.38
C CYS B 196 18.44 -27.24 26.47
N THR B 197 18.73 -26.25 27.30
CA THR B 197 17.85 -25.93 28.43
C THR B 197 16.79 -24.89 28.09
N PHE B 198 17.00 -24.11 27.03
CA PHE B 198 16.07 -23.05 26.69
C PHE B 198 14.71 -23.61 26.33
N PRO B 199 13.67 -23.22 27.09
CA PRO B 199 12.33 -23.76 26.89
C PRO B 199 11.64 -23.23 25.64
N ARG B 200 10.81 -24.07 25.03
CA ARG B 200 9.97 -23.68 23.90
C ARG B 200 10.78 -23.24 22.66
N ARG B 201 12.02 -23.74 22.52
CA ARG B 201 12.85 -23.43 21.36
C ARG B 201 13.23 -24.68 20.56
N ASN B 202 12.33 -25.66 20.49
CA ASN B 202 12.63 -26.92 19.80
C ASN B 202 11.52 -27.55 18.95
N ALA B 203 10.30 -27.01 19.02
CA ALA B 203 9.16 -27.54 18.25
C ALA B 203 9.33 -27.31 16.74
N LYS B 204 8.66 -28.16 15.96
CA LYS B 204 8.65 -28.05 14.50
C LYS B 204 7.41 -27.29 14.04
N MET B 205 6.25 -27.68 14.56
CA MET B 205 5.02 -26.92 14.37
C MET B 205 4.94 -25.86 15.47
N LYS B 206 6.01 -25.09 15.60
CA LYS B 206 6.16 -24.10 16.66
C LYS B 206 5.44 -22.82 16.26
N SER B 207 5.04 -22.04 17.26
CA SER B 207 4.26 -20.84 17.03
C SER B 207 5.07 -19.58 17.34
N GLU B 208 5.47 -19.42 18.60
CA GLU B 208 6.10 -18.19 19.05
C GLU B 208 7.50 -17.99 18.48
N TYR B 209 8.32 -19.04 18.51
CA TYR B 209 9.74 -18.92 18.15
C TYR B 209 10.10 -19.54 16.79
N SER B 210 9.11 -19.71 15.92
CA SER B 210 9.34 -20.28 14.60
C SER B 210 10.06 -19.31 13.66
N SER B 211 9.85 -18.00 13.88
CA SER B 211 10.55 -16.97 13.12
C SER B 211 11.87 -16.54 13.78
N TYR B 212 12.36 -17.34 14.72
CA TYR B 212 13.68 -17.16 15.32
C TYR B 212 14.52 -18.39 15.03
N PRO B 213 15.84 -18.22 14.89
CA PRO B 213 16.67 -19.39 14.57
C PRO B 213 16.77 -20.38 15.72
N ASP B 214 17.33 -21.55 15.46
CA ASP B 214 17.58 -22.53 16.51
C ASP B 214 18.61 -21.98 17.46
N ILE B 215 18.37 -22.14 18.76
CA ILE B 215 19.36 -21.78 19.77
C ILE B 215 19.99 -23.04 20.38
N ASN B 216 19.18 -24.05 20.66
CA ASN B 216 19.68 -25.27 21.30
C ASN B 216 20.59 -26.06 20.37
N PHE B 217 21.59 -26.73 20.96
CA PHE B 217 22.67 -27.37 20.22
C PHE B 217 22.38 -28.81 19.80
N ASN B 218 21.14 -29.27 19.96
CA ASN B 218 20.79 -30.67 19.69
C ASN B 218 21.22 -31.21 18.32
N ARG B 219 21.24 -30.34 17.31
CA ARG B 219 21.67 -30.75 15.97
C ARG B 219 23.19 -30.91 15.83
N LEU B 220 23.96 -30.46 16.81
CA LEU B 220 25.41 -30.70 16.81
C LEU B 220 25.77 -32.15 17.17
N PHE B 221 24.80 -32.90 17.69
CA PHE B 221 25.03 -34.28 18.11
C PHE B 221 24.48 -35.33 17.13
N GLU B 222 23.68 -34.90 16.16
CA GLU B 222 23.03 -35.81 15.21
C GLU B 222 23.94 -36.13 14.02
N GLY B 223 23.55 -37.15 13.25
CA GLY B 223 24.18 -37.48 11.98
C GLY B 223 25.52 -38.18 12.10
N ARG B 224 26.02 -38.66 10.96
CA ARG B 224 27.36 -39.26 10.87
C ARG B 224 28.28 -38.39 10.03
N SER B 225 28.10 -37.07 10.12
CA SER B 225 28.92 -36.12 9.38
C SER B 225 30.31 -36.02 10.01
N SER B 226 31.33 -36.19 9.18
CA SER B 226 32.73 -36.15 9.62
C SER B 226 33.18 -34.75 10.04
N ARG B 227 32.39 -33.74 9.66
CA ARG B 227 32.73 -32.35 9.94
C ARG B 227 32.16 -31.89 11.29
N LYS B 228 31.32 -32.72 11.92
CA LYS B 228 30.74 -32.40 13.23
C LYS B 228 31.81 -32.36 14.33
N PRO B 229 32.65 -33.40 14.45
CA PRO B 229 33.76 -33.37 15.40
C PRO B 229 34.59 -32.08 15.36
N GLU B 230 34.75 -31.47 14.18
CA GLU B 230 35.48 -30.21 14.05
C GLU B 230 34.72 -29.07 14.70
N LYS B 231 33.41 -29.03 14.50
CA LYS B 231 32.55 -28.01 15.12
C LYS B 231 32.57 -28.15 16.65
N LEU B 232 32.40 -29.37 17.13
CA LEU B 232 32.52 -29.66 18.56
C LEU B 232 33.87 -29.17 19.09
N LYS B 233 34.94 -29.55 18.42
CA LYS B 233 36.30 -29.21 18.89
C LYS B 233 36.55 -27.70 18.89
N THR B 234 35.98 -26.99 17.93
CA THR B 234 36.13 -25.53 17.84
C THR B 234 35.43 -24.82 18.99
N LEU B 235 34.27 -25.34 19.38
CA LEU B 235 33.47 -24.74 20.47
C LEU B 235 34.06 -25.02 21.86
N PHE B 236 34.68 -26.19 22.03
CA PHE B 236 35.29 -26.53 23.32
C PHE B 236 36.56 -25.72 23.58
N CYS B 237 37.33 -25.45 22.53
CA CYS B 237 38.46 -24.52 22.61
C CYS B 237 38.03 -23.22 23.30
N TYR B 238 36.83 -22.74 22.95
CA TYR B 238 36.23 -21.54 23.54
C TYR B 238 35.76 -21.79 24.97
N PHE B 239 34.91 -22.80 25.15
CA PHE B 239 34.42 -23.16 26.49
C PHE B 239 35.55 -23.46 27.47
N ARG B 240 36.58 -24.15 27.00
CA ARG B 240 37.79 -24.42 27.78
C ARG B 240 38.43 -23.11 28.23
N ARG B 241 38.44 -22.11 27.34
CA ARG B 241 39.09 -20.84 27.62
C ARG B 241 38.32 -20.05 28.68
N VAL B 242 37.03 -19.83 28.43
CA VAL B 242 36.20 -18.98 29.28
C VAL B 242 35.97 -19.53 30.69
N THR B 243 35.84 -20.85 30.81
CA THR B 243 35.64 -21.49 32.11
C THR B 243 36.89 -21.42 32.97
N GLU B 244 38.04 -21.67 32.36
CA GLU B 244 39.31 -21.62 33.06
C GLU B 244 39.75 -20.18 33.33
N LYS B 245 39.52 -19.29 32.37
CA LYS B 245 39.83 -17.86 32.52
C LYS B 245 38.64 -17.03 32.06
N LYS B 246 37.90 -16.47 33.02
CA LYS B 246 36.69 -15.71 32.71
C LYS B 246 36.99 -14.46 31.88
N PRO B 247 36.25 -14.27 30.77
CA PRO B 247 36.45 -13.10 29.91
C PRO B 247 35.79 -11.85 30.49
N THR B 248 36.44 -10.70 30.28
CA THR B 248 36.10 -9.49 31.02
C THR B 248 35.60 -8.35 30.13
N GLY B 249 35.12 -8.68 28.94
CA GLY B 249 34.72 -7.65 27.97
C GLY B 249 33.20 -7.51 27.86
N LEU B 250 32.79 -6.57 27.02
CA LEU B 250 31.38 -6.36 26.70
C LEU B 250 31.16 -6.58 25.21
N VAL B 251 29.93 -6.93 24.85
CA VAL B 251 29.53 -7.16 23.47
C VAL B 251 28.18 -6.50 23.24
N THR B 252 28.04 -5.78 22.13
CA THR B 252 26.78 -5.10 21.82
C THR B 252 26.17 -5.70 20.57
N PHE B 253 24.90 -6.06 20.63
CA PHE B 253 24.15 -6.55 19.48
C PHE B 253 23.09 -5.52 19.15
N THR B 254 23.21 -4.90 17.98
CA THR B 254 22.25 -3.91 17.52
C THR B 254 21.50 -4.44 16.31
N ARG B 255 20.17 -4.47 16.39
CA ARG B 255 19.36 -4.69 15.21
C ARG B 255 19.08 -3.33 14.59
N GLN B 256 19.23 -3.23 13.27
CA GLN B 256 18.93 -2.00 12.54
C GLN B 256 17.89 -2.27 11.44
N SER B 257 16.93 -1.37 11.33
CA SER B 257 15.85 -1.49 10.36
C SER B 257 15.47 -0.11 9.85
N LEU B 258 15.57 0.09 8.53
CA LEU B 258 15.34 1.39 7.91
C LEU B 258 14.06 1.42 7.10
N GLU B 259 13.34 2.55 7.18
CA GLU B 259 12.10 2.72 6.45
C GLU B 259 12.36 3.30 5.07
N ASP B 260 13.06 4.43 5.03
CA ASP B 260 13.31 5.13 3.77
C ASP B 260 14.74 4.90 3.29
N PHE B 261 14.87 4.46 2.04
CA PHE B 261 16.16 4.19 1.42
C PHE B 261 16.55 5.28 0.41
N PRO B 262 17.83 5.32 0.02
CA PRO B 262 18.26 6.32 -0.96
C PRO B 262 17.56 6.16 -2.32
N GLU B 263 17.17 7.27 -2.92
CA GLU B 263 16.71 7.29 -4.30
C GLU B 263 17.94 7.06 -5.16
N TRP B 264 18.19 5.79 -5.49
CA TRP B 264 19.44 5.40 -6.15
C TRP B 264 19.63 6.11 -7.47
N GLU B 265 18.56 6.21 -8.26
CA GLU B 265 18.56 6.96 -9.52
C GLU B 265 19.12 8.39 -9.40
N ARG B 266 18.80 9.07 -8.30
CA ARG B 266 19.12 10.50 -8.14
C ARG B 266 20.32 10.81 -7.23
N CYS B 267 21.07 9.81 -6.80
CA CYS B 267 22.14 10.03 -5.82
C CYS B 267 23.40 10.62 -6.47
N GLU B 268 23.91 11.71 -5.89
CA GLU B 268 25.04 12.46 -6.46
C GLU B 268 26.39 12.17 -5.77
N LYS B 269 26.41 11.24 -4.83
CA LYS B 269 27.62 10.96 -4.05
C LYS B 269 28.67 10.21 -4.88
N PRO B 270 29.95 10.64 -4.82
CA PRO B 270 31.01 9.97 -5.55
C PRO B 270 31.46 8.67 -4.89
N LEU B 271 32.22 7.86 -5.61
CA LEU B 271 32.74 6.61 -5.08
C LEU B 271 33.95 6.88 -4.17
N THR B 272 34.24 5.92 -3.30
CA THR B 272 35.32 6.05 -2.32
C THR B 272 36.47 5.10 -2.67
N ARG B 273 37.53 5.14 -1.87
CA ARG B 273 38.72 4.31 -2.08
C ARG B 273 38.40 2.82 -2.02
N LEU B 274 39.21 2.02 -2.73
CA LEU B 274 39.03 0.58 -2.82
C LEU B 274 40.37 -0.14 -2.68
N HIS B 275 40.36 -1.26 -1.96
CA HIS B 275 41.47 -2.21 -1.95
C HIS B 275 40.92 -3.56 -2.37
N VAL B 276 41.70 -4.35 -3.09
CA VAL B 276 41.23 -5.68 -3.51
C VAL B 276 42.39 -6.69 -3.54
N THR B 277 42.06 -7.94 -3.25
CA THR B 277 43.06 -9.00 -3.18
C THR B 277 42.42 -10.38 -3.25
N TYR B 278 43.18 -11.33 -3.77
CA TYR B 278 42.79 -12.74 -3.83
C TYR B 278 43.45 -13.51 -2.68
N GLU B 279 44.19 -12.78 -1.84
CA GLU B 279 44.89 -13.34 -0.69
C GLU B 279 44.29 -12.74 0.58
N GLY B 280 44.43 -13.45 1.69
CA GLY B 280 43.88 -13.01 2.96
C GLY B 280 42.38 -13.23 3.02
N THR B 281 41.78 -12.88 4.16
CA THR B 281 40.35 -13.10 4.41
C THR B 281 39.73 -11.92 5.16
N ILE B 282 38.39 -11.91 5.22
CA ILE B 282 37.66 -10.85 5.93
C ILE B 282 38.11 -10.75 7.38
N GLU B 283 38.09 -11.87 8.09
CA GLU B 283 38.49 -11.92 9.49
C GLU B 283 39.99 -11.82 9.66
N GLY B 284 40.74 -12.38 8.72
CA GLY B 284 42.19 -12.44 8.79
C GLY B 284 42.86 -11.08 8.61
N ASN B 285 42.52 -10.41 7.51
CA ASN B 285 43.19 -9.17 7.12
C ASN B 285 42.28 -7.94 7.10
N GLY B 286 41.09 -8.06 7.72
CA GLY B 286 40.17 -6.93 7.84
C GLY B 286 40.04 -6.48 9.29
N ARG B 287 41.15 -6.50 10.03
CA ARG B 287 41.14 -6.25 11.46
C ARG B 287 40.87 -4.78 11.79
N GLY B 288 39.85 -4.54 12.60
CA GLY B 288 39.47 -3.19 12.99
C GLY B 288 38.68 -2.46 11.91
N MSE B 289 38.10 -3.23 10.99
CA MSE B 289 37.22 -2.69 9.95
C MSE B 289 35.85 -3.34 10.07
O MSE B 289 35.71 -4.38 10.71
CB MSE B 289 37.82 -2.95 8.58
CG MSE B 289 39.15 -2.26 8.34
SE MSE B 289 39.90 -2.74 6.60
CE MSE B 289 38.33 -2.40 5.50
N LEU B 290 34.85 -2.74 9.43
CA LEU B 290 33.50 -3.29 9.46
C LEU B 290 33.46 -4.58 8.65
N GLN B 291 33.53 -5.71 9.33
CA GLN B 291 33.58 -7.01 8.69
C GLN B 291 32.17 -7.49 8.38
N VAL B 292 31.92 -7.85 7.13
CA VAL B 292 30.60 -8.33 6.70
C VAL B 292 30.47 -9.83 6.92
N ASP B 293 29.32 -10.24 7.45
CA ASP B 293 28.95 -11.64 7.57
C ASP B 293 27.89 -11.96 6.53
N PHE B 294 28.23 -12.85 5.60
CA PHE B 294 27.33 -13.23 4.51
C PHE B 294 26.22 -14.10 5.08
N ALA B 295 25.22 -13.45 5.68
CA ALA B 295 24.29 -14.12 6.56
C ALA B 295 23.13 -14.81 5.87
N ASN B 296 22.43 -15.63 6.65
CA ASN B 296 21.11 -16.14 6.31
C ASN B 296 20.14 -15.26 7.07
N ARG B 297 18.93 -15.10 6.55
CA ARG B 297 17.94 -14.22 7.18
C ARG B 297 17.69 -14.66 8.62
N PHE B 298 17.70 -15.97 8.84
CA PHE B 298 17.90 -16.51 10.18
C PHE B 298 19.38 -16.39 10.47
N VAL B 299 19.77 -15.36 11.21
CA VAL B 299 21.20 -15.09 11.43
C VAL B 299 21.90 -16.29 12.03
N GLY B 300 23.17 -16.45 11.67
CA GLY B 300 23.97 -17.61 12.08
C GLY B 300 23.79 -18.79 11.15
N GLY B 301 22.68 -18.81 10.41
CA GLY B 301 22.43 -19.83 9.39
C GLY B 301 22.22 -21.19 10.01
N GLY B 302 23.09 -22.14 9.63
CA GLY B 302 23.07 -23.48 10.20
C GLY B 302 24.31 -23.76 11.03
N VAL B 303 24.76 -22.76 11.80
CA VAL B 303 25.91 -22.92 12.66
C VAL B 303 25.66 -24.00 13.72
N THR B 304 24.44 -24.06 14.23
CA THR B 304 24.04 -25.08 15.21
C THR B 304 23.23 -26.16 14.51
N GLY B 305 23.82 -26.75 13.46
CA GLY B 305 23.14 -27.77 12.68
C GLY B 305 23.96 -28.20 11.47
N ALA B 306 23.38 -28.09 10.28
CA ALA B 306 24.08 -28.42 9.04
C ALA B 306 24.47 -27.14 8.31
N GLY B 307 25.68 -27.11 7.75
CA GLY B 307 26.21 -25.93 7.06
C GLY B 307 27.50 -25.44 7.71
N LEU B 308 28.52 -25.21 6.87
CA LEU B 308 29.85 -24.87 7.36
C LEU B 308 30.58 -23.93 6.37
N VAL B 309 29.91 -22.86 5.98
CA VAL B 309 30.46 -21.87 5.04
C VAL B 309 30.71 -20.53 5.76
N GLN B 310 31.14 -19.52 5.01
CA GLN B 310 31.61 -18.21 5.55
C GLN B 310 30.97 -17.72 6.85
N GLU B 311 29.65 -17.79 6.94
CA GLU B 311 28.95 -17.31 8.13
C GLU B 311 29.22 -18.22 9.31
N GLU B 312 28.86 -19.50 9.15
CA GLU B 312 28.94 -20.45 10.24
C GLU B 312 30.38 -20.55 10.74
N ILE B 313 31.32 -20.54 9.81
CA ILE B 313 32.74 -20.53 10.17
C ILE B 313 33.07 -19.32 11.05
N ARG B 314 32.48 -18.16 10.71
CA ARG B 314 32.69 -16.96 11.53
C ARG B 314 32.03 -17.13 12.89
N PHE B 315 30.76 -17.55 12.89
CA PHE B 315 30.05 -17.85 14.14
C PHE B 315 30.79 -18.91 15.00
N LEU B 316 31.53 -19.82 14.37
CA LEU B 316 32.28 -20.82 15.15
C LEU B 316 33.58 -20.28 15.72
N ILE B 317 34.34 -19.54 14.91
CA ILE B 317 35.59 -18.95 15.41
C ILE B 317 35.31 -17.74 16.31
N ASN B 318 34.13 -17.14 16.16
CA ASN B 318 33.63 -16.15 17.10
C ASN B 318 32.32 -16.66 17.71
N PRO B 319 32.41 -17.62 18.65
CA PRO B 319 31.21 -18.25 19.21
C PRO B 319 30.25 -17.26 19.87
N GLU B 320 30.79 -16.17 20.39
CA GLU B 320 29.96 -15.15 21.06
C GLU B 320 28.91 -14.52 20.11
N LEU B 321 29.10 -14.67 18.80
CA LEU B 321 28.08 -14.32 17.82
C LEU B 321 26.86 -15.23 17.85
N ILE B 322 27.03 -16.49 18.24
CA ILE B 322 25.95 -17.47 18.23
C ILE B 322 24.80 -17.05 19.14
N VAL B 323 25.12 -16.40 20.24
CA VAL B 323 24.11 -16.00 21.20
C VAL B 323 23.02 -15.13 20.55
N SER B 324 23.34 -14.44 19.46
CA SER B 324 22.34 -13.63 18.77
C SER B 324 21.16 -14.47 18.28
N ARG B 325 21.38 -15.76 18.03
CA ARG B 325 20.28 -16.65 17.67
C ARG B 325 19.22 -16.75 18.77
N LEU B 326 19.64 -16.52 20.01
CA LEU B 326 18.71 -16.56 21.15
C LEU B 326 17.58 -15.53 21.06
N PHE B 327 17.88 -14.33 20.55
CA PHE B 327 16.93 -13.21 20.61
C PHE B 327 16.70 -12.41 19.30
N THR B 328 17.37 -12.80 18.22
CA THR B 328 17.28 -12.05 16.97
C THR B 328 16.31 -12.72 16.00
N GLU B 329 15.12 -12.12 15.85
CA GLU B 329 14.11 -12.65 14.91
C GLU B 329 14.63 -12.59 13.48
N VAL B 330 14.07 -13.44 12.62
CA VAL B 330 14.46 -13.45 11.22
C VAL B 330 14.56 -12.03 10.67
N LEU B 331 15.61 -11.77 9.90
CA LEU B 331 15.83 -10.45 9.31
C LEU B 331 14.93 -10.25 8.11
N ASP B 332 14.35 -9.06 8.00
CA ASP B 332 13.55 -8.68 6.85
C ASP B 332 14.42 -7.89 5.87
N HIS B 333 13.99 -7.84 4.60
CA HIS B 333 14.72 -7.17 3.50
C HIS B 333 15.39 -5.84 3.87
N ASN B 334 14.80 -5.11 4.82
CA ASN B 334 15.31 -3.81 5.22
C ASN B 334 16.06 -3.83 6.55
N GLU B 335 16.59 -4.99 6.94
CA GLU B 335 17.18 -5.15 8.27
C GLU B 335 18.58 -5.79 8.27
N CYS B 336 19.35 -5.48 9.31
CA CYS B 336 20.64 -6.12 9.57
C CYS B 336 20.93 -6.21 11.06
N LEU B 337 21.93 -7.00 11.43
CA LEU B 337 22.34 -7.15 12.81
C LEU B 337 23.79 -6.70 12.90
N ILE B 338 24.08 -5.80 13.83
CA ILE B 338 25.42 -5.23 13.99
C ILE B 338 25.99 -5.66 15.34
N ILE B 339 27.16 -6.30 15.31
CA ILE B 339 27.71 -6.90 16.51
C ILE B 339 29.11 -6.37 16.76
N THR B 340 29.27 -5.63 17.85
CA THR B 340 30.55 -5.04 18.21
C THR B 340 31.06 -5.72 19.47
N GLY B 341 32.36 -6.02 19.52
CA GLY B 341 32.98 -6.56 20.73
C GLY B 341 33.27 -8.05 20.71
N THR B 342 32.66 -8.77 19.76
CA THR B 342 32.87 -10.21 19.62
C THR B 342 34.36 -10.56 19.52
N GLU B 343 34.77 -11.60 20.25
CA GLU B 343 36.17 -12.00 20.32
C GLU B 343 36.40 -13.30 19.57
N GLN B 344 37.52 -13.38 18.85
CA GLN B 344 37.89 -14.57 18.10
C GLN B 344 38.64 -15.53 19.03
N TYR B 345 38.24 -16.80 19.02
CA TYR B 345 38.83 -17.81 19.91
C TYR B 345 39.62 -18.92 19.20
N SER B 346 39.25 -19.24 17.96
CA SER B 346 39.88 -20.35 17.23
C SER B 346 40.56 -19.93 15.93
N GLU B 347 41.27 -20.87 15.33
CA GLU B 347 41.81 -20.73 13.97
C GLU B 347 41.49 -21.99 13.19
N TYR B 348 41.45 -21.87 11.86
CA TYR B 348 40.94 -22.96 11.03
C TYR B 348 41.68 -23.07 9.69
N THR B 349 41.84 -24.30 9.22
CA THR B 349 42.20 -24.54 7.83
C THR B 349 40.94 -24.97 7.07
N GLY B 350 41.05 -25.03 5.75
CA GLY B 350 39.99 -25.58 4.92
C GLY B 350 38.74 -24.72 4.87
N TYR B 351 37.64 -25.35 4.46
CA TYR B 351 36.38 -24.67 4.18
C TYR B 351 35.32 -25.72 3.83
N ALA B 352 34.11 -25.55 4.35
CA ALA B 352 32.98 -26.42 4.05
C ALA B 352 33.28 -27.89 4.35
N GLU B 353 33.80 -28.61 3.37
CA GLU B 353 34.08 -30.03 3.54
C GLU B 353 35.50 -30.27 4.05
N THR B 354 36.44 -29.45 3.60
CA THR B 354 37.85 -29.55 4.01
C THR B 354 38.13 -28.81 5.31
N TYR B 355 37.10 -28.15 5.85
CA TYR B 355 37.21 -27.38 7.09
C TYR B 355 37.75 -28.22 8.25
N ARG B 356 38.74 -27.67 8.94
CA ARG B 356 39.31 -28.29 10.14
C ARG B 356 39.74 -27.22 11.13
N TRP B 357 39.54 -27.50 12.42
CA TRP B 357 40.02 -26.63 13.49
C TRP B 357 41.52 -26.76 13.63
N ALA B 358 42.22 -25.63 13.47
CA ALA B 358 43.68 -25.60 13.60
C ALA B 358 44.07 -25.56 15.07
N ARG B 359 43.93 -24.40 15.70
CA ARG B 359 44.31 -24.22 17.10
C ARG B 359 43.60 -23.02 17.72
N SER B 360 43.80 -22.80 19.00
CA SER B 360 43.24 -21.65 19.70
C SER B 360 43.85 -20.34 19.19
N HIS B 361 43.14 -19.24 19.42
CA HIS B 361 43.58 -17.92 18.99
C HIS B 361 43.54 -16.95 20.16
N GLU B 362 44.66 -16.26 20.39
CA GLU B 362 44.72 -15.21 21.39
C GLU B 362 44.42 -13.88 20.71
N ASP B 363 43.23 -13.33 20.99
CA ASP B 363 42.77 -12.11 20.34
C ASP B 363 43.58 -10.92 20.86
N GLY B 364 44.33 -10.29 19.96
CA GLY B 364 45.19 -9.16 20.32
C GLY B 364 44.61 -7.80 19.94
N SER B 365 43.34 -7.79 19.55
CA SER B 365 42.67 -6.55 19.14
C SER B 365 42.26 -5.76 20.37
N GLU B 366 42.63 -4.48 20.40
CA GLU B 366 42.39 -3.62 21.56
C GLU B 366 40.91 -3.39 21.84
N LYS B 367 40.61 -2.93 23.06
CA LYS B 367 39.24 -2.66 23.49
C LYS B 367 38.92 -1.17 23.51
N ASP B 368 37.67 -0.82 23.22
CA ASP B 368 37.21 0.59 23.25
C ASP B 368 36.87 1.01 24.68
N ASP B 369 36.30 2.20 24.83
CA ASP B 369 35.99 2.74 26.17
C ASP B 369 34.88 2.00 26.91
N TRP B 370 34.04 1.26 26.18
CA TRP B 370 33.03 0.39 26.81
C TRP B 370 33.53 -1.04 26.98
N GLN B 371 34.84 -1.24 26.95
CA GLN B 371 35.48 -2.55 27.08
C GLN B 371 35.01 -3.57 26.02
N ARG B 372 34.61 -3.07 24.86
CA ARG B 372 34.29 -3.93 23.72
C ARG B 372 35.54 -4.07 22.89
N ARG B 373 35.85 -5.29 22.47
CA ARG B 373 36.99 -5.52 21.58
C ARG B 373 36.70 -4.81 20.26
N CYS B 374 37.72 -4.18 19.68
CA CYS B 374 37.53 -3.42 18.45
C CYS B 374 37.35 -4.36 17.27
N THR B 375 36.14 -4.91 17.17
CA THR B 375 35.78 -5.85 16.12
C THR B 375 34.29 -5.75 15.87
N GLU B 376 33.91 -5.15 14.74
CA GLU B 376 32.51 -4.99 14.37
C GLU B 376 32.13 -5.93 13.23
N ILE B 377 31.11 -6.76 13.46
CA ILE B 377 30.58 -7.64 12.44
C ILE B 377 29.18 -7.22 12.10
N VAL B 378 28.84 -7.22 10.81
CA VAL B 378 27.48 -6.92 10.40
C VAL B 378 26.91 -8.07 9.57
N ALA B 379 25.81 -8.63 10.05
CA ALA B 379 25.10 -9.68 9.34
C ALA B 379 24.14 -9.05 8.34
N ILE B 380 24.40 -9.26 7.06
CA ILE B 380 23.49 -8.87 5.99
C ILE B 380 23.36 -10.04 5.02
N ASP B 381 22.12 -10.46 4.77
CA ASP B 381 21.85 -11.61 3.92
C ASP B 381 21.51 -11.18 2.50
N ALA B 382 22.31 -11.63 1.53
CA ALA B 382 21.97 -11.52 0.12
C ALA B 382 20.77 -12.43 -0.15
N LEU B 383 20.23 -12.35 -1.35
CA LEU B 383 19.08 -13.18 -1.75
C LEU B 383 19.53 -14.47 -2.41
N HIS B 384 18.81 -15.55 -2.11
CA HIS B 384 19.03 -16.84 -2.75
C HIS B 384 18.44 -16.78 -4.14
N PHE B 385 19.27 -17.00 -5.16
CA PHE B 385 18.80 -16.95 -6.54
C PHE B 385 18.68 -18.37 -7.10
N ARG B 386 17.48 -18.70 -7.59
CA ARG B 386 17.20 -20.01 -8.15
C ARG B 386 17.69 -20.06 -9.60
N ARG B 387 17.39 -19.00 -10.35
CA ARG B 387 17.93 -18.82 -11.70
C ARG B 387 18.90 -17.65 -11.74
N TYR B 388 19.84 -17.70 -12.69
CA TYR B 388 20.93 -16.73 -12.76
C TYR B 388 20.48 -15.31 -13.12
N LEU B 389 19.57 -15.19 -14.09
CA LEU B 389 19.13 -13.88 -14.59
C LEU B 389 18.47 -12.99 -13.53
N ASP B 390 17.67 -13.60 -12.66
CA ASP B 390 16.82 -12.86 -11.73
C ASP B 390 17.50 -11.71 -10.97
N GLN B 391 18.79 -11.86 -10.70
CA GLN B 391 19.53 -10.84 -9.94
C GLN B 391 19.70 -9.51 -10.68
N PHE B 392 19.58 -9.53 -12.00
CA PHE B 392 19.76 -8.30 -12.78
C PHE B 392 18.47 -7.47 -12.88
N VAL B 393 17.36 -8.04 -12.45
CA VAL B 393 16.09 -7.32 -12.40
C VAL B 393 16.21 -6.19 -11.37
N PRO B 394 15.84 -4.96 -11.76
CA PRO B 394 16.02 -3.80 -10.86
C PRO B 394 15.54 -4.02 -9.43
N GLU B 395 14.33 -4.55 -9.27
CA GLU B 395 13.78 -4.84 -7.94
C GLU B 395 14.78 -5.63 -7.10
N LYS B 396 15.36 -6.67 -7.70
CA LYS B 396 16.32 -7.51 -7.02
C LYS B 396 17.63 -6.78 -6.81
N VAL B 397 18.02 -5.96 -7.78
CA VAL B 397 19.22 -5.13 -7.66
C VAL B 397 19.05 -4.12 -6.53
N ARG B 398 17.89 -3.48 -6.50
CA ARG B 398 17.58 -2.46 -5.50
C ARG B 398 17.58 -3.06 -4.09
N ARG B 399 17.02 -4.26 -3.97
CA ARG B 399 16.95 -4.95 -2.69
C ARG B 399 18.34 -5.12 -2.09
N GLU B 400 19.26 -5.66 -2.89
CA GLU B 400 20.62 -5.92 -2.43
C GLU B 400 21.34 -4.61 -2.10
N LEU B 401 21.08 -3.57 -2.89
CA LEU B 401 21.61 -2.23 -2.59
C LEU B 401 21.13 -1.78 -1.22
N ASN B 402 19.82 -1.90 -1.00
CA ASN B 402 19.20 -1.49 0.25
C ASN B 402 19.75 -2.27 1.45
N LYS B 403 19.90 -3.58 1.29
CA LYS B 403 20.45 -4.39 2.37
C LYS B 403 21.87 -3.96 2.72
N ALA B 404 22.72 -3.80 1.70
CA ALA B 404 24.08 -3.35 1.93
C ALA B 404 24.08 -2.00 2.62
N TYR B 405 23.25 -1.09 2.11
CA TYR B 405 23.17 0.25 2.68
C TYR B 405 22.79 0.20 4.15
N CYS B 406 21.80 -0.63 4.48
CA CYS B 406 21.42 -0.85 5.87
C CYS B 406 22.59 -1.39 6.68
N GLY B 407 23.36 -2.29 6.08
CA GLY B 407 24.53 -2.87 6.74
C GLY B 407 25.61 -1.85 7.05
N PHE B 408 25.83 -0.95 6.10
CA PHE B 408 26.95 -0.01 6.17
C PHE B 408 26.60 1.32 6.85
N LEU B 409 25.38 1.79 6.67
CA LEU B 409 24.98 3.11 7.17
C LEU B 409 25.00 3.18 8.70
N ARG B 410 25.64 4.22 9.23
CA ARG B 410 25.64 4.50 10.66
C ARG B 410 25.03 5.89 10.89
N PRO B 411 23.73 5.92 11.22
CA PRO B 411 23.01 7.19 11.27
C PRO B 411 23.50 8.07 12.41
N GLY B 412 23.97 9.27 12.08
CA GLY B 412 24.49 10.19 13.09
C GLY B 412 26.00 10.33 13.07
N VAL B 413 26.69 9.26 12.69
CA VAL B 413 28.15 9.24 12.70
C VAL B 413 28.73 10.00 11.50
N PRO B 414 29.74 10.88 11.74
CA PRO B 414 30.48 11.50 10.65
C PRO B 414 31.27 10.47 9.83
N SER B 415 31.44 10.75 8.54
CA SER B 415 32.10 9.81 7.62
C SER B 415 33.58 9.58 7.94
N GLU B 416 34.25 10.58 8.47
CA GLU B 416 35.68 10.48 8.78
C GLU B 416 35.98 9.63 10.02
N ASN B 417 34.98 9.42 10.87
CA ASN B 417 35.10 8.51 12.01
C ASN B 417 34.63 7.09 11.69
N LEU B 418 34.14 6.88 10.46
CA LEU B 418 33.77 5.55 10.00
C LEU B 418 34.99 4.81 9.48
N SER B 419 35.15 3.56 9.92
CA SER B 419 36.17 2.67 9.37
C SER B 419 35.72 2.18 7.99
N ALA B 420 36.63 1.53 7.27
CA ALA B 420 36.31 0.98 5.96
C ALA B 420 35.53 -0.34 6.10
N VAL B 421 34.96 -0.81 5.00
CA VAL B 421 34.21 -2.06 4.99
C VAL B 421 35.09 -3.20 4.49
N ALA B 422 35.25 -4.23 5.32
CA ALA B 422 35.97 -5.44 4.92
C ALA B 422 34.95 -6.49 4.48
N THR B 423 34.81 -6.68 3.17
CA THR B 423 33.81 -7.58 2.60
C THR B 423 34.38 -8.40 1.46
N GLY B 424 33.53 -9.16 0.77
CA GLY B 424 33.94 -9.98 -0.35
C GLY B 424 32.82 -10.45 -1.24
N ASN B 425 32.89 -11.70 -1.69
CA ASN B 425 31.94 -12.28 -2.64
C ASN B 425 30.58 -12.53 -2.00
N TRP B 426 29.94 -11.47 -1.57
CA TRP B 426 28.67 -11.54 -0.84
C TRP B 426 27.59 -12.13 -1.73
N GLY B 427 26.92 -13.18 -1.25
CA GLY B 427 25.81 -13.79 -1.97
C GLY B 427 26.20 -14.72 -3.12
N CYS B 428 27.51 -14.94 -3.31
CA CYS B 428 28.00 -15.56 -4.54
C CYS B 428 28.45 -17.02 -4.40
N GLY B 429 28.12 -17.65 -3.28
CA GLY B 429 28.42 -19.07 -3.07
C GLY B 429 27.13 -19.88 -3.15
N ALA B 430 26.56 -20.18 -1.98
CA ALA B 430 25.34 -20.98 -1.91
C ALA B 430 24.12 -20.25 -2.50
N PHE B 431 24.17 -18.93 -2.54
CA PHE B 431 23.04 -18.12 -3.01
C PHE B 431 23.17 -17.72 -4.50
N GLY B 432 24.11 -18.34 -5.21
CA GLY B 432 24.22 -18.25 -6.66
C GLY B 432 24.38 -16.86 -7.27
N GLY B 433 24.95 -15.94 -6.50
CA GLY B 433 25.15 -14.57 -6.97
C GLY B 433 26.32 -14.40 -7.93
N ASP B 434 26.32 -13.29 -8.65
CA ASP B 434 27.41 -12.91 -9.53
C ASP B 434 28.37 -11.96 -8.82
N ALA B 435 29.61 -12.42 -8.61
CA ALA B 435 30.60 -11.66 -7.87
C ALA B 435 30.82 -10.26 -8.44
N ARG B 436 30.85 -10.17 -9.77
CA ARG B 436 31.11 -8.90 -10.45
C ARG B 436 30.00 -7.89 -10.20
N LEU B 437 28.74 -8.32 -10.31
CA LEU B 437 27.60 -7.47 -10.00
C LEU B 437 27.59 -7.09 -8.52
N LYS B 438 27.61 -8.10 -7.66
CA LYS B 438 27.55 -7.90 -6.22
C LYS B 438 28.64 -6.96 -5.70
N ALA B 439 29.80 -6.99 -6.34
CA ALA B 439 30.88 -6.07 -5.99
C ALA B 439 30.45 -4.63 -6.26
N LEU B 440 29.89 -4.39 -7.44
CA LEU B 440 29.44 -3.06 -7.84
C LEU B 440 28.35 -2.51 -6.91
N ILE B 441 27.49 -3.41 -6.43
CA ILE B 441 26.42 -3.04 -5.52
C ILE B 441 26.98 -2.54 -4.19
N GLN B 442 27.90 -3.31 -3.62
CA GLN B 442 28.54 -2.94 -2.35
C GLN B 442 29.37 -1.66 -2.47
N ILE B 443 30.03 -1.48 -3.62
CA ILE B 443 30.75 -0.25 -3.89
C ILE B 443 29.78 0.93 -3.94
N LEU B 444 28.62 0.72 -4.55
CA LEU B 444 27.57 1.75 -4.58
C LEU B 444 27.00 2.00 -3.18
N ALA B 445 26.72 0.93 -2.45
CA ALA B 445 26.19 1.03 -1.08
C ALA B 445 27.14 1.76 -0.14
N ALA B 446 28.43 1.47 -0.24
CA ALA B 446 29.46 2.11 0.60
C ALA B 446 29.60 3.60 0.30
N ALA B 447 29.41 3.98 -0.95
CA ALA B 447 29.45 5.37 -1.37
C ALA B 447 28.29 6.15 -0.74
N ALA B 448 27.09 5.57 -0.78
CA ALA B 448 25.93 6.18 -0.15
C ALA B 448 26.13 6.31 1.36
N ALA B 449 26.86 5.36 1.94
CA ALA B 449 27.17 5.38 3.37
C ALA B 449 28.47 6.14 3.66
N GLU B 450 29.18 6.56 2.62
CA GLU B 450 30.42 7.32 2.74
C GLU B 450 31.48 6.51 3.49
N ARG B 451 31.67 5.27 3.04
CA ARG B 451 32.69 4.39 3.61
C ARG B 451 33.65 3.93 2.51
N ASP B 452 34.90 3.69 2.89
CA ASP B 452 35.88 3.05 2.02
C ASP B 452 35.63 1.55 2.04
N VAL B 453 36.28 0.82 1.14
CA VAL B 453 35.99 -0.60 0.90
C VAL B 453 37.24 -1.44 0.68
N VAL B 454 37.34 -2.57 1.40
CA VAL B 454 38.41 -3.54 1.20
C VAL B 454 37.82 -4.87 0.76
N TYR B 455 37.95 -5.19 -0.53
CA TYR B 455 37.30 -6.36 -1.10
C TYR B 455 38.23 -7.56 -1.18
N PHE B 456 37.83 -8.65 -0.52
CA PHE B 456 38.54 -9.92 -0.63
C PHE B 456 37.81 -10.81 -1.62
N THR B 457 38.51 -11.24 -2.67
CA THR B 457 37.91 -12.06 -3.73
C THR B 457 38.13 -13.55 -3.48
N PHE B 458 38.96 -13.89 -2.50
CA PHE B 458 39.09 -15.27 -2.00
C PHE B 458 39.65 -16.25 -3.03
N GLY B 459 40.75 -15.86 -3.68
CA GLY B 459 41.44 -16.73 -4.64
C GLY B 459 41.20 -16.39 -6.11
N ASP B 460 40.01 -15.86 -6.42
CA ASP B 460 39.66 -15.49 -7.79
C ASP B 460 40.44 -14.24 -8.21
N SER B 461 41.53 -14.45 -8.95
CA SER B 461 42.44 -13.38 -9.33
C SER B 461 41.98 -12.61 -10.58
N GLU B 462 41.22 -13.26 -11.44
CA GLU B 462 40.59 -12.58 -12.58
C GLU B 462 39.53 -11.60 -12.08
N LEU B 463 38.88 -11.94 -10.98
CA LEU B 463 37.90 -11.06 -10.34
C LEU B 463 38.52 -9.79 -9.76
N MSE B 464 39.79 -9.86 -9.34
CA MSE B 464 40.50 -8.68 -8.85
C MSE B 464 40.57 -7.62 -9.93
O MSE B 464 39.99 -6.53 -9.79
CB MSE B 464 41.93 -9.02 -8.44
CG MSE B 464 42.12 -9.63 -7.08
SE MSE B 464 44.01 -10.02 -6.79
CE MSE B 464 44.82 -8.38 -7.49
N ARG B 465 41.29 -7.94 -11.02
CA ARG B 465 41.47 -7.03 -12.15
C ARG B 465 40.15 -6.38 -12.50
N ASP B 466 39.15 -7.21 -12.78
CA ASP B 466 37.85 -6.75 -13.25
C ASP B 466 37.23 -5.71 -12.31
N ILE B 467 37.20 -6.02 -11.01
CA ILE B 467 36.63 -5.08 -10.04
C ILE B 467 37.44 -3.80 -9.98
N TYR B 468 38.76 -3.95 -9.87
CA TYR B 468 39.65 -2.80 -9.81
C TYR B 468 39.54 -1.92 -11.06
N SER B 469 39.70 -2.53 -12.24
CA SER B 469 39.62 -1.81 -13.51
C SER B 469 38.32 -1.05 -13.64
N MSE B 470 37.23 -1.69 -13.22
CA MSE B 470 35.91 -1.08 -13.22
C MSE B 470 35.84 0.10 -12.25
O MSE B 470 35.30 1.15 -12.56
CB MSE B 470 34.84 -2.12 -12.87
CG MSE B 470 33.41 -1.60 -12.87
SE MSE B 470 32.93 -0.70 -14.54
CE MSE B 470 32.71 -2.27 -15.68
N HIS B 471 36.40 -0.11 -11.06
CA HIS B 471 36.44 0.92 -10.03
C HIS B 471 37.21 2.15 -10.54
N THR B 472 38.40 1.93 -11.09
CA THR B 472 39.20 3.01 -11.67
C THR B 472 38.47 3.69 -12.83
N PHE B 473 37.90 2.89 -13.72
CA PHE B 473 37.18 3.40 -14.88
C PHE B 473 36.09 4.39 -14.50
N LEU B 474 35.28 4.02 -13.51
CA LEU B 474 34.20 4.90 -13.04
C LEU B 474 34.72 6.06 -12.19
N THR B 475 35.89 5.87 -11.58
CA THR B 475 36.55 6.94 -10.82
C THR B 475 37.12 8.00 -11.76
N GLU B 476 37.86 7.56 -12.78
CA GLU B 476 38.43 8.47 -13.78
C GLU B 476 37.36 9.24 -14.55
N ARG B 477 36.23 8.58 -14.81
CA ARG B 477 35.11 9.21 -15.51
C ARG B 477 34.25 10.11 -14.62
N LYS B 478 34.50 10.11 -13.30
CA LYS B 478 33.86 11.04 -12.37
C LYS B 478 32.35 10.75 -12.27
N LEU B 479 32.01 9.47 -12.10
CA LEU B 479 30.61 9.04 -12.11
C LEU B 479 30.10 8.71 -10.70
N ASP B 480 29.03 9.40 -10.30
CA ASP B 480 28.44 9.23 -8.97
C ASP B 480 27.62 7.94 -8.86
N VAL B 481 26.97 7.76 -7.71
CA VAL B 481 26.11 6.58 -7.47
C VAL B 481 24.93 6.53 -8.44
N GLY B 482 24.31 7.68 -8.68
CA GLY B 482 23.15 7.77 -9.58
C GLY B 482 23.45 7.37 -11.02
N LYS B 483 24.66 7.67 -11.48
CA LYS B 483 25.06 7.35 -12.85
C LYS B 483 25.22 5.85 -13.06
N VAL B 484 25.96 5.18 -12.17
CA VAL B 484 26.22 3.75 -12.29
C VAL B 484 24.94 2.94 -12.14
N TYR B 485 24.05 3.38 -11.25
CA TYR B 485 22.75 2.72 -11.08
C TYR B 485 21.98 2.73 -12.40
N LYS B 486 21.91 3.89 -13.05
CA LYS B 486 21.28 4.00 -14.37
C LYS B 486 21.83 2.98 -15.37
N LEU B 487 23.13 2.73 -15.32
CA LEU B 487 23.77 1.76 -16.22
C LEU B 487 23.33 0.32 -15.90
N LEU B 488 23.27 -0.03 -14.63
CA LEU B 488 22.81 -1.36 -14.21
C LEU B 488 21.37 -1.58 -14.65
N LEU B 489 20.58 -0.51 -14.59
CA LEU B 489 19.20 -0.53 -15.05
C LEU B 489 19.15 -0.63 -16.56
N ARG B 490 20.09 0.05 -17.23
CA ARG B 490 20.23 -0.05 -18.68
C ARG B 490 20.62 -1.46 -19.11
N TYR B 491 21.57 -2.06 -18.38
CA TYR B 491 22.04 -3.41 -18.71
C TYR B 491 20.86 -4.37 -18.76
N TYR B 492 19.99 -4.26 -17.76
CA TYR B 492 18.80 -5.11 -17.68
C TYR B 492 17.91 -4.98 -18.91
N ASN B 493 17.49 -3.76 -19.21
CA ASN B 493 16.55 -3.52 -20.31
C ASN B 493 17.12 -3.97 -21.66
N GLU B 494 18.33 -3.50 -21.97
CA GLU B 494 18.89 -3.69 -23.31
C GLU B 494 19.41 -5.11 -23.56
N GLU B 495 19.92 -5.76 -22.52
CA GLU B 495 20.58 -7.07 -22.69
C GLU B 495 19.97 -8.23 -21.90
N CYS B 496 19.19 -7.96 -20.85
CA CYS B 496 18.58 -9.02 -20.04
C CYS B 496 17.07 -9.18 -20.27
N ARG B 497 16.36 -8.08 -20.48
CA ARG B 497 14.89 -8.10 -20.56
C ARG B 497 14.37 -9.00 -21.70
N ASN B 498 14.98 -8.89 -22.87
CA ASN B 498 14.66 -9.76 -24.00
C ASN B 498 15.85 -10.67 -24.34
N CYS B 499 16.10 -11.63 -23.45
CA CYS B 499 17.17 -12.60 -23.62
C CYS B 499 16.60 -14.03 -23.51
N SER B 500 16.51 -14.72 -24.65
CA SER B 500 15.89 -16.05 -24.70
C SER B 500 16.78 -17.17 -24.14
N THR B 501 18.08 -16.88 -23.98
CA THR B 501 19.05 -17.81 -23.38
C THR B 501 19.19 -17.50 -21.89
N PRO B 502 19.62 -18.49 -21.07
CA PRO B 502 19.95 -18.20 -19.67
C PRO B 502 21.23 -17.37 -19.45
N GLY B 503 21.73 -16.72 -20.50
CA GLY B 503 22.83 -15.76 -20.39
C GLY B 503 22.84 -14.79 -21.57
N PRO B 504 23.03 -13.48 -21.30
CA PRO B 504 23.13 -12.52 -22.39
C PRO B 504 24.38 -12.71 -23.27
N ASP B 505 24.38 -12.10 -24.45
CA ASP B 505 25.51 -12.22 -25.38
C ASP B 505 26.72 -11.39 -24.92
N ILE B 506 26.48 -10.42 -24.03
CA ILE B 506 27.57 -9.64 -23.46
C ILE B 506 27.39 -9.52 -21.94
N LYS B 507 28.49 -9.62 -21.21
CA LYS B 507 28.47 -9.59 -19.75
C LYS B 507 28.28 -8.17 -19.21
N LEU B 508 28.06 -8.08 -17.90
CA LEU B 508 27.82 -6.80 -17.23
C LEU B 508 28.96 -5.81 -17.46
N TYR B 509 30.17 -6.21 -17.12
CA TYR B 509 31.31 -5.29 -17.13
C TYR B 509 31.68 -4.82 -18.55
N PRO B 510 31.78 -5.75 -19.52
CA PRO B 510 31.99 -5.33 -20.90
C PRO B 510 30.93 -4.37 -21.45
N PHE B 511 29.69 -4.49 -20.99
CA PHE B 511 28.61 -3.62 -21.43
C PHE B 511 28.80 -2.18 -20.92
N ILE B 512 29.20 -2.07 -19.66
CA ILE B 512 29.46 -0.76 -19.04
C ILE B 512 30.59 -0.04 -19.77
N TYR B 513 31.65 -0.77 -20.11
CA TYR B 513 32.75 -0.20 -20.89
C TYR B 513 32.28 0.27 -22.28
N HIS B 514 31.34 -0.46 -22.88
CA HIS B 514 30.84 -0.14 -24.21
C HIS B 514 29.86 1.04 -24.21
N ALA B 515 28.95 1.05 -23.24
CA ALA B 515 27.91 2.08 -23.16
C ALA B 515 28.46 3.43 -22.66
N VAL B 516 29.54 3.40 -21.88
CA VAL B 516 30.13 4.62 -21.32
C VAL B 516 30.93 5.40 -22.36
N GLU B 517 31.76 4.70 -23.12
CA GLU B 517 32.60 5.33 -24.15
C GLU B 517 31.79 5.78 -25.38
N SER B 518 30.60 5.20 -25.55
CA SER B 518 29.70 5.60 -26.64
C SER B 518 28.99 6.91 -26.30
N LYS C 7 -24.88 2.27 -1.30
CA LYS C 7 -23.45 2.44 -1.67
C LYS C 7 -23.17 1.91 -3.08
N LYS C 8 -22.80 2.82 -3.98
CA LYS C 8 -22.46 2.44 -5.36
C LYS C 8 -21.05 1.88 -5.47
N TRP C 9 -20.20 2.22 -4.51
CA TRP C 9 -18.80 1.75 -4.53
C TRP C 9 -18.26 1.44 -3.13
N LEU C 10 -17.23 0.60 -3.11
CA LEU C 10 -16.63 0.07 -1.88
C LEU C 10 -15.10 0.02 -1.98
N GLY C 11 -14.41 0.42 -0.90
CA GLY C 11 -12.96 0.24 -0.78
C GLY C 11 -12.17 1.54 -0.74
N THR C 12 -10.96 1.51 -1.33
CA THR C 12 -10.12 2.69 -1.44
C THR C 12 -10.69 3.63 -2.51
N PRO C 13 -11.03 4.88 -2.14
CA PRO C 13 -11.59 5.85 -3.11
C PRO C 13 -10.87 5.86 -4.45
N ILE C 14 -11.63 5.94 -5.55
CA ILE C 14 -11.06 5.82 -6.90
C ILE C 14 -10.04 6.91 -7.22
N GLU C 15 -10.21 8.09 -6.63
CA GLU C 15 -9.27 9.20 -6.81
C GLU C 15 -7.88 8.98 -6.17
N GLU C 16 -7.77 8.00 -5.26
CA GLU C 16 -6.49 7.71 -4.58
C GLU C 16 -5.63 6.66 -5.30
N MSE C 17 -6.06 6.23 -6.49
CA MSE C 17 -5.33 5.22 -7.26
C MSE C 17 -4.37 5.85 -8.26
O MSE C 17 -4.67 6.90 -8.86
CB MSE C 17 -6.31 4.32 -8.02
CG MSE C 17 -7.28 3.54 -7.13
SE MSE C 17 -6.42 2.23 -5.97
CE MSE C 17 -7.98 1.11 -5.52
N ARG C 18 -3.21 5.23 -8.45
CA ARG C 18 -2.25 5.66 -9.46
C ARG C 18 -2.86 5.55 -10.86
N LYS C 19 -2.80 6.63 -11.62
CA LYS C 19 -3.24 6.63 -13.02
C LYS C 19 -2.34 7.50 -13.89
N MSE C 20 -2.16 7.08 -15.13
CA MSE C 20 -1.34 7.80 -16.11
C MSE C 20 -2.01 9.12 -16.53
O MSE C 20 -3.23 9.23 -16.49
CB MSE C 20 -1.12 6.92 -17.35
CG MSE C 20 -0.25 5.70 -17.10
SE MSE C 20 1.66 6.16 -16.93
CE MSE C 20 1.99 6.73 -18.78
N PRO C 21 -1.20 10.13 -16.92
CA PRO C 21 0.26 10.14 -17.00
C PRO C 21 0.98 10.47 -15.68
N ARG C 22 0.27 10.92 -14.64
CA ARG C 22 0.90 11.38 -13.40
C ARG C 22 1.84 10.37 -12.75
N CYS C 23 1.41 9.10 -12.68
CA CYS C 23 2.23 8.04 -12.09
C CYS C 23 3.37 7.60 -13.01
N GLY C 24 3.29 7.97 -14.30
CA GLY C 24 4.26 7.53 -15.30
C GLY C 24 5.73 7.82 -15.01
N ILE C 25 6.58 6.93 -15.53
CA ILE C 25 8.04 7.07 -15.46
C ILE C 25 8.52 8.08 -16.50
N HIS C 26 9.76 8.51 -16.34
CA HIS C 26 10.42 9.30 -17.38
C HIS C 26 10.77 8.39 -18.56
N LEU C 27 10.08 8.60 -19.68
CA LEU C 27 10.33 7.82 -20.90
C LEU C 27 11.70 8.15 -21.50
N PRO C 28 12.45 7.11 -21.92
CA PRO C 28 13.67 7.35 -22.68
C PRO C 28 13.35 7.70 -24.14
N SER C 29 14.32 8.25 -24.86
CA SER C 29 14.10 8.66 -26.24
C SER C 29 13.71 7.47 -27.11
N LEU C 30 12.63 7.63 -27.88
CA LEU C 30 12.13 6.57 -28.75
C LEU C 30 13.15 6.28 -29.84
N ARG C 31 13.71 5.07 -29.83
CA ARG C 31 14.63 4.62 -30.88
C ARG C 31 14.29 3.21 -31.30
N PRO C 32 14.56 2.87 -32.58
CA PRO C 32 14.42 1.49 -33.01
C PRO C 32 15.52 0.60 -32.42
N SER C 33 15.18 -0.68 -32.21
CA SER C 33 16.13 -1.65 -31.67
C SER C 33 15.69 -3.04 -32.13
N ALA C 34 16.44 -4.06 -31.71
CA ALA C 34 16.12 -5.44 -32.06
C ALA C 34 14.80 -5.89 -31.44
N SER C 35 14.43 -5.31 -30.30
CA SER C 35 13.16 -5.65 -29.64
C SER C 35 12.06 -4.61 -29.90
N HIS C 36 12.35 -3.57 -30.68
CA HIS C 36 11.39 -2.50 -30.91
C HIS C 36 11.48 -1.96 -32.34
N THR C 37 10.43 -2.19 -33.10
CA THR C 37 10.31 -1.70 -34.45
C THR C 37 9.57 -0.37 -34.39
N VAL C 38 10.17 0.67 -34.97
CA VAL C 38 9.56 2.00 -34.98
C VAL C 38 9.45 2.46 -36.42
N THR C 39 8.25 2.80 -36.86
CA THR C 39 8.02 3.02 -38.28
C THR C 39 7.86 4.50 -38.63
N VAL C 40 8.29 5.38 -37.74
CA VAL C 40 8.25 6.81 -37.99
C VAL C 40 9.57 7.46 -37.65
N ARG C 41 9.74 8.66 -38.19
CA ARG C 41 10.90 9.50 -37.92
C ARG C 41 10.82 10.08 -36.52
N VAL C 42 11.68 9.62 -35.62
CA VAL C 42 11.64 10.09 -34.23
C VAL C 42 12.29 11.46 -34.07
N ASP C 43 13.20 11.79 -34.98
CA ASP C 43 13.80 13.14 -35.03
C ASP C 43 12.77 14.25 -35.33
N LEU C 44 11.71 13.92 -36.05
CA LEU C 44 10.69 14.91 -36.45
C LEU C 44 9.42 14.86 -35.60
N LEU C 45 9.40 14.01 -34.58
CA LEU C 45 8.19 13.78 -33.79
C LEU C 45 7.87 14.95 -32.87
N ARG C 46 6.65 15.49 -32.98
CA ARG C 46 6.22 16.60 -32.12
C ARG C 46 4.71 16.78 -32.06
N ALA C 47 4.25 17.35 -30.95
CA ALA C 47 2.83 17.56 -30.69
C ALA C 47 2.11 18.30 -31.82
N GLY C 48 0.99 17.73 -32.25
CA GLY C 48 0.11 18.38 -33.23
C GLY C 48 0.44 18.10 -34.69
N GLU C 49 1.57 17.43 -34.94
CA GLU C 49 2.04 17.22 -36.30
C GLU C 49 1.96 15.73 -36.64
N VAL C 50 1.50 15.43 -37.85
CA VAL C 50 1.43 14.06 -38.34
C VAL C 50 2.85 13.48 -38.44
N PRO C 51 3.12 12.36 -37.76
CA PRO C 51 4.44 11.73 -37.85
C PRO C 51 4.86 11.43 -39.28
N LYS C 52 6.15 11.47 -39.53
CA LYS C 52 6.67 11.19 -40.85
C LYS C 52 7.12 9.73 -40.87
N PRO C 53 6.73 8.98 -41.91
CA PRO C 53 7.15 7.58 -41.95
C PRO C 53 8.63 7.43 -42.18
N PHE C 54 9.21 6.37 -41.62
CA PHE C 54 10.60 6.01 -41.89
C PHE C 54 10.66 4.54 -42.31
N PRO C 55 11.27 4.25 -43.47
CA PRO C 55 12.01 5.18 -44.33
C PRO C 55 11.05 6.02 -45.19
N THR C 56 11.60 6.98 -45.92
CA THR C 56 10.75 7.85 -46.73
C THR C 56 10.10 7.09 -47.87
N HIS C 57 10.86 6.23 -48.54
CA HIS C 57 10.33 5.45 -49.66
C HIS C 57 10.13 3.97 -49.29
N TYR C 58 9.12 3.37 -49.91
CA TYR C 58 8.68 2.01 -49.60
C TYR C 58 9.81 0.99 -49.69
N LYS C 59 10.00 0.25 -48.61
CA LYS C 59 10.84 -0.94 -48.61
C LYS C 59 9.87 -2.10 -48.51
N ASP C 60 10.09 -3.15 -49.30
CA ASP C 60 9.21 -4.30 -49.29
C ASP C 60 9.94 -5.58 -48.88
N LEU C 61 9.39 -6.26 -47.88
CA LEU C 61 9.78 -7.63 -47.55
C LEU C 61 8.56 -8.54 -47.71
N TRP C 62 8.75 -9.62 -48.45
CA TRP C 62 7.69 -10.60 -48.72
C TRP C 62 8.24 -11.94 -48.28
N ASP C 63 8.02 -12.28 -47.00
CA ASP C 63 8.60 -13.48 -46.39
C ASP C 63 7.78 -13.90 -45.16
N ASN C 64 8.22 -14.97 -44.48
CA ASN C 64 7.49 -15.53 -43.34
C ASN C 64 7.68 -14.79 -42.01
N LYS C 65 8.38 -13.66 -42.02
CA LYS C 65 8.68 -12.92 -40.79
C LYS C 65 7.96 -11.58 -40.72
N HIS C 66 7.41 -11.13 -41.84
CA HIS C 66 6.76 -9.83 -41.89
C HIS C 66 5.42 -9.94 -42.58
N VAL C 67 4.54 -8.99 -42.29
CA VAL C 67 3.25 -8.91 -42.94
C VAL C 67 3.44 -8.86 -44.45
N LYS C 68 2.59 -9.60 -45.16
CA LYS C 68 2.56 -9.53 -46.61
C LYS C 68 1.63 -8.39 -47.03
N MSE C 69 2.23 -7.35 -47.60
CA MSE C 69 1.52 -6.11 -47.88
C MSE C 69 0.87 -6.20 -49.25
O MSE C 69 1.45 -6.81 -50.15
CB MSE C 69 2.49 -4.94 -47.80
CG MSE C 69 3.08 -4.74 -46.40
SE MSE C 69 1.83 -3.81 -45.22
CE MSE C 69 2.43 -1.98 -45.59
N PRO C 70 -0.32 -5.60 -49.42
CA PRO C 70 -0.98 -5.63 -50.72
C PRO C 70 -0.19 -4.93 -51.83
N CYS C 71 0.57 -3.89 -51.48
CA CYS C 71 1.34 -3.11 -52.43
C CYS C 71 2.69 -3.72 -52.83
N SER C 72 2.99 -4.92 -52.34
CA SER C 72 4.20 -5.62 -52.75
C SER C 72 4.18 -5.97 -54.24
N GLU C 73 5.34 -5.88 -54.88
CA GLU C 73 5.50 -6.31 -56.27
C GLU C 73 5.45 -7.83 -56.39
N GLN C 74 5.53 -8.54 -55.27
CA GLN C 74 5.45 -10.00 -55.27
C GLN C 74 4.02 -10.49 -55.03
N ASN C 75 3.11 -9.54 -54.78
CA ASN C 75 1.68 -9.81 -54.72
C ASN C 75 1.15 -9.94 -56.15
N LEU C 76 1.20 -11.17 -56.68
CA LEU C 76 0.96 -11.44 -58.09
C LEU C 76 -0.31 -12.25 -58.30
N TYR C 77 -0.97 -12.07 -59.44
CA TYR C 77 -2.20 -12.80 -59.77
C TYR C 77 -2.24 -13.29 -61.22
N PRO C 78 -2.99 -14.37 -61.48
CA PRO C 78 -3.11 -14.97 -62.81
C PRO C 78 -3.29 -13.97 -63.94
N THR C 87 2.22 -13.19 -68.17
CA THR C 87 1.10 -13.94 -67.58
C THR C 87 1.12 -13.91 -66.03
N ALA C 88 2.00 -13.07 -65.45
CA ALA C 88 1.99 -12.80 -64.01
C ALA C 88 1.78 -11.31 -63.79
N GLY C 89 0.60 -10.94 -63.27
CA GLY C 89 0.20 -9.54 -63.13
C GLY C 89 0.42 -8.98 -61.75
N SER C 90 0.38 -7.66 -61.64
CA SER C 90 0.48 -6.99 -60.35
C SER C 90 -0.91 -6.88 -59.73
N ARG C 91 -1.13 -7.57 -58.62
CA ARG C 91 -2.42 -7.49 -57.94
C ARG C 91 -2.64 -6.11 -57.32
N TRP C 92 -1.56 -5.44 -56.96
CA TRP C 92 -1.68 -4.09 -56.42
C TRP C 92 -2.27 -3.13 -57.46
N GLU C 93 -1.89 -3.30 -58.73
CA GLU C 93 -2.40 -2.47 -59.81
C GLU C 93 -3.87 -2.81 -60.11
N LEU C 94 -4.23 -4.08 -59.92
CA LEU C 94 -5.61 -4.52 -60.08
C LEU C 94 -6.47 -3.91 -58.96
N ILE C 95 -5.91 -3.87 -57.76
CA ILE C 95 -6.59 -3.24 -56.62
C ILE C 95 -6.86 -1.75 -56.90
N GLN C 96 -5.86 -1.05 -57.43
CA GLN C 96 -6.01 0.35 -57.81
C GLN C 96 -7.12 0.57 -58.85
N THR C 97 -7.09 -0.24 -59.91
CA THR C 97 -8.08 -0.17 -60.98
C THR C 97 -9.48 -0.48 -60.46
N ALA C 98 -9.56 -1.48 -59.58
CA ALA C 98 -10.83 -1.89 -58.99
C ALA C 98 -11.42 -0.78 -58.12
N LEU C 99 -10.63 -0.23 -57.22
CA LEU C 99 -11.12 0.74 -56.24
C LEU C 99 -11.32 2.16 -56.81
N LEU C 100 -10.55 2.54 -57.83
CA LEU C 100 -10.66 3.90 -58.39
C LEU C 100 -11.85 4.03 -59.36
N ASN C 101 -13.01 3.57 -58.93
CA ASN C 101 -14.26 3.74 -59.68
C ASN C 101 -15.30 4.44 -58.79
N LYS C 102 -16.34 4.97 -59.41
CA LYS C 102 -17.39 5.65 -58.67
C LYS C 102 -18.37 4.63 -58.08
N PHE C 103 -18.57 4.71 -56.77
CA PHE C 103 -19.58 3.89 -56.10
C PHE C 103 -20.90 4.66 -56.01
N THR C 104 -21.91 4.19 -56.71
CA THR C 104 -23.26 4.76 -56.61
C THR C 104 -24.19 3.81 -55.84
N ARG C 105 -24.00 2.51 -56.03
CA ARG C 105 -24.78 1.48 -55.35
C ARG C 105 -23.85 0.55 -54.56
N PRO C 106 -24.41 -0.27 -53.66
CA PRO C 106 -23.59 -1.26 -52.94
C PRO C 106 -22.93 -2.27 -53.87
N GLN C 107 -23.67 -2.72 -54.87
CA GLN C 107 -23.20 -3.65 -55.89
C GLN C 107 -21.85 -3.22 -56.49
N ASN C 108 -21.70 -1.92 -56.74
CA ASN C 108 -20.43 -1.37 -57.24
C ASN C 108 -19.26 -1.70 -56.32
N LEU C 109 -19.52 -1.64 -55.01
CA LEU C 109 -18.48 -1.89 -54.00
C LEU C 109 -18.19 -3.39 -53.93
N LYS C 110 -19.25 -4.20 -53.96
CA LYS C 110 -19.11 -5.66 -54.02
C LYS C 110 -18.25 -6.07 -55.21
N ASP C 111 -18.64 -5.62 -56.41
CA ASP C 111 -17.94 -5.98 -57.64
C ASP C 111 -16.45 -5.61 -57.59
N ALA C 112 -16.13 -4.42 -57.08
CA ALA C 112 -14.73 -3.98 -56.99
C ALA C 112 -13.91 -4.90 -56.08
N ILE C 113 -14.41 -5.13 -54.87
CA ILE C 113 -13.71 -5.94 -53.89
C ILE C 113 -13.45 -7.35 -54.40
N LEU C 114 -14.34 -7.83 -55.28
CA LEU C 114 -14.23 -9.17 -55.85
C LEU C 114 -13.36 -9.26 -57.11
N LYS C 115 -12.99 -8.12 -57.69
CA LYS C 115 -12.08 -8.13 -58.86
C LYS C 115 -10.71 -8.74 -58.48
N TYR C 116 -10.25 -8.48 -57.26
CA TYR C 116 -8.98 -9.01 -56.74
C TYR C 116 -9.18 -10.11 -55.69
N ASN C 117 -10.39 -10.66 -55.67
CA ASN C 117 -10.78 -11.76 -54.78
C ASN C 117 -11.72 -12.71 -55.53
N VAL C 118 -11.26 -13.15 -56.71
CA VAL C 118 -12.10 -13.89 -57.67
C VAL C 118 -12.59 -15.25 -57.15
N ALA C 119 -11.73 -15.93 -56.38
CA ALA C 119 -12.06 -17.25 -55.82
C ALA C 119 -13.26 -17.19 -54.87
N TYR C 120 -13.46 -16.03 -54.24
CA TYR C 120 -14.50 -15.83 -53.24
C TYR C 120 -15.78 -15.17 -53.77
N SER C 121 -15.88 -15.03 -55.09
CA SER C 121 -17.06 -14.39 -55.70
C SER C 121 -18.38 -15.13 -55.40
N LYS C 122 -18.30 -16.45 -55.16
CA LYS C 122 -19.48 -17.25 -54.80
C LYS C 122 -19.64 -17.50 -53.30
N LYS C 123 -18.62 -17.16 -52.50
CA LYS C 123 -18.63 -17.43 -51.05
C LYS C 123 -18.84 -16.18 -50.19
N TRP C 124 -18.43 -15.03 -50.70
CA TRP C 124 -18.57 -13.79 -49.93
C TRP C 124 -19.93 -13.17 -50.16
N ASP C 125 -20.79 -13.29 -49.15
CA ASP C 125 -22.11 -12.68 -49.13
C ASP C 125 -21.97 -11.22 -48.67
N PHE C 126 -22.75 -10.32 -49.28
CA PHE C 126 -22.70 -8.89 -48.98
C PHE C 126 -24.07 -8.31 -48.60
N THR C 127 -24.95 -9.16 -48.07
CA THR C 127 -26.32 -8.73 -47.78
C THR C 127 -26.37 -7.70 -46.64
N ALA C 128 -25.54 -7.87 -45.63
CA ALA C 128 -25.46 -6.90 -44.53
C ALA C 128 -25.05 -5.54 -45.04
N LEU C 129 -24.12 -5.51 -45.98
CA LEU C 129 -23.64 -4.27 -46.60
C LEU C 129 -24.77 -3.54 -47.31
N VAL C 130 -25.51 -4.26 -48.15
CA VAL C 130 -26.64 -3.69 -48.90
C VAL C 130 -27.77 -3.24 -47.98
N ASP C 131 -28.05 -4.04 -46.94
CA ASP C 131 -29.05 -3.69 -45.93
C ASP C 131 -28.72 -2.37 -45.27
N PHE C 132 -27.48 -2.26 -44.79
CA PHE C 132 -26.97 -1.03 -44.19
C PHE C 132 -27.09 0.16 -45.13
N TRP C 133 -26.59 -0.02 -46.36
CA TRP C 133 -26.60 1.05 -47.36
C TRP C 133 -28.01 1.53 -47.65
N ASP C 134 -28.89 0.59 -48.04
CA ASP C 134 -30.22 0.93 -48.58
C ASP C 134 -31.29 1.25 -47.52
N LYS C 135 -31.29 0.53 -46.41
CA LYS C 135 -32.36 0.65 -45.40
C LYS C 135 -31.94 1.44 -44.15
N VAL C 136 -30.84 1.02 -43.51
CA VAL C 136 -30.43 1.60 -42.22
C VAL C 136 -29.94 3.03 -42.38
N LEU C 137 -29.12 3.26 -43.40
CA LEU C 137 -28.71 4.62 -43.77
C LEU C 137 -29.83 5.34 -44.53
N GLU C 138 -29.92 6.66 -44.32
CA GLU C 138 -30.85 7.51 -45.06
C GLU C 138 -30.17 8.02 -46.34
N GLU C 139 -30.92 8.73 -47.19
CA GLU C 139 -30.40 9.19 -48.48
C GLU C 139 -29.26 10.22 -48.34
N ALA C 140 -29.43 11.18 -47.42
CA ALA C 140 -28.40 12.20 -47.17
C ALA C 140 -27.16 11.58 -46.50
N GLU C 141 -27.38 10.54 -45.70
CA GLU C 141 -26.29 9.80 -45.07
C GLU C 141 -25.59 8.87 -46.08
N ALA C 142 -26.36 8.28 -46.99
CA ALA C 142 -25.84 7.33 -47.98
C ALA C 142 -25.13 8.03 -49.13
N GLN C 143 -25.65 9.19 -49.53
CA GLN C 143 -24.95 10.03 -50.52
C GLN C 143 -23.59 10.45 -50.00
N HIS C 144 -23.55 10.88 -48.74
CA HIS C 144 -22.31 11.28 -48.09
C HIS C 144 -21.34 10.10 -48.02
N LEU C 145 -21.87 8.90 -47.84
CA LEU C 145 -21.07 7.68 -47.72
C LEU C 145 -20.25 7.35 -48.97
N TYR C 146 -20.83 7.60 -50.16
CA TYR C 146 -20.16 7.24 -51.42
C TYR C 146 -19.54 8.42 -52.18
N GLN C 147 -19.87 9.65 -51.78
CA GLN C 147 -19.26 10.84 -52.38
C GLN C 147 -18.07 11.37 -51.56
N SER C 148 -18.12 11.19 -50.24
CA SER C 148 -17.03 11.65 -49.37
C SER C 148 -16.30 10.50 -48.67
N ILE C 149 -17.03 9.71 -47.90
CA ILE C 149 -16.39 8.72 -47.03
C ILE C 149 -15.59 7.66 -47.80
N LEU C 150 -16.24 6.99 -48.75
CA LEU C 150 -15.60 5.89 -49.50
C LEU C 150 -14.45 6.34 -50.40
N PRO C 151 -14.66 7.38 -51.23
CA PRO C 151 -13.52 7.88 -52.01
C PRO C 151 -12.30 8.23 -51.13
N ASP C 152 -12.53 8.86 -49.98
CA ASP C 152 -11.44 9.21 -49.07
C ASP C 152 -10.77 7.97 -48.48
N MSE C 153 -11.56 6.91 -48.26
CA MSE C 153 -11.00 5.64 -47.78
C MSE C 153 -10.13 4.96 -48.82
O MSE C 153 -9.10 4.38 -48.47
CB MSE C 153 -12.12 4.69 -47.36
CG MSE C 153 -12.73 5.07 -46.03
SE MSE C 153 -14.27 3.98 -45.63
CE MSE C 153 -13.38 2.27 -45.34
N VAL C 154 -10.50 5.05 -50.09
CA VAL C 154 -9.68 4.54 -51.18
C VAL C 154 -8.34 5.30 -51.25
N LYS C 155 -8.41 6.64 -51.18
CA LYS C 155 -7.19 7.46 -51.18
C LYS C 155 -6.16 6.98 -50.15
N ILE C 156 -6.55 6.89 -48.88
CA ILE C 156 -5.61 6.51 -47.83
C ILE C 156 -5.19 5.04 -47.93
N ALA C 157 -6.12 4.20 -48.41
CA ALA C 157 -5.80 2.79 -48.65
C ALA C 157 -4.71 2.67 -49.73
N LEU C 158 -4.90 3.40 -50.84
CA LEU C 158 -3.95 3.38 -51.95
C LEU C 158 -2.65 4.14 -51.66
N CYS C 159 -2.67 5.02 -50.65
CA CYS C 159 -1.46 5.70 -50.18
C CYS C 159 -0.53 4.81 -49.33
N LEU C 160 -0.92 3.55 -49.14
CA LEU C 160 -0.24 2.67 -48.21
C LEU C 160 1.28 2.61 -48.43
N PRO C 161 1.74 2.41 -49.68
CA PRO C 161 3.18 2.35 -49.88
C PRO C 161 3.97 3.60 -49.50
N ASN C 162 3.30 4.77 -49.48
CA ASN C 162 3.95 6.03 -49.08
C ASN C 162 3.80 6.32 -47.59
N ILE C 163 2.91 5.57 -46.93
CA ILE C 163 2.63 5.76 -45.52
C ILE C 163 3.28 4.66 -44.66
N CYS C 164 3.10 3.41 -45.08
CA CYS C 164 3.70 2.24 -44.42
C CYS C 164 4.91 1.77 -45.23
N THR C 165 6.01 2.48 -45.06
CA THR C 165 7.18 2.28 -45.88
C THR C 165 8.08 1.17 -45.32
N GLN C 166 7.90 0.87 -44.03
CA GLN C 166 8.75 -0.11 -43.35
C GLN C 166 8.00 -1.40 -43.14
N PRO C 167 8.61 -2.54 -43.52
CA PRO C 167 8.00 -3.85 -43.28
C PRO C 167 7.53 -4.03 -41.84
N ILE C 168 6.33 -4.55 -41.66
CA ILE C 168 5.81 -4.77 -40.32
C ILE C 168 6.06 -6.20 -39.88
N PRO C 169 6.74 -6.38 -38.74
CA PRO C 169 7.06 -7.74 -38.33
C PRO C 169 5.86 -8.44 -37.73
N LEU C 170 5.79 -9.74 -37.95
CA LEU C 170 4.76 -10.56 -37.32
C LEU C 170 5.13 -10.76 -35.88
N LEU C 171 4.18 -10.53 -34.98
CA LEU C 171 4.37 -10.80 -33.56
C LEU C 171 4.04 -12.27 -33.30
N LYS C 172 5.05 -13.12 -33.53
CA LYS C 172 4.94 -14.57 -33.38
C LYS C 172 5.02 -15.02 -31.94
N GLN C 173 4.55 -16.24 -31.69
CA GLN C 173 4.59 -16.86 -30.36
C GLN C 173 6.01 -16.93 -29.80
N LYS C 174 6.14 -16.64 -28.51
CA LYS C 174 7.41 -16.62 -27.76
C LYS C 174 8.22 -15.34 -27.97
N MSE C 175 7.88 -14.59 -29.01
CA MSE C 175 8.60 -13.40 -29.38
C MSE C 175 8.21 -12.26 -28.43
O MSE C 175 7.01 -12.02 -28.22
CB MSE C 175 8.24 -13.06 -30.82
CG MSE C 175 9.30 -12.47 -31.66
SE MSE C 175 8.59 -12.41 -33.46
CE MSE C 175 9.59 -13.90 -34.25
N ASN C 176 9.20 -11.62 -27.82
CA ASN C 176 8.98 -10.47 -26.94
C ASN C 176 9.38 -9.21 -27.70
N HIS C 177 8.42 -8.60 -28.37
CA HIS C 177 8.72 -7.55 -29.33
C HIS C 177 7.65 -6.49 -29.32
N SER C 178 8.04 -5.28 -29.74
CA SER C 178 7.15 -4.16 -29.80
C SER C 178 7.23 -3.52 -31.16
N VAL C 179 6.09 -3.02 -31.64
CA VAL C 179 6.09 -2.25 -32.87
C VAL C 179 5.31 -0.97 -32.62
N THR C 180 5.99 0.16 -32.85
CA THR C 180 5.40 1.47 -32.64
C THR C 180 5.22 2.17 -33.98
N MSE C 181 4.08 2.84 -34.11
CA MSE C 181 3.47 3.09 -35.38
C MSE C 181 2.49 4.25 -35.25
O MSE C 181 2.02 4.54 -34.16
CB MSE C 181 2.79 1.78 -35.76
CG MSE C 181 1.87 1.75 -36.93
SE MSE C 181 1.23 -0.11 -36.97
CE MSE C 181 -0.17 0.12 -38.29
N SER C 182 2.20 4.93 -36.35
CA SER C 182 1.37 6.14 -36.26
C SER C 182 -0.10 5.79 -36.41
N GLN C 183 -0.97 6.64 -35.85
CA GLN C 183 -2.40 6.50 -36.11
C GLN C 183 -2.71 6.60 -37.60
N GLU C 184 -1.94 7.43 -38.31
CA GLU C 184 -2.11 7.60 -39.76
C GLU C 184 -1.82 6.31 -40.50
N GLN C 185 -0.68 5.73 -40.22
CA GLN C 185 -0.35 4.41 -40.75
C GLN C 185 -1.44 3.39 -40.44
N ILE C 186 -1.96 3.40 -39.21
CA ILE C 186 -2.99 2.43 -38.83
C ILE C 186 -4.25 2.63 -39.67
N ALA C 187 -4.69 3.88 -39.85
CA ALA C 187 -5.80 4.19 -40.76
C ALA C 187 -5.64 3.51 -42.12
N SER C 188 -4.49 3.71 -42.76
CA SER C 188 -4.26 3.21 -44.10
C SER C 188 -4.31 1.70 -44.15
N LEU C 189 -3.76 1.06 -43.12
CA LEU C 189 -3.87 -0.38 -42.97
C LEU C 189 -5.34 -0.82 -42.80
N LEU C 190 -6.10 -0.13 -41.97
CA LEU C 190 -7.49 -0.53 -41.71
C LEU C 190 -8.38 -0.32 -42.95
N ALA C 191 -8.11 0.75 -43.69
CA ALA C 191 -8.78 1.00 -44.94
C ALA C 191 -8.59 -0.18 -45.88
N ASN C 192 -7.37 -0.69 -45.96
CA ASN C 192 -7.08 -1.86 -46.82
C ASN C 192 -7.83 -3.11 -46.36
N ALA C 193 -7.80 -3.37 -45.06
CA ALA C 193 -8.58 -4.46 -44.46
C ALA C 193 -10.07 -4.32 -44.77
N PHE C 194 -10.61 -3.10 -44.74
CA PHE C 194 -12.00 -2.87 -45.16
C PHE C 194 -12.25 -3.33 -46.59
N PHE C 195 -11.37 -2.93 -47.51
CA PHE C 195 -11.49 -3.31 -48.92
C PHE C 195 -10.95 -4.73 -49.21
N CYS C 196 -10.49 -5.42 -48.17
CA CYS C 196 -10.10 -6.84 -48.25
C CYS C 196 -8.92 -7.07 -49.21
N THR C 197 -7.87 -6.26 -49.06
CA THR C 197 -6.76 -6.27 -50.01
C THR C 197 -5.61 -7.16 -49.56
N PHE C 198 -5.52 -7.45 -48.27
CA PHE C 198 -4.40 -8.22 -47.72
C PHE C 198 -4.33 -9.63 -48.32
N PRO C 199 -3.23 -9.95 -49.02
CA PRO C 199 -3.10 -11.23 -49.70
C PRO C 199 -2.84 -12.42 -48.77
N ARG C 200 -3.39 -13.57 -49.17
CA ARG C 200 -3.23 -14.83 -48.45
C ARG C 200 -3.78 -14.82 -47.01
N ARG C 201 -4.81 -14.01 -46.75
CA ARG C 201 -5.45 -13.96 -45.44
C ARG C 201 -6.90 -14.39 -45.46
N ASN C 202 -7.32 -15.16 -46.49
CA ASN C 202 -8.74 -15.49 -46.69
C ASN C 202 -9.14 -16.97 -46.68
N ALA C 203 -8.18 -17.87 -46.86
CA ALA C 203 -8.48 -19.29 -47.07
C ALA C 203 -8.92 -20.01 -45.79
N LYS C 204 -9.81 -20.99 -45.93
CA LYS C 204 -10.23 -21.82 -44.79
C LYS C 204 -9.15 -22.85 -44.46
N MET C 205 -8.64 -23.53 -45.49
CA MET C 205 -7.56 -24.50 -45.32
C MET C 205 -6.21 -23.80 -45.16
N LYS C 206 -6.20 -22.49 -45.41
CA LYS C 206 -5.08 -21.59 -45.13
C LYS C 206 -4.04 -22.17 -44.18
N SER C 207 -2.77 -22.03 -44.55
CA SER C 207 -1.69 -22.64 -43.80
C SER C 207 -0.82 -21.59 -43.13
N GLU C 208 -0.30 -20.65 -43.92
CA GLU C 208 0.64 -19.66 -43.38
C GLU C 208 0.03 -18.86 -42.23
N TYR C 209 -1.19 -18.35 -42.44
CA TYR C 209 -1.82 -17.44 -41.48
C TYR C 209 -2.99 -18.07 -40.72
N SER C 210 -2.99 -19.39 -40.57
CA SER C 210 -4.06 -20.08 -39.85
C SER C 210 -4.02 -19.82 -38.34
N SER C 211 -2.84 -19.53 -37.82
CA SER C 211 -2.67 -19.20 -36.41
C SER C 211 -2.78 -17.69 -36.12
N TYR C 212 -3.30 -16.92 -37.09
CA TYR C 212 -3.50 -15.48 -36.96
C TYR C 212 -4.99 -15.17 -37.08
N PRO C 213 -5.45 -14.09 -36.45
CA PRO C 213 -6.87 -13.74 -36.64
C PRO C 213 -7.16 -13.23 -38.05
N ASP C 214 -8.43 -13.21 -38.43
CA ASP C 214 -8.85 -12.60 -39.68
C ASP C 214 -8.56 -11.11 -39.60
N ILE C 215 -8.04 -10.54 -40.68
CA ILE C 215 -7.82 -9.11 -40.78
C ILE C 215 -8.77 -8.45 -41.78
N ASN C 216 -9.00 -9.12 -42.91
CA ASN C 216 -9.92 -8.60 -43.92
C ASN C 216 -11.35 -8.55 -43.34
N PHE C 217 -12.14 -7.60 -43.81
CA PHE C 217 -13.44 -7.25 -43.21
C PHE C 217 -14.62 -7.89 -43.93
N ASN C 218 -14.39 -8.97 -44.69
CA ASN C 218 -15.47 -9.54 -45.53
C ASN C 218 -16.67 -9.99 -44.73
N ARG C 219 -16.43 -10.63 -43.59
CA ARG C 219 -17.52 -11.14 -42.75
C ARG C 219 -18.44 -10.06 -42.16
N LEU C 220 -17.98 -8.80 -42.09
CA LEU C 220 -18.84 -7.68 -41.70
C LEU C 220 -19.97 -7.41 -42.68
N PHE C 221 -19.81 -7.83 -43.94
CA PHE C 221 -20.80 -7.56 -44.99
C PHE C 221 -21.85 -8.67 -45.16
N GLU C 222 -21.60 -9.84 -44.56
CA GLU C 222 -22.43 -11.02 -44.78
C GLU C 222 -23.60 -11.11 -43.78
N GLY C 223 -24.61 -11.91 -44.15
CA GLY C 223 -25.66 -12.32 -43.21
C GLY C 223 -26.88 -11.42 -43.10
N ARG C 224 -27.67 -11.64 -42.04
CA ARG C 224 -28.82 -10.81 -41.73
C ARG C 224 -28.93 -10.51 -40.23
N SER C 225 -27.77 -10.40 -39.57
CA SER C 225 -27.72 -9.88 -38.20
C SER C 225 -27.99 -8.37 -38.24
N SER C 226 -28.91 -7.92 -37.39
CA SER C 226 -29.26 -6.50 -37.31
C SER C 226 -28.18 -5.70 -36.58
N ARG C 227 -27.20 -6.39 -35.99
CA ARG C 227 -26.07 -5.74 -35.34
C ARG C 227 -24.97 -5.33 -36.33
N LYS C 228 -24.89 -5.97 -37.49
CA LYS C 228 -23.82 -5.66 -38.44
C LYS C 228 -23.89 -4.22 -38.93
N PRO C 229 -25.09 -3.72 -39.25
CA PRO C 229 -25.23 -2.27 -39.53
C PRO C 229 -24.69 -1.34 -38.43
N GLU C 230 -24.75 -1.78 -37.17
CA GLU C 230 -24.23 -0.99 -36.05
C GLU C 230 -22.71 -1.08 -35.98
N LYS C 231 -22.15 -2.23 -36.31
CA LYS C 231 -20.69 -2.36 -36.46
C LYS C 231 -20.20 -1.49 -37.61
N LEU C 232 -20.95 -1.51 -38.71
CA LEU C 232 -20.64 -0.67 -39.87
C LEU C 232 -20.79 0.81 -39.54
N LYS C 233 -21.79 1.17 -38.75
CA LYS C 233 -21.93 2.55 -38.26
C LYS C 233 -20.71 2.98 -37.45
N THR C 234 -20.30 2.10 -36.53
CA THR C 234 -19.24 2.42 -35.60
C THR C 234 -17.90 2.64 -36.30
N LEU C 235 -17.61 1.80 -37.30
CA LEU C 235 -16.35 1.88 -38.04
C LEU C 235 -16.32 3.06 -39.02
N PHE C 236 -17.46 3.43 -39.60
CA PHE C 236 -17.49 4.57 -40.53
C PHE C 236 -17.31 5.89 -39.80
N CYS C 237 -17.77 5.95 -38.55
CA CYS C 237 -17.48 7.07 -37.66
C CYS C 237 -15.98 7.29 -37.55
N TYR C 238 -15.26 6.18 -37.42
CA TYR C 238 -13.80 6.22 -37.38
C TYR C 238 -13.18 6.66 -38.72
N PHE C 239 -13.60 6.01 -39.81
CA PHE C 239 -13.05 6.29 -41.14
C PHE C 239 -13.38 7.71 -41.63
N ARG C 240 -14.54 8.24 -41.27
CA ARG C 240 -14.88 9.62 -41.57
C ARG C 240 -13.97 10.57 -40.79
N ARG C 241 -13.66 10.22 -39.55
CA ARG C 241 -12.89 11.09 -38.69
C ARG C 241 -11.44 11.17 -39.16
N VAL C 242 -10.81 10.02 -39.33
CA VAL C 242 -9.40 9.96 -39.72
C VAL C 242 -9.11 10.45 -41.15
N THR C 243 -10.10 10.34 -42.06
CA THR C 243 -9.95 10.87 -43.41
C THR C 243 -10.17 12.39 -43.50
N GLU C 244 -11.00 12.94 -42.61
CA GLU C 244 -11.28 14.38 -42.58
C GLU C 244 -10.17 15.15 -41.85
N LYS C 245 -9.67 14.57 -40.76
CA LYS C 245 -8.62 15.17 -39.94
C LYS C 245 -7.61 14.09 -39.57
N LYS C 246 -6.41 14.19 -40.13
CA LYS C 246 -5.38 13.19 -39.89
C LYS C 246 -4.92 13.18 -38.42
N PRO C 247 -4.94 11.99 -37.79
CA PRO C 247 -4.53 11.85 -36.40
C PRO C 247 -3.01 11.93 -36.27
N THR C 248 -2.54 12.42 -35.14
CA THR C 248 -1.15 12.83 -34.98
C THR C 248 -0.37 12.01 -33.97
N GLY C 249 -1.00 11.01 -33.38
CA GLY C 249 -0.38 10.26 -32.28
C GLY C 249 0.30 8.97 -32.73
N LEU C 250 0.96 8.34 -31.76
CA LEU C 250 1.61 7.05 -31.97
C LEU C 250 0.87 5.98 -31.17
N VAL C 251 1.00 4.72 -31.59
CA VAL C 251 0.45 3.57 -30.86
C VAL C 251 1.50 2.46 -30.81
N THR C 252 1.68 1.84 -29.63
CA THR C 252 2.62 0.73 -29.47
C THR C 252 1.90 -0.59 -29.23
N PHE C 253 2.40 -1.65 -29.86
CA PHE C 253 1.88 -3.00 -29.70
C PHE C 253 3.02 -3.85 -29.21
N THR C 254 2.86 -4.43 -28.03
CA THR C 254 3.88 -5.25 -27.42
C THR C 254 3.33 -6.65 -27.18
N ARG C 255 4.01 -7.66 -27.68
CA ARG C 255 3.74 -9.01 -27.28
C ARG C 255 4.68 -9.33 -26.13
N GLN C 256 4.11 -9.76 -25.01
CA GLN C 256 4.91 -10.17 -23.86
C GLN C 256 4.69 -11.65 -23.62
N SER C 257 5.76 -12.36 -23.32
CA SER C 257 5.74 -13.80 -23.12
C SER C 257 6.72 -14.14 -22.00
N LEU C 258 6.22 -14.78 -20.95
CA LEU C 258 7.05 -15.15 -19.80
C LEU C 258 7.36 -16.64 -19.80
N GLU C 259 8.61 -16.99 -19.51
CA GLU C 259 9.03 -18.37 -19.44
C GLU C 259 8.85 -18.93 -18.04
N ASP C 260 9.11 -18.12 -17.02
CA ASP C 260 9.01 -18.56 -15.63
C ASP C 260 8.03 -17.72 -14.83
N PHE C 261 7.13 -18.40 -14.11
CA PHE C 261 6.10 -17.75 -13.31
C PHE C 261 6.33 -17.97 -11.82
N PRO C 262 5.69 -17.14 -10.97
CA PRO C 262 5.90 -17.27 -9.53
C PRO C 262 5.37 -18.58 -8.96
N GLU C 263 6.11 -19.16 -8.02
CA GLU C 263 5.63 -20.31 -7.28
C GLU C 263 4.61 -19.78 -6.30
N TRP C 264 3.33 -19.87 -6.70
CA TRP C 264 2.25 -19.15 -6.03
C TRP C 264 2.04 -19.59 -4.59
N GLU C 265 2.28 -20.87 -4.32
CA GLU C 265 2.14 -21.42 -2.97
C GLU C 265 3.14 -20.79 -1.98
N ARG C 266 4.30 -20.37 -2.47
CA ARG C 266 5.35 -19.79 -1.62
C ARG C 266 5.52 -18.28 -1.76
N CYS C 267 4.52 -17.60 -2.32
CA CYS C 267 4.62 -16.15 -2.54
C CYS C 267 4.36 -15.37 -1.26
N GLU C 268 5.27 -14.49 -0.91
CA GLU C 268 5.22 -13.74 0.36
C GLU C 268 4.68 -12.32 0.19
N LYS C 269 4.25 -11.97 -1.02
CA LYS C 269 3.79 -10.62 -1.29
C LYS C 269 2.42 -10.33 -0.63
N PRO C 270 2.24 -9.13 -0.07
CA PRO C 270 0.93 -8.79 0.47
C PRO C 270 -0.04 -8.32 -0.61
N LEU C 271 -1.34 -8.40 -0.32
CA LEU C 271 -2.37 -7.84 -1.19
C LEU C 271 -2.27 -6.32 -1.25
N THR C 272 -2.87 -5.74 -2.29
CA THR C 272 -2.87 -4.30 -2.51
C THR C 272 -4.28 -3.74 -2.31
N ARG C 273 -4.49 -2.49 -2.72
CA ARG C 273 -5.76 -1.82 -2.53
C ARG C 273 -6.77 -2.29 -3.56
N LEU C 274 -8.06 -2.16 -3.21
CA LEU C 274 -9.17 -2.59 -4.04
C LEU C 274 -10.25 -1.52 -4.05
N HIS C 275 -10.70 -1.15 -5.25
CA HIS C 275 -11.90 -0.33 -5.42
C HIS C 275 -12.87 -1.19 -6.22
N VAL C 276 -14.06 -1.44 -5.67
CA VAL C 276 -15.06 -2.23 -6.37
C VAL C 276 -16.39 -1.47 -6.45
N THR C 277 -16.97 -1.42 -7.65
CA THR C 277 -18.24 -0.73 -7.86
C THR C 277 -19.10 -1.53 -8.83
N TYR C 278 -20.42 -1.42 -8.70
CA TYR C 278 -21.33 -2.06 -9.64
C TYR C 278 -21.80 -1.09 -10.71
N GLU C 279 -21.35 0.16 -10.62
CA GLU C 279 -21.57 1.14 -11.68
C GLU C 279 -20.29 1.31 -12.49
N GLY C 280 -20.45 1.87 -13.69
CA GLY C 280 -19.31 2.22 -14.53
C GLY C 280 -18.83 1.09 -15.40
N THR C 281 -17.88 1.39 -16.27
CA THR C 281 -17.27 0.41 -17.17
C THR C 281 -15.74 0.57 -17.17
N ILE C 282 -15.05 -0.43 -17.69
CA ILE C 282 -13.60 -0.38 -17.81
C ILE C 282 -13.20 0.81 -18.66
N GLU C 283 -13.89 0.99 -19.79
CA GLU C 283 -13.56 2.04 -20.74
C GLU C 283 -14.00 3.40 -20.23
N GLY C 284 -15.18 3.44 -19.60
CA GLY C 284 -15.77 4.71 -19.17
C GLY C 284 -15.10 5.32 -17.96
N ASN C 285 -14.87 4.51 -16.92
CA ASN C 285 -14.36 5.00 -15.65
C ASN C 285 -12.96 4.47 -15.30
N GLY C 286 -12.27 3.91 -16.28
CA GLY C 286 -10.92 3.38 -16.05
C GLY C 286 -9.84 4.23 -16.72
N ARG C 287 -10.09 5.54 -16.81
CA ARG C 287 -9.23 6.47 -17.51
C ARG C 287 -7.83 6.52 -16.88
N GLY C 288 -6.80 6.36 -17.72
CA GLY C 288 -5.41 6.40 -17.26
C GLY C 288 -4.99 5.21 -16.43
N MSE C 289 -5.77 4.14 -16.49
CA MSE C 289 -5.44 2.91 -15.78
C MSE C 289 -5.19 1.80 -16.78
O MSE C 289 -5.39 1.99 -17.99
CB MSE C 289 -6.58 2.55 -14.83
CG MSE C 289 -6.87 3.65 -13.80
SE MSE C 289 -8.32 3.20 -12.58
CE MSE C 289 -8.00 1.28 -12.49
N LEU C 290 -4.70 0.67 -16.30
CA LEU C 290 -4.43 -0.48 -17.17
C LEU C 290 -5.75 -1.21 -17.42
N GLN C 291 -6.32 -1.01 -18.59
CA GLN C 291 -7.66 -1.50 -18.87
C GLN C 291 -7.55 -2.88 -19.48
N VAL C 292 -8.18 -3.87 -18.86
CA VAL C 292 -8.10 -5.23 -19.35
C VAL C 292 -9.13 -5.49 -20.44
N ASP C 293 -8.68 -6.18 -21.49
CA ASP C 293 -9.53 -6.65 -22.58
C ASP C 293 -9.71 -8.13 -22.35
N PHE C 294 -10.95 -8.58 -22.17
CA PHE C 294 -11.24 -9.99 -21.91
C PHE C 294 -11.15 -10.73 -23.23
N ALA C 295 -9.94 -11.09 -23.63
CA ALA C 295 -9.70 -11.47 -25.00
C ALA C 295 -10.02 -12.92 -25.35
N ASN C 296 -10.02 -13.18 -26.65
CA ASN C 296 -9.88 -14.50 -27.20
C ASN C 296 -8.40 -14.64 -27.52
N ARG C 297 -7.90 -15.86 -27.58
CA ARG C 297 -6.49 -16.09 -27.87
C ARG C 297 -6.14 -15.57 -29.27
N PHE C 298 -7.09 -15.68 -30.20
CA PHE C 298 -7.04 -14.91 -31.43
C PHE C 298 -7.55 -13.52 -31.06
N VAL C 299 -6.64 -12.60 -30.79
CA VAL C 299 -7.02 -11.29 -30.27
C VAL C 299 -8.02 -10.58 -31.19
N GLY C 300 -8.99 -9.91 -30.56
CA GLY C 300 -10.06 -9.20 -31.25
C GLY C 300 -11.32 -10.03 -31.35
N GLY C 301 -11.20 -11.34 -31.14
CA GLY C 301 -12.35 -12.23 -31.19
C GLY C 301 -13.01 -12.22 -32.56
N GLY C 302 -14.31 -12.00 -32.58
CA GLY C 302 -15.07 -11.93 -33.83
C GLY C 302 -15.41 -10.50 -34.27
N VAL C 303 -14.55 -9.53 -33.93
CA VAL C 303 -14.81 -8.13 -34.29
C VAL C 303 -15.04 -7.93 -35.81
N THR C 304 -14.21 -8.59 -36.62
CA THR C 304 -14.31 -8.48 -38.08
C THR C 304 -15.37 -9.43 -38.67
N GLY C 305 -16.18 -10.08 -37.83
CA GLY C 305 -17.24 -10.99 -38.29
C GLY C 305 -18.42 -11.05 -37.34
N ALA C 306 -18.65 -12.22 -36.73
CA ALA C 306 -19.73 -12.41 -35.76
C ALA C 306 -19.18 -12.40 -34.33
N GLY C 307 -19.60 -11.40 -33.56
CA GLY C 307 -19.13 -11.20 -32.19
C GLY C 307 -19.32 -9.74 -31.80
N LEU C 308 -20.05 -9.49 -30.71
CA LEU C 308 -20.34 -8.12 -30.27
C LEU C 308 -20.39 -8.01 -28.73
N VAL C 309 -19.37 -8.59 -28.11
CA VAL C 309 -19.28 -8.69 -26.66
C VAL C 309 -18.15 -7.74 -26.17
N GLN C 310 -17.70 -7.84 -24.93
CA GLN C 310 -16.78 -6.82 -24.34
C GLN C 310 -15.55 -6.50 -25.22
N GLU C 311 -14.80 -7.53 -25.61
CA GLU C 311 -13.63 -7.36 -26.47
C GLU C 311 -14.00 -6.72 -27.80
N GLU C 312 -15.00 -7.28 -28.50
CA GLU C 312 -15.36 -6.77 -29.83
C GLU C 312 -15.83 -5.32 -29.75
N ILE C 313 -16.60 -5.01 -28.71
CA ILE C 313 -17.06 -3.65 -28.49
C ILE C 313 -15.85 -2.71 -28.30
N ARG C 314 -14.88 -3.15 -27.51
CA ARG C 314 -13.68 -2.37 -27.31
C ARG C 314 -12.94 -2.14 -28.64
N PHE C 315 -12.79 -3.23 -29.41
CA PHE C 315 -12.12 -3.15 -30.70
C PHE C 315 -12.87 -2.27 -31.69
N LEU C 316 -14.18 -2.14 -31.55
CA LEU C 316 -14.94 -1.26 -32.44
C LEU C 316 -14.88 0.20 -32.01
N ILE C 317 -14.93 0.46 -30.71
CA ILE C 317 -14.90 1.85 -30.23
C ILE C 317 -13.48 2.40 -30.22
N ASN C 318 -12.50 1.53 -30.09
CA ASN C 318 -11.09 1.87 -30.25
C ASN C 318 -10.58 1.06 -31.44
N PRO C 319 -10.97 1.45 -32.68
CA PRO C 319 -10.78 0.59 -33.84
C PRO C 319 -9.32 0.34 -34.21
N GLU C 320 -8.41 1.17 -33.73
CA GLU C 320 -6.98 0.98 -34.01
C GLU C 320 -6.47 -0.31 -33.39
N LEU C 321 -7.18 -0.82 -32.39
CA LEU C 321 -6.88 -2.14 -31.84
C LEU C 321 -7.04 -3.23 -32.89
N ILE C 322 -7.95 -3.04 -33.84
CA ILE C 322 -8.20 -4.04 -34.87
C ILE C 322 -6.92 -4.38 -35.66
N VAL C 323 -6.03 -3.41 -35.82
CA VAL C 323 -4.85 -3.65 -36.64
C VAL C 323 -3.94 -4.71 -36.04
N SER C 324 -4.03 -4.92 -34.73
CA SER C 324 -3.23 -5.96 -34.08
C SER C 324 -3.50 -7.34 -34.69
N ARG C 325 -4.70 -7.51 -35.23
CA ARG C 325 -5.04 -8.74 -35.94
C ARG C 325 -4.15 -9.02 -37.16
N LEU C 326 -3.58 -7.96 -37.74
CA LEU C 326 -2.75 -8.10 -38.93
C LEU C 326 -1.47 -8.86 -38.64
N PHE C 327 -0.95 -8.74 -37.41
CA PHE C 327 0.37 -9.26 -37.10
C PHE C 327 0.52 -10.03 -35.77
N THR C 328 -0.56 -10.18 -35.01
CA THR C 328 -0.51 -10.84 -33.71
C THR C 328 -0.95 -12.30 -33.82
N GLU C 329 0.00 -13.22 -33.76
CA GLU C 329 -0.32 -14.65 -33.81
C GLU C 329 -1.13 -15.04 -32.57
N VAL C 330 -1.84 -16.17 -32.63
CA VAL C 330 -2.66 -16.60 -31.48
C VAL C 330 -1.80 -16.62 -30.20
N LEU C 331 -2.41 -16.21 -29.09
CA LEU C 331 -1.73 -16.14 -27.81
C LEU C 331 -1.65 -17.51 -27.12
N ASP C 332 -0.44 -17.94 -26.83
CA ASP C 332 -0.21 -19.11 -25.99
C ASP C 332 -0.50 -18.76 -24.52
N HIS C 333 -0.61 -19.79 -23.68
CA HIS C 333 -0.97 -19.63 -22.27
C HIS C 333 -0.11 -18.62 -21.50
N ASN C 334 1.15 -18.50 -21.88
CA ASN C 334 2.06 -17.59 -21.17
C ASN C 334 2.18 -16.20 -21.80
N GLU C 335 1.20 -15.79 -22.61
CA GLU C 335 1.35 -14.56 -23.40
C GLU C 335 0.18 -13.60 -23.32
N CYS C 336 0.45 -12.36 -23.67
CA CYS C 336 -0.55 -11.31 -23.74
C CYS C 336 -0.10 -10.26 -24.75
N LEU C 337 -1.00 -9.36 -25.10
CA LEU C 337 -0.69 -8.25 -25.97
C LEU C 337 -1.01 -6.98 -25.22
N ILE C 338 -0.02 -6.11 -25.11
CA ILE C 338 -0.19 -4.81 -24.48
C ILE C 338 -0.24 -3.75 -25.56
N ILE C 339 -1.27 -2.90 -25.53
CA ILE C 339 -1.45 -1.85 -26.54
C ILE C 339 -1.58 -0.48 -25.89
N THR C 340 -0.63 0.41 -26.17
CA THR C 340 -0.63 1.76 -25.58
C THR C 340 -0.87 2.83 -26.65
N GLY C 341 -1.84 3.72 -26.40
CA GLY C 341 -2.06 4.88 -27.26
C GLY C 341 -3.29 4.83 -28.16
N THR C 342 -4.09 3.78 -28.05
CA THR C 342 -5.31 3.72 -28.86
C THR C 342 -6.27 4.85 -28.46
N GLU C 343 -7.11 5.27 -29.40
CA GLU C 343 -8.03 6.39 -29.22
C GLU C 343 -9.47 5.93 -29.37
N GLN C 344 -10.36 6.54 -28.59
CA GLN C 344 -11.77 6.20 -28.65
C GLN C 344 -12.46 7.15 -29.61
N TYR C 345 -13.08 6.59 -30.64
CA TYR C 345 -13.77 7.38 -31.67
C TYR C 345 -15.29 7.37 -31.55
N SER C 346 -15.84 6.36 -30.88
CA SER C 346 -17.29 6.20 -30.80
C SER C 346 -17.78 6.01 -29.37
N GLU C 347 -19.05 6.33 -29.13
CA GLU C 347 -19.77 5.93 -27.93
C GLU C 347 -20.94 5.00 -28.32
N TYR C 348 -21.31 4.12 -27.41
CA TYR C 348 -22.28 3.07 -27.70
C TYR C 348 -23.26 2.86 -26.53
N THR C 349 -24.32 2.13 -26.82
CA THR C 349 -25.27 1.73 -25.80
C THR C 349 -25.57 0.25 -25.97
N GLY C 350 -26.18 -0.34 -24.95
CA GLY C 350 -26.56 -1.74 -25.00
C GLY C 350 -25.37 -2.67 -24.95
N TYR C 351 -25.56 -3.87 -25.47
CA TYR C 351 -24.56 -4.93 -25.37
C TYR C 351 -25.01 -6.08 -26.26
N ALA C 352 -24.08 -6.66 -27.02
CA ALA C 352 -24.38 -7.80 -27.89
C ALA C 352 -25.55 -7.51 -28.83
N GLU C 353 -26.64 -8.25 -28.68
CA GLU C 353 -27.84 -8.06 -29.50
C GLU C 353 -28.51 -6.69 -29.30
N THR C 354 -28.23 -6.02 -28.18
CA THR C 354 -28.78 -4.69 -27.91
C THR C 354 -27.81 -3.56 -28.27
N TYR C 355 -26.59 -3.92 -28.71
CA TYR C 355 -25.57 -2.93 -29.03
C TYR C 355 -26.05 -1.94 -30.09
N ARG C 356 -25.93 -0.65 -29.80
CA ARG C 356 -26.15 0.40 -30.79
C ARG C 356 -25.00 1.41 -30.76
N TRP C 357 -24.70 1.96 -31.92
CA TRP C 357 -23.78 3.09 -32.01
C TRP C 357 -24.54 4.34 -31.55
N ALA C 358 -23.92 5.10 -30.64
CA ALA C 358 -24.59 6.24 -29.99
C ALA C 358 -24.12 7.57 -30.57
N ARG C 359 -22.81 7.81 -30.53
CA ARG C 359 -22.25 9.06 -31.05
C ARG C 359 -20.74 9.00 -31.25
N SER C 360 -20.23 10.02 -31.92
CA SER C 360 -18.81 10.29 -32.00
C SER C 360 -18.31 10.65 -30.60
N HIS C 361 -17.13 10.17 -30.25
CA HIS C 361 -16.52 10.50 -28.97
C HIS C 361 -15.25 11.29 -29.20
N GLU C 362 -15.21 12.52 -28.67
CA GLU C 362 -14.01 13.35 -28.72
C GLU C 362 -13.11 12.97 -27.55
N ASP C 363 -12.05 12.20 -27.85
CA ASP C 363 -11.14 11.68 -26.82
C ASP C 363 -10.34 12.85 -26.22
N GLY C 364 -10.40 13.01 -24.91
CA GLY C 364 -9.70 14.10 -24.22
C GLY C 364 -8.45 13.66 -23.46
N SER C 365 -7.94 12.48 -23.80
CA SER C 365 -6.82 11.88 -23.07
C SER C 365 -5.52 12.65 -23.33
N GLU C 366 -4.70 12.79 -22.30
CA GLU C 366 -3.37 13.39 -22.43
C GLU C 366 -2.40 12.43 -23.14
N LYS C 367 -1.44 13.00 -23.87
CA LYS C 367 -0.41 12.21 -24.57
C LYS C 367 0.93 12.22 -23.82
N ASP C 368 1.65 11.11 -23.89
CA ASP C 368 2.96 10.97 -23.24
C ASP C 368 4.10 11.50 -24.13
N ASP C 369 5.35 11.32 -23.68
CA ASP C 369 6.52 11.84 -24.40
C ASP C 369 6.75 11.25 -25.80
N TRP C 370 6.12 10.13 -26.11
CA TRP C 370 6.17 9.55 -27.46
C TRP C 370 4.91 9.86 -28.27
N GLN C 371 4.13 10.83 -27.82
CA GLN C 371 2.87 11.23 -28.49
C GLN C 371 1.85 10.08 -28.57
N ARG C 372 1.90 9.16 -27.61
CA ARG C 372 0.89 8.12 -27.48
C ARG C 372 -0.10 8.58 -26.44
N ARG C 373 -1.40 8.39 -26.71
CA ARG C 373 -2.44 8.78 -25.75
C ARG C 373 -2.31 7.92 -24.50
N CYS C 374 -2.70 8.46 -23.34
CA CYS C 374 -2.51 7.75 -22.06
C CYS C 374 -3.63 6.75 -21.78
N THR C 375 -3.71 5.78 -22.68
CA THR C 375 -4.69 4.71 -22.60
C THR C 375 -3.92 3.43 -22.88
N GLU C 376 -3.87 2.55 -21.90
CA GLU C 376 -3.16 1.27 -22.01
C GLU C 376 -4.17 0.14 -21.88
N ILE C 377 -4.19 -0.77 -22.85
CA ILE C 377 -5.14 -1.88 -22.87
C ILE C 377 -4.36 -3.19 -22.99
N VAL C 378 -4.61 -4.13 -22.11
CA VAL C 378 -3.98 -5.44 -22.18
C VAL C 378 -5.00 -6.52 -22.51
N ALA C 379 -4.71 -7.30 -23.55
CA ALA C 379 -5.55 -8.43 -23.91
C ALA C 379 -4.99 -9.68 -23.25
N ILE C 380 -5.79 -10.25 -22.35
CA ILE C 380 -5.51 -11.54 -21.76
C ILE C 380 -6.77 -12.42 -21.86
N ASP C 381 -6.60 -13.63 -22.42
CA ASP C 381 -7.72 -14.54 -22.61
C ASP C 381 -7.87 -15.50 -21.43
N ALA C 382 -9.03 -15.46 -20.79
CA ALA C 382 -9.40 -16.50 -19.81
C ALA C 382 -9.57 -17.83 -20.55
N LEU C 383 -9.70 -18.91 -19.79
CA LEU C 383 -10.10 -20.19 -20.36
C LEU C 383 -11.60 -20.22 -20.53
N HIS C 384 -12.05 -20.90 -21.58
CA HIS C 384 -13.46 -21.13 -21.87
C HIS C 384 -13.82 -22.43 -21.20
N PHE C 385 -14.55 -22.35 -20.09
CA PHE C 385 -14.93 -23.55 -19.36
C PHE C 385 -16.25 -24.13 -19.87
N ARG C 386 -16.21 -25.38 -20.31
CA ARG C 386 -17.40 -26.10 -20.79
C ARG C 386 -18.17 -26.66 -19.60
N ARG C 387 -17.42 -27.07 -18.57
CA ARG C 387 -17.97 -27.56 -17.32
C ARG C 387 -17.63 -26.54 -16.23
N TYR C 388 -18.62 -26.17 -15.42
CA TYR C 388 -18.48 -25.10 -14.42
C TYR C 388 -17.44 -25.41 -13.34
N LEU C 389 -17.41 -26.66 -12.89
CA LEU C 389 -16.54 -27.08 -11.79
C LEU C 389 -15.06 -27.17 -12.19
N ASP C 390 -14.77 -27.28 -13.47
CA ASP C 390 -13.39 -27.41 -13.98
C ASP C 390 -12.45 -26.28 -13.55
N GLN C 391 -13.00 -25.08 -13.41
CA GLN C 391 -12.19 -23.93 -13.08
C GLN C 391 -11.58 -23.99 -11.68
N PHE C 392 -12.06 -24.89 -10.84
CA PHE C 392 -11.50 -25.04 -9.49
C PHE C 392 -10.33 -26.01 -9.43
N VAL C 393 -10.05 -26.69 -10.55
CA VAL C 393 -8.92 -27.62 -10.62
C VAL C 393 -7.62 -26.80 -10.57
N PRO C 394 -6.71 -27.14 -9.64
CA PRO C 394 -5.50 -26.34 -9.43
C PRO C 394 -4.81 -25.90 -10.71
N GLU C 395 -4.66 -26.82 -11.65
CA GLU C 395 -3.96 -26.51 -12.89
C GLU C 395 -4.63 -25.34 -13.63
N LYS C 396 -5.97 -25.37 -13.67
CA LYS C 396 -6.72 -24.32 -14.32
C LYS C 396 -6.66 -23.02 -13.53
N VAL C 397 -6.69 -23.12 -12.21
CA VAL C 397 -6.49 -21.93 -11.37
C VAL C 397 -5.13 -21.30 -11.65
N ARG C 398 -4.09 -22.13 -11.70
CA ARG C 398 -2.73 -21.64 -11.88
C ARG C 398 -2.53 -21.06 -13.27
N ARG C 399 -3.13 -21.69 -14.28
CA ARG C 399 -3.08 -21.16 -15.65
C ARG C 399 -3.65 -19.73 -15.70
N GLU C 400 -4.79 -19.52 -15.05
CA GLU C 400 -5.42 -18.20 -14.99
C GLU C 400 -4.60 -17.18 -14.19
N LEU C 401 -4.00 -17.62 -13.09
CA LEU C 401 -3.07 -16.78 -12.33
C LEU C 401 -1.90 -16.33 -13.19
N ASN C 402 -1.34 -17.26 -13.95
CA ASN C 402 -0.20 -16.96 -14.81
C ASN C 402 -0.54 -16.00 -15.95
N LYS C 403 -1.69 -16.22 -16.60
CA LYS C 403 -2.10 -15.36 -17.70
C LYS C 403 -2.28 -13.94 -17.22
N ALA C 404 -3.03 -13.78 -16.13
CA ALA C 404 -3.29 -12.47 -15.56
C ALA C 404 -1.99 -11.80 -15.16
N TYR C 405 -1.13 -12.56 -14.49
CA TYR C 405 0.18 -12.07 -14.07
C TYR C 405 0.93 -11.47 -15.25
N CYS C 406 0.95 -12.21 -16.36
CA CYS C 406 1.60 -11.73 -17.57
C CYS C 406 0.90 -10.47 -18.07
N GLY C 407 -0.42 -10.45 -17.95
CA GLY C 407 -1.17 -9.24 -18.28
C GLY C 407 -0.71 -8.04 -17.48
N PHE C 408 -0.41 -8.26 -16.21
CA PHE C 408 -0.17 -7.18 -15.25
C PHE C 408 1.31 -6.82 -15.06
N LEU C 409 2.20 -7.78 -15.23
CA LEU C 409 3.63 -7.58 -14.96
C LEU C 409 4.24 -6.62 -15.99
N ARG C 410 5.00 -5.66 -15.48
CA ARG C 410 5.84 -4.78 -16.30
C ARG C 410 7.25 -4.86 -15.76
N PRO C 411 8.00 -5.89 -16.18
CA PRO C 411 9.29 -6.15 -15.55
C PRO C 411 10.23 -4.96 -15.73
N GLY C 412 10.82 -4.50 -14.62
CA GLY C 412 11.70 -3.35 -14.64
C GLY C 412 11.08 -2.15 -13.93
N VAL C 413 9.80 -1.91 -14.22
CA VAL C 413 9.11 -0.70 -13.77
C VAL C 413 8.82 -0.74 -12.27
N PRO C 414 9.28 0.28 -11.50
CA PRO C 414 8.96 0.40 -10.08
C PRO C 414 7.45 0.42 -9.84
N SER C 415 7.00 -0.25 -8.79
CA SER C 415 5.56 -0.37 -8.50
C SER C 415 4.86 0.98 -8.43
N GLU C 416 5.50 1.95 -7.80
CA GLU C 416 4.95 3.31 -7.65
C GLU C 416 4.72 4.06 -8.98
N ASN C 417 5.27 3.53 -10.07
CA ASN C 417 5.00 4.07 -11.39
C ASN C 417 3.92 3.27 -12.15
N LEU C 418 3.33 2.28 -11.49
CA LEU C 418 2.31 1.43 -12.13
C LEU C 418 0.91 1.92 -11.81
N SER C 419 0.12 2.19 -12.85
CA SER C 419 -1.28 2.58 -12.65
C SER C 419 -2.08 1.40 -12.07
N ALA C 420 -3.22 1.75 -11.46
CA ALA C 420 -4.16 0.74 -11.02
C ALA C 420 -4.57 -0.10 -12.22
N VAL C 421 -4.97 -1.34 -11.96
CA VAL C 421 -5.50 -2.21 -12.99
C VAL C 421 -7.01 -2.03 -12.98
N ALA C 422 -7.60 -1.83 -14.16
CA ALA C 422 -9.04 -1.60 -14.29
C ALA C 422 -9.69 -2.80 -14.99
N THR C 423 -10.26 -3.69 -14.18
CA THR C 423 -10.72 -4.99 -14.67
C THR C 423 -12.15 -5.27 -14.22
N GLY C 424 -12.65 -6.45 -14.53
CA GLY C 424 -14.00 -6.81 -14.15
C GLY C 424 -14.24 -8.30 -14.18
N ASN C 425 -15.41 -8.72 -14.67
CA ASN C 425 -15.79 -10.12 -14.70
C ASN C 425 -15.06 -10.89 -15.79
N TRP C 426 -13.74 -10.87 -15.71
CA TRP C 426 -12.88 -11.51 -16.70
C TRP C 426 -13.26 -12.99 -16.81
N GLY C 427 -13.54 -13.45 -18.03
CA GLY C 427 -13.85 -14.85 -18.28
C GLY C 427 -15.22 -15.36 -17.81
N CYS C 428 -16.04 -14.48 -17.26
CA CYS C 428 -17.28 -14.87 -16.57
C CYS C 428 -18.56 -14.55 -17.35
N GLY C 429 -18.47 -14.46 -18.66
CA GLY C 429 -19.65 -14.32 -19.51
C GLY C 429 -19.66 -15.47 -20.49
N ALA C 430 -19.13 -15.21 -21.69
CA ALA C 430 -19.03 -16.23 -22.75
C ALA C 430 -18.21 -17.45 -22.31
N PHE C 431 -17.29 -17.25 -21.38
CA PHE C 431 -16.30 -18.27 -21.04
C PHE C 431 -16.63 -19.00 -19.73
N GLY C 432 -17.83 -18.76 -19.19
CA GLY C 432 -18.39 -19.58 -18.12
C GLY C 432 -17.64 -19.58 -16.80
N GLY C 433 -16.85 -18.54 -16.55
CA GLY C 433 -16.11 -18.44 -15.30
C GLY C 433 -16.95 -18.02 -14.11
N ASP C 434 -16.37 -18.17 -12.92
CA ASP C 434 -17.00 -17.74 -11.68
C ASP C 434 -16.40 -16.41 -11.21
N ALA C 435 -17.22 -15.36 -11.20
CA ALA C 435 -16.75 -14.02 -10.86
C ALA C 435 -15.97 -13.98 -9.54
N ARG C 436 -16.48 -14.70 -8.55
CA ARG C 436 -15.89 -14.71 -7.21
C ARG C 436 -14.50 -15.38 -7.19
N LEU C 437 -14.39 -16.54 -7.83
CA LEU C 437 -13.07 -17.18 -7.97
C LEU C 437 -12.11 -16.29 -8.75
N LYS C 438 -12.62 -15.69 -9.84
CA LYS C 438 -11.78 -14.97 -10.78
C LYS C 438 -11.36 -13.62 -10.23
N ALA C 439 -12.26 -12.98 -9.49
CA ALA C 439 -11.91 -11.76 -8.77
C ALA C 439 -10.67 -12.04 -7.93
N LEU C 440 -10.73 -13.12 -7.17
CA LEU C 440 -9.66 -13.49 -6.27
C LEU C 440 -8.36 -13.83 -7.03
N ILE C 441 -8.50 -14.48 -8.18
CA ILE C 441 -7.36 -14.80 -9.02
C ILE C 441 -6.63 -13.52 -9.45
N GLN C 442 -7.40 -12.56 -9.96
CA GLN C 442 -6.85 -11.28 -10.39
C GLN C 442 -6.28 -10.45 -9.26
N ILE C 443 -6.86 -10.59 -8.07
CA ILE C 443 -6.34 -9.94 -6.85
C ILE C 443 -5.00 -10.55 -6.46
N LEU C 444 -4.85 -11.87 -6.63
CA LEU C 444 -3.57 -12.53 -6.38
C LEU C 444 -2.54 -12.13 -7.43
N ALA C 445 -2.93 -12.19 -8.71
CA ALA C 445 -2.06 -11.80 -9.81
C ALA C 445 -1.59 -10.35 -9.71
N ALA C 446 -2.48 -9.45 -9.30
CA ALA C 446 -2.18 -8.02 -9.23
C ALA C 446 -1.23 -7.72 -8.07
N ALA C 447 -1.44 -8.39 -6.94
CA ALA C 447 -0.54 -8.28 -5.79
C ALA C 447 0.83 -8.89 -6.11
N ALA C 448 0.86 -9.88 -6.99
CA ALA C 448 2.12 -10.43 -7.48
C ALA C 448 2.86 -9.42 -8.35
N ALA C 449 2.10 -8.62 -9.10
CA ALA C 449 2.63 -7.54 -9.93
C ALA C 449 2.67 -6.20 -9.19
N GLU C 450 2.24 -6.20 -7.93
CA GLU C 450 2.31 -5.02 -7.06
C GLU C 450 1.47 -3.84 -7.57
N ARG C 451 0.27 -4.15 -8.07
CA ARG C 451 -0.64 -3.13 -8.61
C ARG C 451 -1.95 -3.13 -7.84
N ASP C 452 -2.59 -1.97 -7.76
CA ASP C 452 -3.92 -1.87 -7.15
C ASP C 452 -4.95 -2.39 -8.14
N VAL C 453 -6.15 -2.67 -7.64
CA VAL C 453 -7.24 -3.19 -8.47
C VAL C 453 -8.49 -2.33 -8.39
N VAL C 454 -8.99 -1.92 -9.55
CA VAL C 454 -10.29 -1.29 -9.68
C VAL C 454 -11.18 -2.30 -10.38
N TYR C 455 -12.22 -2.77 -9.68
CA TYR C 455 -13.06 -3.84 -10.19
C TYR C 455 -14.45 -3.33 -10.51
N PHE C 456 -14.84 -3.44 -11.77
CA PHE C 456 -16.20 -3.10 -12.23
C PHE C 456 -17.02 -4.39 -12.34
N THR C 457 -18.13 -4.49 -11.62
CA THR C 457 -18.93 -5.73 -11.61
C THR C 457 -20.09 -5.71 -12.61
N PHE C 458 -20.27 -4.58 -13.29
CA PHE C 458 -21.18 -4.45 -14.43
C PHE C 458 -22.64 -4.74 -14.05
N GLY C 459 -23.08 -4.08 -12.98
CA GLY C 459 -24.48 -4.14 -12.52
C GLY C 459 -24.73 -4.95 -11.26
N ASP C 460 -23.84 -5.90 -10.96
CA ASP C 460 -24.03 -6.87 -9.88
C ASP C 460 -23.56 -6.31 -8.52
N SER C 461 -24.52 -5.83 -7.72
CA SER C 461 -24.23 -5.25 -6.41
C SER C 461 -23.84 -6.29 -5.34
N GLU C 462 -24.37 -7.50 -5.45
CA GLU C 462 -24.02 -8.56 -4.50
C GLU C 462 -22.57 -9.01 -4.69
N LEU C 463 -22.12 -9.06 -5.95
CA LEU C 463 -20.75 -9.44 -6.26
C LEU C 463 -19.77 -8.39 -5.72
N MSE C 464 -20.18 -7.13 -5.79
CA MSE C 464 -19.39 -6.01 -5.29
C MSE C 464 -19.15 -6.17 -3.79
O MSE C 464 -18.02 -6.07 -3.32
CB MSE C 464 -20.11 -4.68 -5.57
CG MSE C 464 -19.38 -3.43 -5.09
SE MSE C 464 -20.53 -1.84 -4.99
CE MSE C 464 -21.76 -2.40 -3.56
N ARG C 465 -20.24 -6.42 -3.07
CA ARG C 465 -20.19 -6.58 -1.62
C ARG C 465 -19.37 -7.81 -1.21
N ASP C 466 -19.54 -8.93 -1.93
CA ASP C 466 -18.81 -10.16 -1.65
C ASP C 466 -17.30 -10.01 -1.87
N ILE C 467 -16.90 -9.39 -2.98
CA ILE C 467 -15.49 -9.17 -3.27
C ILE C 467 -14.85 -8.24 -2.22
N TYR C 468 -15.59 -7.19 -1.86
CA TYR C 468 -15.14 -6.25 -0.85
C TYR C 468 -14.93 -6.98 0.46
N SER C 469 -15.96 -7.69 0.92
CA SER C 469 -15.87 -8.44 2.17
C SER C 469 -14.71 -9.42 2.15
N MSE C 470 -14.56 -10.17 1.06
CA MSE C 470 -13.47 -11.12 0.92
C MSE C 470 -12.10 -10.43 0.94
O MSE C 470 -11.19 -10.89 1.62
CB MSE C 470 -13.60 -11.94 -0.36
CG MSE C 470 -12.52 -13.03 -0.51
SE MSE C 470 -12.34 -14.17 1.09
CE MSE C 470 -14.00 -15.19 0.90
N HIS C 471 -11.99 -9.33 0.20
CA HIS C 471 -10.75 -8.57 0.19
C HIS C 471 -10.44 -8.01 1.57
N THR C 472 -11.44 -7.37 2.20
CA THR C 472 -11.26 -6.79 3.54
C THR C 472 -10.87 -7.88 4.54
N PHE C 473 -11.56 -9.02 4.47
CA PHE C 473 -11.28 -10.18 5.32
C PHE C 473 -9.82 -10.63 5.22
N LEU C 474 -9.33 -10.79 4.00
CA LEU C 474 -7.98 -11.30 3.79
C LEU C 474 -6.90 -10.28 4.18
N THR C 475 -7.16 -9.00 3.91
CA THR C 475 -6.23 -7.92 4.25
C THR C 475 -6.17 -7.68 5.76
N GLU C 476 -7.32 -7.79 6.44
CA GLU C 476 -7.37 -7.61 7.90
C GLU C 476 -6.64 -8.73 8.66
N ARG C 477 -6.45 -9.88 8.02
CA ARG C 477 -5.77 -11.02 8.65
C ARG C 477 -4.30 -11.15 8.23
N LYS C 478 -3.79 -10.15 7.52
CA LYS C 478 -2.43 -10.19 6.98
C LYS C 478 -2.15 -11.53 6.29
N LEU C 479 -2.95 -11.82 5.27
CA LEU C 479 -2.77 -13.03 4.47
C LEU C 479 -2.10 -12.68 3.14
N ASP C 480 -0.89 -13.21 2.91
CA ASP C 480 -0.16 -12.97 1.65
C ASP C 480 -0.77 -13.76 0.49
N VAL C 481 -0.14 -13.67 -0.69
CA VAL C 481 -0.62 -14.38 -1.88
C VAL C 481 -0.58 -15.90 -1.69
N GLY C 482 0.50 -16.41 -1.09
CA GLY C 482 0.66 -17.84 -0.86
C GLY C 482 -0.40 -18.46 0.05
N LYS C 483 -0.75 -17.75 1.11
CA LYS C 483 -1.75 -18.25 2.06
C LYS C 483 -3.14 -18.36 1.39
N VAL C 484 -3.41 -17.46 0.46
CA VAL C 484 -4.70 -17.44 -0.24
C VAL C 484 -4.73 -18.53 -1.32
N TYR C 485 -3.60 -18.75 -1.97
CA TYR C 485 -3.48 -19.80 -2.98
C TYR C 485 -3.76 -21.17 -2.40
N LYS C 486 -3.16 -21.46 -1.25
CA LYS C 486 -3.31 -22.76 -0.60
C LYS C 486 -4.75 -23.03 -0.20
N LEU C 487 -5.48 -21.97 0.16
CA LEU C 487 -6.91 -22.08 0.47
C LEU C 487 -7.72 -22.47 -0.77
N LEU C 488 -7.36 -21.91 -1.93
CA LEU C 488 -7.98 -22.30 -3.20
C LEU C 488 -7.72 -23.78 -3.50
N LEU C 489 -6.51 -24.25 -3.23
CA LEU C 489 -6.19 -25.68 -3.41
C LEU C 489 -6.99 -26.50 -2.42
N ARG C 490 -7.03 -26.05 -1.17
CA ARG C 490 -7.80 -26.73 -0.15
C ARG C 490 -9.24 -26.88 -0.60
N TYR C 491 -9.81 -25.81 -1.17
CA TYR C 491 -11.20 -25.85 -1.61
C TYR C 491 -11.43 -26.98 -2.59
N TYR C 492 -10.57 -27.08 -3.60
CA TYR C 492 -10.67 -28.15 -4.58
C TYR C 492 -10.60 -29.55 -3.96
N ASN C 493 -9.58 -29.78 -3.14
CA ASN C 493 -9.32 -31.10 -2.57
C ASN C 493 -10.41 -31.57 -1.62
N GLU C 494 -10.81 -30.69 -0.71
CA GLU C 494 -11.74 -31.05 0.34
C GLU C 494 -13.20 -30.96 -0.09
N GLU C 495 -13.51 -30.16 -1.11
CA GLU C 495 -14.91 -29.90 -1.46
C GLU C 495 -15.30 -30.10 -2.92
N CYS C 496 -14.35 -30.02 -3.86
CA CYS C 496 -14.68 -30.14 -5.29
C CYS C 496 -14.39 -31.50 -5.90
N ARG C 497 -13.29 -32.12 -5.52
CA ARG C 497 -12.99 -33.48 -6.02
C ARG C 497 -13.78 -34.49 -5.22
N ASN C 498 -14.20 -35.57 -5.88
CA ASN C 498 -15.11 -36.55 -5.28
C ASN C 498 -16.47 -35.94 -4.94
N CYS C 499 -16.93 -35.04 -5.82
CA CYS C 499 -18.19 -34.34 -5.64
C CYS C 499 -19.26 -34.98 -6.53
N SER C 500 -20.36 -35.42 -5.94
CA SER C 500 -21.39 -36.18 -6.65
C SER C 500 -22.50 -35.28 -7.20
N THR C 501 -22.10 -34.28 -7.99
CA THR C 501 -22.99 -33.21 -8.45
C THR C 501 -22.12 -32.17 -9.17
N PRO C 502 -22.68 -31.41 -10.12
CA PRO C 502 -21.96 -30.31 -10.77
C PRO C 502 -21.35 -29.26 -9.83
N GLY C 503 -21.83 -29.17 -8.59
CA GLY C 503 -21.28 -28.27 -7.56
C GLY C 503 -21.23 -28.87 -6.16
N PRO C 504 -20.33 -28.36 -5.30
CA PRO C 504 -20.19 -28.84 -3.93
C PRO C 504 -21.28 -28.41 -2.95
N ASP C 505 -21.09 -28.78 -1.68
CA ASP C 505 -22.02 -28.45 -0.60
C ASP C 505 -21.73 -27.08 0.02
N ILE C 506 -20.69 -26.40 -0.44
CA ILE C 506 -20.35 -25.08 0.06
C ILE C 506 -19.57 -24.29 -1.00
N LYS C 507 -19.87 -23.00 -1.12
CA LYS C 507 -19.24 -22.13 -2.11
C LYS C 507 -17.84 -21.72 -1.66
N LEU C 508 -17.04 -21.22 -2.59
CA LEU C 508 -15.65 -20.85 -2.32
C LEU C 508 -15.50 -19.83 -1.19
N TYR C 509 -16.27 -18.75 -1.25
CA TYR C 509 -16.12 -17.67 -0.26
C TYR C 509 -16.47 -18.10 1.17
N PRO C 510 -17.64 -18.72 1.37
CA PRO C 510 -17.97 -19.28 2.68
C PRO C 510 -16.90 -20.25 3.22
N PHE C 511 -16.32 -21.06 2.34
CA PHE C 511 -15.32 -22.05 2.73
C PHE C 511 -14.08 -21.37 3.28
N ILE C 512 -13.66 -20.28 2.63
CA ILE C 512 -12.48 -19.55 3.03
C ILE C 512 -12.69 -18.86 4.37
N TYR C 513 -13.88 -18.30 4.58
CA TYR C 513 -14.25 -17.72 5.88
C TYR C 513 -14.18 -18.76 7.00
N HIS C 514 -14.58 -19.99 6.71
CA HIS C 514 -14.58 -21.06 7.71
C HIS C 514 -13.19 -21.67 7.90
N ALA C 515 -12.46 -21.83 6.80
CA ALA C 515 -11.11 -22.41 6.85
C ALA C 515 -10.11 -21.50 7.57
N VAL C 516 -10.37 -20.19 7.56
CA VAL C 516 -9.47 -19.22 8.20
C VAL C 516 -9.79 -19.07 9.68
N GLU C 517 -11.07 -18.97 10.01
CA GLU C 517 -11.50 -18.81 11.40
C GLU C 517 -11.31 -20.09 12.25
N SER C 518 -11.29 -21.25 11.59
CA SER C 518 -11.02 -22.52 12.26
C SER C 518 -9.52 -22.72 12.53
N SER C 519 -8.67 -22.02 11.78
CA SER C 519 -7.23 -22.12 11.95
C SER C 519 -6.80 -21.49 13.29
N1 A1R D . -8.57 18.37 6.89
C2 A1R D . -8.88 18.77 5.65
N3 A1R D . -9.52 17.95 4.80
C4 A1R D . -9.85 16.69 5.18
C5 A1R D . -9.55 16.25 6.45
C6 A1R D . -8.88 17.12 7.32
N6 A1R D . -8.55 16.74 8.57
N7 A1R D . -9.98 14.99 6.55
C8 A1R D . -10.57 14.67 5.37
N9 A1R D . -10.48 15.70 4.53
C1' A1R D . -10.96 15.80 3.13
C2' A1R D . -10.83 14.52 2.33
O2' A1R D . -10.36 14.88 1.04
C3' A1R D . -12.22 13.93 2.24
O3' A1R D . -12.45 13.21 1.04
O4' A1R D . -12.37 16.12 3.09
C4' A1R D . -13.08 15.19 2.26
C5' A1R D . -14.49 14.99 2.76
O5' A1R D . -14.50 14.16 3.91
PA A1R D . -15.84 13.36 4.29
O1A A1R D . -15.61 13.02 5.73
O2A A1R D . -16.16 12.32 3.25
O3A A1R D . -16.92 14.57 4.15
PB A1R D . -18.39 14.44 3.50
O1B A1R D . -18.33 14.00 2.05
O2B A1R D . -19.09 15.71 3.86
O5N A1R D . -19.06 13.23 4.31
C5N A1R D . -20.14 13.49 5.20
N4N A1R D . -19.18 11.63 6.45
C1N A1R D . -19.04 11.56 7.88
O2N A1R D . -20.84 11.75 9.53
C2N A1R D . -20.24 12.36 8.38
O3N A1R D . -22.28 11.52 7.36
C3N A1R D . -21.22 12.47 7.24
C4N A1R D . -20.41 12.22 5.98
I IOD E . -41.00 0.61 36.74
I IOD F . -14.99 1.50 13.42
N1 A1R G . 36.72 -13.98 3.38
C2 A1R G . 36.40 -13.44 2.20
N3 A1R G . 35.60 -14.08 1.33
C4 A1R G . 35.10 -15.31 1.62
C5 A1R G . 35.41 -15.88 2.83
C6 A1R G . 36.24 -15.21 3.71
N6 A1R G . 36.54 -15.79 4.89
N7 A1R G . 34.80 -17.08 2.91
C8 A1R G . 34.12 -17.24 1.76
N9 A1R G . 34.30 -16.17 0.97
C1' A1R G . 33.67 -15.97 -0.37
C2' A1R G . 34.07 -17.02 -1.39
O2' A1R G . 34.21 -16.44 -2.69
C3' A1R G . 32.93 -18.03 -1.40
O3' A1R G . 32.61 -18.49 -2.71
O4' A1R G . 32.24 -16.09 -0.20
C4' A1R G . 31.75 -17.28 -0.82
C5' A1R G . 31.05 -18.22 0.15
O5' A1R G . 30.17 -17.54 1.03
PA A1R G . 28.65 -18.04 1.17
O1A A1R G . 28.39 -18.31 2.64
O2A A1R G . 28.32 -19.12 0.17
O3A A1R G . 27.94 -16.67 0.74
PB A1R G . 26.37 -16.67 0.39
O1B A1R G . 26.15 -17.42 -0.91
O2B A1R G . 25.90 -15.25 0.57
O5N A1R G . 25.78 -17.55 1.60
C5N A1R G . 24.48 -18.09 1.56
N4N A1R G . 25.63 -19.38 3.26
C1N A1R G . 25.84 -18.91 4.61
O2N A1R G . 24.06 -19.06 6.23
C2N A1R G . 24.47 -18.40 5.03
O3N A1R G . 22.53 -19.66 4.21
C3N A1R G . 23.50 -18.65 3.87
C4N A1R G . 24.34 -19.12 2.69
I IOD H . 29.08 -30.14 9.87
N1 A1R I . -16.71 -3.12 -18.46
C2 A1R I . -16.70 -3.97 -17.40
N3 A1R I . -17.32 -5.17 -17.47
C4 A1R I . -17.93 -5.58 -18.60
C5 A1R I . -17.97 -4.74 -19.70
C6 A1R I . -17.33 -3.50 -19.61
N6 A1R I . -17.35 -2.66 -20.67
N7 A1R I . -18.65 -5.38 -20.67
C8 A1R I . -19.05 -6.58 -20.18
N9 A1R I . -18.61 -6.69 -18.92
C1' A1R I . -18.79 -7.83 -17.98
C2' A1R I . -20.09 -8.58 -18.15
O2' A1R I . -20.57 -8.93 -16.85
C3' A1R I . -19.72 -9.82 -18.95
O3' A1R I . -20.58 -10.93 -18.69
O4' A1R I . -17.76 -8.80 -18.19
C4' A1R I . -18.33 -10.09 -18.45
C5' A1R I . -17.45 -10.87 -19.43
O5' A1R I . -17.57 -10.31 -20.73
PA A1R I . -17.29 -11.33 -21.93
O1A A1R I . -17.07 -10.50 -23.15
O2A A1R I . -18.36 -12.39 -21.96
O3A A1R I . -15.91 -11.94 -21.37
PB A1R I . -15.50 -13.48 -21.42
O1B A1R I . -16.53 -14.37 -20.78
O2B A1R I . -14.08 -13.54 -20.95
O5N A1R I . -15.55 -13.72 -23.01
C5N A1R I . -14.41 -14.12 -23.77
N4N A1R I . -15.80 -13.36 -25.65
C1N A1R I . -15.26 -12.38 -26.57
O2N A1R I . -13.25 -12.56 -27.96
C2N A1R I . -13.78 -12.76 -26.65
O3N A1R I . -13.88 -15.09 -27.31
C3N A1R I . -13.71 -14.21 -26.19
C4N A1R I . -14.85 -14.35 -25.21
I IOD J . -22.69 -9.25 -35.22
I IOD K . 0.58 -15.60 -60.84
#